data_6XJB
#
_entry.id   6XJB
#
_cell.length_a   1.00
_cell.length_b   1.00
_cell.length_c   1.00
_cell.angle_alpha   90.00
_cell.angle_beta   90.00
_cell.angle_gamma   90.00
#
_symmetry.space_group_name_H-M   'P 1'
#
_entity_poly.entity_id   1
_entity_poly.type   'polypeptide(L)'
_entity_poly.pdbx_seq_one_letter_code
;TEPEKKLELRNVSDIELYSQTNGTYRQHVSLDGIPENTDTYFVKVKSSAFKDVYIPVASITEEKRNGQSVYKITAKAEKL
QQELENKYVDNFTFYLDKKAKEENTNFTSFSNLVKAINQNPSGTYHLAASLNANEVELGPDERSYIKDTFTGRLIGEKDG
KNYAIYNLKKPLFENLSGATVEKLSLKNVAISGKNDIGSLANEATNGTKIKQVHVDGVLAGERGVGGLLAKADQSSIAES
SFKGRIVNTYETTDAYNIGGLVGHLTGKNASIAKSKATVTISSNTNRSDQTVGGLAGLVDQDAHIQNSYAEGDINNVKHF
GKVAGVAGYLWDRTSGEEKHAGELTNVLSDVNVTNGNAITGYHYTGMKVANTFSSKANRVFNVTLEKDEVVSKESFEERG
TMLDASQIVSKKAEINPLTLPTVEPLSTSGKKDSDFSKIAHYQANRALVYKNIEKLLPFYNKSTIVKYGNLVKENSLLYQ
KELLSAVMMKDDQVITDIVSNKQTANKLLLHYNDHSSEKFDLKYQTDFANLAEYNLGNTGLLYTPNQFLYDRDSIVKEVL
PELQKLDYQSDAIRKTLGISPEVKLTELYLEDQFSKTKQNLGDSLKKLLSADAGLAADNSVTRGYLVDKIKNNKEALLLG
LTYLERWYNFNYGQVNVKDLVMYHPDFFGKGNTSPLDTLIELGKSGFNNLLAKNNVDTYGISLASQHGATDLFSTLEHYR
KVFLPNTSNNDWFKSETKAYIVEEKSTIEEVKTKQGLAGTKYSIGVYDRITSATWKYRNMVLPLLTLPERSVFVISTMSS
LGFGAYDRYRSSDHKAGKALNDFVEENARETAKRQRDHYDYWYRILDEQSREKLYRTILLYDAYKFGDDTTSGKATAEAK
FDSSNPAMKNFFGPVGNKVVHNQHGAYATGDGVYYMSYRMLDKDGAITYTHEMTHDSDQDIYLGGYGRRNGLGPEFFAKG
LLQAPDQPSDATITINSILKHSKSDSTEGSRLQVLDPTERFQNAADLQNYVHNMFDLIYMMEYLEGQSIVNKLSVYQKMA
ALRKIENKYVKDPADGNEVYATNVVKELTEAEARNLNSFESLIDHNILSAREYQSGDYERNGYYTIKLFAPIYSALSSEK
GTPGDLMGRRIAYELLAAKGFKDGMVPYISNQYEEDAKQQGQTINLYGKERGLVTDELVLKKVFDGKYKTWAEFKTAMYQ
ERVDQFGNLKQVTFKDPTKPWPSYGTKTINNVDELQALMDQAVLKDAEGPRWSNYDPEIDSAVHKLKRAIFKAYLDQTND
FRSSI
;
_entity_poly.pdbx_strand_id   A
#
# COMPACT_ATOMS: atom_id res chain seq x y z
N THR A 1 -45.01 43.71 15.76
CA THR A 1 -44.96 43.76 14.29
C THR A 1 -44.35 42.48 13.73
N GLU A 2 -45.03 41.36 13.95
CA GLU A 2 -44.53 40.09 13.44
C GLU A 2 -44.63 40.06 11.92
N PRO A 3 -43.56 39.70 11.22
CA PRO A 3 -43.59 39.72 9.75
C PRO A 3 -44.19 38.45 9.17
N GLU A 4 -44.54 38.53 7.90
CA GLU A 4 -45.07 37.40 7.16
C GLU A 4 -43.94 36.46 6.74
N LYS A 5 -44.31 35.23 6.43
CA LYS A 5 -43.35 34.19 6.05
C LYS A 5 -43.50 33.90 4.55
N LYS A 6 -42.42 34.07 3.81
CA LYS A 6 -42.39 33.79 2.38
C LYS A 6 -41.11 33.03 2.06
N LEU A 7 -41.00 32.59 0.81
CA LEU A 7 -39.78 31.95 0.33
C LEU A 7 -38.81 33.03 -0.16
N GLU A 8 -37.55 32.93 0.26
CA GLU A 8 -36.56 33.94 -0.07
C GLU A 8 -35.23 33.28 -0.40
N LEU A 9 -34.62 33.73 -1.49
CA LEU A 9 -33.29 33.29 -1.88
C LEU A 9 -32.27 34.29 -1.36
N ARG A 10 -31.40 33.85 -0.46
CA ARG A 10 -30.47 34.74 0.22
C ARG A 10 -29.09 34.75 -0.43
N ASN A 11 -28.27 33.74 -0.17
CA ASN A 11 -26.89 33.71 -0.65
C ASN A 11 -26.86 33.32 -2.13
N VAL A 12 -27.51 34.15 -2.94
CA VAL A 12 -27.55 33.95 -4.39
C VAL A 12 -26.15 34.20 -4.93
N SER A 13 -25.38 33.13 -5.13
CA SER A 13 -24.02 33.29 -5.64
C SER A 13 -24.03 33.72 -7.10
N ASP A 14 -24.69 32.97 -7.96
CA ASP A 14 -24.78 33.33 -9.37
C ASP A 14 -26.09 32.81 -9.95
N ILE A 15 -26.42 33.33 -11.13
CA ILE A 15 -27.68 33.02 -11.80
C ILE A 15 -27.39 32.64 -13.24
N GLU A 16 -28.12 31.64 -13.75
CA GLU A 16 -27.96 31.18 -15.12
C GLU A 16 -29.32 31.06 -15.78
N LEU A 17 -29.33 31.15 -17.10
CA LEU A 17 -30.56 31.09 -17.89
C LEU A 17 -30.45 29.95 -18.89
N TYR A 18 -31.41 29.04 -18.85
CA TYR A 18 -31.47 27.90 -19.76
C TYR A 18 -32.73 27.99 -20.60
N SER A 19 -32.77 27.21 -21.67
CA SER A 19 -33.88 27.24 -22.62
C SER A 19 -34.27 25.83 -23.02
N GLN A 20 -35.41 25.73 -23.70
CA GLN A 20 -35.90 24.48 -24.27
C GLN A 20 -36.40 24.69 -25.70
N THR A 21 -35.62 25.41 -26.51
CA THR A 21 -36.09 25.75 -27.86
C THR A 21 -36.08 24.54 -28.78
N ASN A 22 -34.92 23.89 -28.93
CA ASN A 22 -34.77 22.77 -29.84
C ASN A 22 -34.92 21.42 -29.14
N GLY A 23 -35.66 21.36 -28.05
CA GLY A 23 -35.80 20.13 -27.30
C GLY A 23 -34.59 19.74 -26.48
N THR A 24 -33.50 20.50 -26.56
CA THR A 24 -32.29 20.24 -25.80
C THR A 24 -31.91 21.49 -25.03
N TYR A 25 -31.62 21.33 -23.74
CA TYR A 25 -31.34 22.47 -22.88
C TYR A 25 -29.91 22.94 -23.07
N ARG A 26 -29.72 24.26 -23.05
CA ARG A 26 -28.42 24.86 -23.25
C ARG A 26 -28.35 26.15 -22.44
N GLN A 27 -27.14 26.71 -22.37
CA GLN A 27 -26.86 27.88 -21.53
C GLN A 27 -26.95 29.14 -22.39
N HIS A 28 -28.00 29.94 -22.17
CA HIS A 28 -28.14 31.24 -22.80
C HIS A 28 -27.50 32.30 -21.89
N VAL A 29 -26.18 32.22 -21.78
CA VAL A 29 -25.46 33.05 -20.83
C VAL A 29 -25.46 34.51 -21.28
N SER A 30 -25.28 34.75 -22.58
CA SER A 30 -25.20 36.11 -23.10
C SER A 30 -25.91 36.17 -24.44
N LEU A 31 -26.15 37.41 -24.89
CA LEU A 31 -26.78 37.70 -26.18
C LEU A 31 -28.15 37.01 -26.30
N ASP A 32 -29.05 37.39 -25.40
CA ASP A 32 -30.43 36.93 -25.53
C ASP A 32 -31.15 37.62 -26.67
N GLY A 33 -30.62 38.75 -27.14
CA GLY A 33 -31.24 39.46 -28.24
C GLY A 33 -32.52 40.16 -27.83
N ILE A 34 -33.45 40.19 -28.78
CA ILE A 34 -34.78 40.74 -28.54
C ILE A 34 -35.46 39.84 -27.51
N PRO A 35 -36.31 40.38 -26.64
CA PRO A 35 -37.07 39.51 -25.74
C PRO A 35 -37.81 38.42 -26.50
N GLU A 36 -37.70 37.20 -26.01
CA GLU A 36 -38.22 36.04 -26.74
C GLU A 36 -39.75 36.06 -26.75
N ASN A 37 -40.32 35.50 -27.80
CA ASN A 37 -41.77 35.48 -27.94
C ASN A 37 -42.42 34.53 -26.95
N THR A 38 -41.88 33.32 -26.82
CA THR A 38 -42.40 32.32 -25.90
C THR A 38 -41.48 32.19 -24.69
N ASP A 39 -42.07 31.95 -23.53
CA ASP A 39 -41.34 31.89 -22.27
C ASP A 39 -41.29 30.45 -21.77
N THR A 40 -40.43 29.66 -22.41
CA THR A 40 -40.12 28.30 -21.95
C THR A 40 -38.80 28.23 -21.20
N TYR A 41 -38.15 29.36 -20.98
CA TYR A 41 -36.89 29.38 -20.24
C TYR A 41 -37.15 29.08 -18.77
N PHE A 42 -36.09 28.65 -18.07
CA PHE A 42 -36.15 28.46 -16.63
C PHE A 42 -34.83 28.91 -16.02
N VAL A 43 -34.91 29.74 -14.98
CA VAL A 43 -33.75 30.33 -14.33
C VAL A 43 -33.20 29.36 -13.30
N LYS A 44 -31.90 29.16 -13.32
CA LYS A 44 -31.20 28.29 -12.38
C LYS A 44 -30.30 29.14 -11.51
N VAL A 45 -30.66 29.28 -10.23
CA VAL A 45 -29.90 30.09 -9.29
C VAL A 45 -29.01 29.17 -8.45
N LYS A 46 -27.70 29.34 -8.57
CA LYS A 46 -26.75 28.56 -7.80
C LYS A 46 -26.27 29.39 -6.61
N SER A 47 -26.37 28.82 -5.42
CA SER A 47 -26.06 29.50 -4.18
C SER A 47 -24.81 28.91 -3.55
N SER A 48 -24.05 29.75 -2.87
CA SER A 48 -22.86 29.26 -2.16
C SER A 48 -23.26 28.61 -0.84
N ALA A 49 -24.40 29.00 -0.28
CA ALA A 49 -24.83 28.43 0.99
C ALA A 49 -25.50 27.08 0.81
N PHE A 50 -26.55 27.02 -0.01
CA PHE A 50 -27.28 25.78 -0.24
C PHE A 50 -27.26 25.46 -1.73
N LYS A 51 -27.97 24.39 -2.09
CA LYS A 51 -27.96 23.91 -3.46
C LYS A 51 -28.73 24.85 -4.38
N ASP A 52 -28.62 24.57 -5.68
CA ASP A 52 -29.25 25.40 -6.69
C ASP A 52 -30.77 25.21 -6.69
N VAL A 53 -31.47 26.19 -7.26
CA VAL A 53 -32.92 26.16 -7.37
C VAL A 53 -33.31 26.49 -8.80
N TYR A 54 -34.24 25.72 -9.37
CA TYR A 54 -34.73 25.91 -10.72
C TYR A 54 -36.13 26.49 -10.64
N ILE A 55 -36.30 27.71 -11.12
CA ILE A 55 -37.58 28.42 -11.05
C ILE A 55 -37.96 28.89 -12.45
N PRO A 56 -39.22 28.74 -12.86
CA PRO A 56 -39.58 29.08 -14.25
C PRO A 56 -39.69 30.59 -14.42
N VAL A 57 -39.31 31.06 -15.62
CA VAL A 57 -39.33 32.48 -15.91
C VAL A 57 -40.76 32.95 -16.10
N ALA A 58 -40.99 34.25 -15.89
CA ALA A 58 -42.30 34.86 -16.07
C ALA A 58 -42.30 35.94 -17.14
N SER A 59 -41.34 36.87 -17.08
CA SER A 59 -41.32 38.00 -18.00
C SER A 59 -39.90 38.37 -18.34
N ILE A 60 -39.58 38.37 -19.64
CA ILE A 60 -38.27 38.79 -20.14
C ILE A 60 -38.47 40.09 -20.91
N THR A 61 -37.93 41.18 -20.40
CA THR A 61 -38.10 42.48 -21.03
C THR A 61 -36.76 43.19 -21.10
N GLU A 62 -36.74 44.32 -21.81
CA GLU A 62 -35.54 45.13 -21.96
C GLU A 62 -35.69 46.41 -21.15
N GLU A 63 -34.69 46.70 -20.34
CA GLU A 63 -34.66 47.91 -19.53
C GLU A 63 -33.28 48.55 -19.64
N LYS A 64 -33.26 49.87 -19.71
CA LYS A 64 -32.02 50.63 -19.84
C LYS A 64 -31.39 50.79 -18.46
N ARG A 65 -30.33 50.03 -18.20
CA ARG A 65 -29.62 50.19 -16.94
C ARG A 65 -28.89 51.52 -16.89
N ASN A 66 -28.13 51.84 -17.95
CA ASN A 66 -27.46 53.12 -18.11
C ASN A 66 -27.46 53.43 -19.62
N GLY A 67 -28.62 53.28 -20.22
CA GLY A 67 -28.74 53.45 -21.67
C GLY A 67 -28.16 52.30 -22.45
N GLN A 68 -28.28 51.08 -21.92
CA GLN A 68 -27.73 49.90 -22.57
C GLN A 68 -28.77 48.79 -22.59
N SER A 69 -28.55 47.81 -23.47
CA SER A 69 -29.48 46.70 -23.67
C SER A 69 -29.21 45.60 -22.64
N VAL A 70 -29.56 45.90 -21.39
CA VAL A 70 -29.43 44.97 -20.29
C VAL A 70 -30.81 44.41 -19.99
N TYR A 71 -31.03 43.14 -20.34
CA TYR A 71 -32.35 42.54 -20.21
C TYR A 71 -32.68 42.27 -18.75
N LYS A 72 -33.89 42.67 -18.35
CA LYS A 72 -34.41 42.37 -17.03
C LYS A 72 -35.37 41.20 -17.15
N ILE A 73 -35.13 40.15 -16.36
CA ILE A 73 -35.93 38.93 -16.40
C ILE A 73 -36.46 38.67 -15.00
N THR A 74 -37.78 38.45 -14.93
CA THR A 74 -38.49 38.20 -13.69
C THR A 74 -39.03 36.78 -13.72
N ALA A 75 -38.73 36.01 -12.68
CA ALA A 75 -39.14 34.62 -12.56
C ALA A 75 -40.44 34.52 -11.77
N LYS A 76 -41.18 33.44 -12.02
CA LYS A 76 -42.46 33.19 -11.36
C LYS A 76 -42.31 32.04 -10.38
N ALA A 77 -42.72 32.26 -9.14
CA ALA A 77 -42.75 31.23 -8.12
C ALA A 77 -43.97 31.47 -7.24
N GLU A 78 -44.13 30.59 -6.24
CA GLU A 78 -45.29 30.71 -5.36
C GLU A 78 -45.23 31.99 -4.54
N LYS A 79 -44.36 32.03 -3.53
CA LYS A 79 -44.21 33.19 -2.66
C LYS A 79 -42.72 33.52 -2.57
N LEU A 80 -42.12 33.88 -3.70
CA LEU A 80 -40.70 34.19 -3.78
C LEU A 80 -40.49 35.68 -3.55
N GLN A 81 -39.85 36.02 -2.44
CA GLN A 81 -39.54 37.40 -2.10
C GLN A 81 -38.05 37.65 -2.28
N GLN A 82 -37.70 38.68 -3.03
CA GLN A 82 -36.32 39.04 -3.28
C GLN A 82 -36.04 40.43 -2.73
N GLU A 83 -34.97 40.54 -1.93
CA GLU A 83 -34.59 41.80 -1.31
C GLU A 83 -33.73 42.59 -2.30
N LEU A 84 -34.37 43.50 -3.04
CA LEU A 84 -33.69 44.30 -4.05
C LEU A 84 -33.60 45.74 -3.56
N GLU A 85 -32.36 46.24 -3.45
CA GLU A 85 -32.11 47.62 -3.02
C GLU A 85 -32.72 47.91 -1.65
N ASN A 86 -32.45 47.02 -0.69
CA ASN A 86 -32.88 47.14 0.70
C ASN A 86 -34.39 47.14 0.86
N LYS A 87 -35.14 46.81 -0.20
CA LYS A 87 -36.58 46.67 -0.12
C LYS A 87 -36.99 45.34 -0.74
N TYR A 88 -38.17 44.86 -0.34
CA TYR A 88 -38.62 43.51 -0.71
C TYR A 88 -39.57 43.59 -1.89
N VAL A 89 -39.29 42.80 -2.92
CA VAL A 89 -40.15 42.67 -4.09
C VAL A 89 -40.73 41.26 -4.11
N ASP A 90 -41.96 41.14 -4.60
CA ASP A 90 -42.69 39.88 -4.58
C ASP A 90 -42.30 38.93 -5.70
N ASN A 91 -41.26 39.25 -6.47
CA ASN A 91 -40.81 38.37 -7.54
C ASN A 91 -39.30 38.50 -7.70
N PHE A 92 -38.66 37.41 -8.11
CA PHE A 92 -37.22 37.42 -8.30
C PHE A 92 -36.88 38.03 -9.66
N THR A 93 -36.36 39.24 -9.65
CA THR A 93 -36.05 39.99 -10.86
C THR A 93 -34.55 40.25 -10.91
N PHE A 94 -33.91 39.85 -12.00
CA PHE A 94 -32.48 40.07 -12.14
C PHE A 94 -32.13 40.51 -13.56
N TYR A 95 -30.99 41.17 -13.69
CA TYR A 95 -30.52 41.75 -14.93
C TYR A 95 -29.42 40.86 -15.52
N LEU A 96 -29.39 40.75 -16.84
CA LEU A 96 -28.40 39.96 -17.55
C LEU A 96 -27.54 40.88 -18.41
N ASP A 97 -26.23 40.75 -18.28
CA ASP A 97 -25.32 41.59 -19.05
C ASP A 97 -25.32 41.19 -20.51
N LYS A 98 -24.87 42.10 -21.38
CA LYS A 98 -24.89 41.84 -22.82
C LYS A 98 -23.79 40.84 -23.20
N LYS A 99 -22.53 41.19 -22.95
CA LYS A 99 -21.40 40.37 -23.35
C LYS A 99 -20.14 40.94 -22.72
N ALA A 100 -19.10 40.11 -22.65
CA ALA A 100 -17.79 40.52 -22.17
C ALA A 100 -16.77 40.20 -23.25
N LYS A 101 -16.07 41.23 -23.74
CA LYS A 101 -15.12 41.08 -24.83
C LYS A 101 -13.80 40.52 -24.31
N GLU A 102 -13.83 39.24 -23.94
CA GLU A 102 -12.64 38.52 -23.51
C GLU A 102 -12.27 37.39 -24.46
N GLU A 103 -13.06 37.16 -25.50
CA GLU A 103 -12.81 36.08 -26.45
C GLU A 103 -11.81 36.46 -27.53
N ASN A 104 -11.34 37.70 -27.56
CA ASN A 104 -10.34 38.09 -28.55
C ASN A 104 -9.03 37.36 -28.32
N THR A 105 -8.77 36.94 -27.07
CA THR A 105 -7.58 36.18 -26.72
C THR A 105 -7.96 35.10 -25.72
N ASN A 106 -6.96 34.32 -25.31
CA ASN A 106 -7.16 33.19 -24.41
C ASN A 106 -6.70 33.46 -22.99
N PHE A 107 -6.73 34.73 -22.55
CA PHE A 107 -6.18 35.07 -21.24
C PHE A 107 -7.05 34.55 -20.11
N THR A 108 -8.36 34.84 -20.15
CA THR A 108 -9.19 34.67 -18.97
C THR A 108 -9.52 33.20 -18.71
N SER A 109 -10.42 32.62 -19.48
CA SER A 109 -11.03 31.34 -19.14
C SER A 109 -10.62 30.27 -20.12
N PHE A 110 -10.71 29.02 -19.67
CA PHE A 110 -10.36 27.87 -20.51
C PHE A 110 -11.38 27.67 -21.63
N SER A 111 -12.66 27.91 -21.33
CA SER A 111 -13.69 27.83 -22.37
C SER A 111 -13.39 28.79 -23.51
N ASN A 112 -12.88 29.97 -23.19
CA ASN A 112 -12.46 30.90 -24.24
C ASN A 112 -11.09 30.53 -24.78
N LEU A 113 -10.27 29.83 -23.99
CA LEU A 113 -8.92 29.48 -24.42
C LEU A 113 -8.96 28.46 -25.55
N VAL A 114 -9.76 27.41 -25.39
CA VAL A 114 -9.85 26.38 -26.43
C VAL A 114 -10.41 26.97 -27.72
N LYS A 115 -11.25 28.00 -27.61
CA LYS A 115 -11.76 28.66 -28.81
C LYS A 115 -10.70 29.55 -29.45
N ALA A 116 -9.94 30.28 -28.63
CA ALA A 116 -8.98 31.24 -29.18
C ALA A 116 -7.80 30.53 -29.83
N ILE A 117 -7.32 29.45 -29.21
CA ILE A 117 -6.17 28.75 -29.76
C ILE A 117 -6.51 28.14 -31.11
N ASN A 118 -7.73 27.66 -31.28
CA ASN A 118 -8.10 26.98 -32.51
C ASN A 118 -8.17 27.95 -33.69
N GLN A 119 -8.31 29.24 -33.42
CA GLN A 119 -8.36 30.23 -34.49
C GLN A 119 -7.01 30.33 -35.20
N ASN A 120 -5.96 30.65 -34.46
CA ASN A 120 -4.61 30.74 -35.01
C ASN A 120 -3.65 30.12 -34.00
N PRO A 121 -3.21 28.88 -34.23
CA PRO A 121 -2.34 28.22 -33.25
C PRO A 121 -1.02 28.93 -33.05
N SER A 122 -0.42 29.44 -34.13
CA SER A 122 0.82 30.17 -34.01
C SER A 122 0.58 31.54 -33.35
N GLY A 123 1.60 32.02 -32.63
CA GLY A 123 1.54 33.30 -31.96
C GLY A 123 2.07 33.19 -30.55
N THR A 124 1.58 34.08 -29.70
CA THR A 124 1.97 34.13 -28.29
C THR A 124 0.72 34.29 -27.44
N TYR A 125 0.65 33.51 -26.36
CA TYR A 125 -0.52 33.50 -25.47
C TYR A 125 -0.05 33.51 -24.03
N HIS A 126 -0.75 34.25 -23.17
CA HIS A 126 -0.43 34.34 -21.76
C HIS A 126 -1.68 34.07 -20.93
N LEU A 127 -1.52 33.34 -19.84
CA LEU A 127 -2.64 33.11 -18.93
C LEU A 127 -2.86 34.32 -18.04
N ALA A 128 -4.12 34.62 -17.75
CA ALA A 128 -4.47 35.75 -16.90
C ALA A 128 -4.68 35.38 -15.45
N ALA A 129 -5.11 34.15 -15.17
CA ALA A 129 -5.32 33.69 -13.80
C ALA A 129 -5.40 32.17 -13.82
N SER A 130 -5.44 31.59 -12.62
CA SER A 130 -5.64 30.15 -12.51
C SER A 130 -7.01 29.77 -13.06
N LEU A 131 -7.01 29.03 -14.15
CA LEU A 131 -8.22 28.77 -14.92
C LEU A 131 -8.62 27.30 -14.79
N ASN A 132 -9.91 27.07 -14.55
CA ASN A 132 -10.43 25.72 -14.43
C ASN A 132 -10.78 25.15 -15.80
N ALA A 133 -10.43 23.88 -16.01
CA ALA A 133 -10.71 23.20 -17.26
C ALA A 133 -12.01 22.40 -17.24
N ASN A 134 -12.82 22.58 -16.20
CA ASN A 134 -14.11 21.88 -16.15
C ASN A 134 -15.15 22.53 -17.04
N GLU A 135 -14.87 23.72 -17.58
CA GLU A 135 -15.84 24.41 -18.41
C GLU A 135 -16.00 23.72 -19.76
N VAL A 136 -14.91 23.15 -20.29
CA VAL A 136 -14.98 22.46 -21.56
C VAL A 136 -15.79 21.17 -21.40
N GLU A 137 -16.47 20.77 -22.46
CA GLU A 137 -17.36 19.61 -22.44
C GLU A 137 -16.63 18.30 -22.72
N LEU A 138 -15.30 18.28 -22.65
CA LEU A 138 -14.51 17.07 -22.83
C LEU A 138 -14.70 16.47 -24.21
N GLY A 139 -15.90 15.97 -24.49
CA GLY A 139 -16.20 15.35 -25.76
C GLY A 139 -16.44 13.87 -25.61
N PRO A 140 -17.21 13.28 -26.53
CA PRO A 140 -17.46 11.84 -26.45
C PRO A 140 -16.21 11.01 -26.69
N ASP A 141 -15.46 11.30 -27.75
CA ASP A 141 -14.21 10.59 -28.02
C ASP A 141 -13.11 11.54 -28.49
N GLU A 142 -13.16 12.81 -28.08
CA GLU A 142 -12.13 13.77 -28.51
C GLU A 142 -10.80 13.42 -27.88
N ARG A 143 -9.74 13.46 -28.69
CA ARG A 143 -8.41 13.12 -28.19
C ARG A 143 -7.89 14.18 -27.22
N SER A 144 -8.01 15.45 -27.60
CA SER A 144 -7.49 16.54 -26.78
C SER A 144 -8.38 17.76 -26.94
N TYR A 145 -8.29 18.68 -25.97
CA TYR A 145 -9.05 19.91 -26.05
C TYR A 145 -8.63 20.75 -27.25
N ILE A 146 -7.33 20.83 -27.49
CA ILE A 146 -6.78 21.54 -28.64
C ILE A 146 -6.28 20.52 -29.66
N LYS A 147 -6.76 20.63 -30.90
CA LYS A 147 -6.55 19.59 -31.89
C LYS A 147 -5.55 19.96 -32.98
N ASP A 148 -5.15 21.23 -33.07
CA ASP A 148 -4.22 21.64 -34.12
C ASP A 148 -2.85 21.03 -33.89
N THR A 149 -2.03 21.04 -34.93
CA THR A 149 -0.73 20.38 -34.86
C THR A 149 0.21 21.10 -33.90
N PHE A 150 0.79 22.22 -34.33
CA PHE A 150 1.72 22.99 -33.51
C PHE A 150 0.92 24.07 -32.79
N THR A 151 0.85 23.96 -31.47
CA THR A 151 0.00 24.82 -30.66
C THR A 151 0.79 25.34 -29.47
N GLY A 152 0.32 26.48 -28.94
CA GLY A 152 0.99 27.11 -27.83
C GLY A 152 2.44 27.44 -28.14
N ARG A 153 2.65 28.19 -29.22
CA ARG A 153 4.01 28.47 -29.69
C ARG A 153 4.82 29.21 -28.62
N LEU A 154 4.22 30.22 -27.99
CA LEU A 154 4.87 30.97 -26.92
C LEU A 154 3.86 31.16 -25.78
N ILE A 155 3.28 30.05 -25.32
CA ILE A 155 2.31 30.10 -24.22
C ILE A 155 3.07 30.20 -22.90
N GLY A 156 3.54 31.40 -22.58
CA GLY A 156 4.20 31.62 -21.32
C GLY A 156 3.27 32.21 -20.27
N GLU A 157 3.73 32.17 -19.01
CA GLU A 157 2.97 32.74 -17.90
C GLU A 157 3.79 33.74 -17.10
N LYS A 158 4.71 34.47 -17.75
CA LYS A 158 5.54 35.43 -17.05
C LYS A 158 4.83 36.75 -16.82
N ASP A 159 3.60 36.91 -17.30
CA ASP A 159 2.89 38.17 -17.14
C ASP A 159 2.55 38.45 -15.68
N GLY A 160 2.30 37.40 -14.90
CA GLY A 160 1.98 37.57 -13.50
C GLY A 160 2.06 36.31 -12.68
N LYS A 161 3.15 36.17 -11.92
CA LYS A 161 3.38 35.04 -11.01
C LYS A 161 3.34 33.74 -11.84
N ASN A 162 2.58 32.73 -11.44
CA ASN A 162 2.42 31.50 -12.20
C ASN A 162 0.99 31.02 -12.11
N TYR A 163 0.41 30.64 -13.24
CA TYR A 163 -0.97 30.22 -13.32
C TYR A 163 -1.04 28.76 -13.74
N ALA A 164 -1.93 28.01 -13.11
CA ALA A 164 -2.04 26.57 -13.33
C ALA A 164 -3.39 26.22 -13.94
N ILE A 165 -3.38 25.22 -14.82
CA ILE A 165 -4.60 24.74 -15.47
C ILE A 165 -5.14 23.61 -14.60
N TYR A 166 -6.16 23.91 -13.82
CA TYR A 166 -6.70 22.94 -12.87
C TYR A 166 -7.68 21.99 -13.56
N ASN A 167 -7.71 20.76 -13.05
CA ASN A 167 -8.72 19.76 -13.42
C ASN A 167 -8.66 19.42 -14.91
N LEU A 168 -7.53 18.85 -15.34
CA LEU A 168 -7.43 18.33 -16.70
C LEU A 168 -7.88 16.87 -16.73
N LYS A 169 -8.57 16.50 -17.81
CA LYS A 169 -9.02 15.14 -18.01
C LYS A 169 -8.60 14.54 -19.35
N LYS A 170 -7.95 15.31 -20.20
CA LYS A 170 -7.47 14.85 -21.50
C LYS A 170 -6.16 15.57 -21.80
N PRO A 171 -5.36 15.05 -22.73
CA PRO A 171 -4.15 15.76 -23.13
C PRO A 171 -4.47 17.18 -23.56
N LEU A 172 -3.51 18.08 -23.32
CA LEU A 172 -3.79 19.51 -23.53
C LEU A 172 -3.60 19.92 -24.99
N PHE A 173 -2.45 19.56 -25.58
CA PHE A 173 -2.09 20.08 -26.89
C PHE A 173 -2.08 19.05 -27.99
N GLU A 174 -2.34 17.77 -27.69
CA GLU A 174 -2.39 16.70 -28.69
C GLU A 174 -1.06 16.54 -29.43
N ASN A 175 -0.56 17.61 -30.02
CA ASN A 175 0.73 17.56 -30.71
C ASN A 175 1.47 18.88 -30.48
N LEU A 176 2.77 18.85 -30.71
CA LEU A 176 3.62 20.03 -30.60
C LEU A 176 4.70 19.96 -31.68
N SER A 177 4.91 21.08 -32.37
CA SER A 177 5.91 21.16 -33.43
C SER A 177 6.56 22.54 -33.39
N GLY A 178 7.79 22.60 -32.89
CA GLY A 178 8.49 23.87 -32.80
C GLY A 178 7.76 24.89 -31.95
N ALA A 179 7.05 24.43 -30.92
CA ALA A 179 6.27 25.30 -30.05
C ALA A 179 6.83 25.20 -28.64
N THR A 180 7.05 26.35 -28.02
CA THR A 180 7.66 26.42 -26.70
C THR A 180 6.61 26.78 -25.66
N VAL A 181 6.28 25.84 -24.79
CA VAL A 181 5.41 26.08 -23.63
C VAL A 181 6.30 26.19 -22.40
N GLU A 182 6.20 27.29 -21.69
CA GLU A 182 7.07 27.56 -20.57
C GLU A 182 6.27 28.15 -19.41
N LYS A 183 6.74 27.89 -18.19
CA LYS A 183 6.16 28.40 -16.95
C LYS A 183 4.71 27.99 -16.77
N LEU A 184 4.30 26.88 -17.37
CA LEU A 184 2.94 26.36 -17.25
C LEU A 184 2.90 25.29 -16.17
N SER A 185 1.79 25.25 -15.44
CA SER A 185 1.61 24.29 -14.35
C SER A 185 0.27 23.59 -14.49
N LEU A 186 0.24 22.31 -14.15
CA LEU A 186 -0.98 21.51 -14.11
C LEU A 186 -1.09 20.87 -12.74
N LYS A 187 -2.18 21.16 -12.02
CA LYS A 187 -2.26 20.82 -10.61
C LYS A 187 -3.05 19.55 -10.32
N ASN A 188 -4.18 19.32 -10.99
CA ASN A 188 -5.03 18.16 -10.72
C ASN A 188 -5.36 17.47 -12.05
N VAL A 189 -4.39 16.75 -12.59
CA VAL A 189 -4.57 16.07 -13.87
C VAL A 189 -5.12 14.67 -13.62
N ALA A 190 -6.20 14.32 -14.34
CA ALA A 190 -6.80 13.00 -14.27
C ALA A 190 -7.06 12.52 -15.70
N ILE A 191 -5.97 12.26 -16.43
CA ILE A 191 -6.05 11.91 -17.84
C ILE A 191 -6.16 10.40 -17.97
N SER A 192 -7.16 9.94 -18.72
CA SER A 192 -7.36 8.52 -19.01
C SER A 192 -7.73 8.38 -20.48
N GLY A 193 -6.99 7.54 -21.19
CA GLY A 193 -7.22 7.37 -22.62
C GLY A 193 -6.75 6.02 -23.09
N LYS A 194 -7.32 5.57 -24.20
CA LYS A 194 -6.96 4.27 -24.76
C LYS A 194 -5.60 4.31 -25.43
N ASN A 195 -5.39 5.27 -26.32
CA ASN A 195 -4.12 5.39 -27.04
C ASN A 195 -3.07 6.04 -26.15
N ASP A 196 -1.96 6.43 -26.77
CA ASP A 196 -0.89 7.10 -26.05
C ASP A 196 -1.41 8.41 -25.45
N ILE A 197 -1.08 8.65 -24.19
CA ILE A 197 -1.56 9.80 -23.45
C ILE A 197 -0.37 10.62 -22.97
N GLY A 198 -0.56 11.92 -22.90
CA GLY A 198 0.45 12.82 -22.35
C GLY A 198 -0.22 13.99 -21.66
N SER A 199 0.34 14.35 -20.50
CA SER A 199 -0.26 15.43 -19.70
C SER A 199 -0.19 16.75 -20.46
N LEU A 200 0.96 17.06 -21.05
CA LEU A 200 1.09 18.30 -21.80
C LEU A 200 0.66 18.12 -23.25
N ALA A 201 1.20 17.10 -23.91
CA ALA A 201 0.83 16.79 -25.28
C ALA A 201 1.23 15.35 -25.57
N ASN A 202 0.66 14.80 -26.65
CA ASN A 202 0.94 13.41 -26.96
C ASN A 202 2.26 13.24 -27.72
N GLU A 203 2.60 14.21 -28.57
CA GLU A 203 3.83 14.10 -29.34
C GLU A 203 4.47 15.48 -29.48
N ALA A 204 5.80 15.47 -29.64
CA ALA A 204 6.60 16.67 -29.90
C ALA A 204 7.46 16.36 -31.12
N THR A 205 6.97 16.73 -32.30
CA THR A 205 7.62 16.31 -33.54
C THR A 205 8.89 17.10 -33.81
N ASN A 206 8.86 18.41 -33.58
CA ASN A 206 10.00 19.26 -33.87
C ASN A 206 10.61 19.76 -32.56
N GLY A 207 11.42 20.83 -32.65
CA GLY A 207 12.07 21.37 -31.47
C GLY A 207 11.13 22.14 -30.57
N THR A 208 10.55 21.46 -29.59
CA THR A 208 9.62 22.06 -28.64
C THR A 208 10.37 22.31 -27.33
N LYS A 209 10.61 23.58 -27.03
CA LYS A 209 11.40 23.97 -25.85
C LYS A 209 10.51 23.96 -24.61
N ILE A 210 10.35 22.75 -24.06
CA ILE A 210 9.55 22.60 -22.85
C ILE A 210 10.38 23.05 -21.66
N LYS A 211 9.87 24.03 -20.91
CA LYS A 211 10.61 24.59 -19.79
C LYS A 211 9.67 24.92 -18.65
N GLN A 212 10.15 24.68 -17.42
CA GLN A 212 9.46 25.11 -16.20
C GLN A 212 8.02 24.61 -16.15
N VAL A 213 7.81 23.37 -16.57
CA VAL A 213 6.49 22.76 -16.59
C VAL A 213 6.39 21.77 -15.44
N HIS A 214 5.53 22.06 -14.46
CA HIS A 214 5.32 21.21 -13.30
C HIS A 214 3.91 20.64 -13.39
N VAL A 215 3.81 19.33 -13.57
CA VAL A 215 2.53 18.64 -13.74
C VAL A 215 2.32 17.72 -12.54
N ASP A 216 1.13 17.81 -11.94
CA ASP A 216 0.76 16.98 -10.80
C ASP A 216 -0.60 16.34 -11.06
N GLY A 217 -0.71 15.06 -10.84
CA GLY A 217 -1.98 14.37 -11.00
C GLY A 217 -1.77 12.95 -11.49
N VAL A 218 -2.87 12.20 -11.52
CA VAL A 218 -2.86 10.79 -11.88
C VAL A 218 -3.09 10.66 -13.38
N LEU A 219 -2.27 9.85 -14.03
CA LEU A 219 -2.39 9.54 -15.45
C LEU A 219 -2.55 8.05 -15.63
N ALA A 220 -3.61 7.63 -16.32
CA ALA A 220 -3.89 6.22 -16.56
C ALA A 220 -4.02 5.97 -18.05
N GLY A 221 -3.29 4.98 -18.55
CA GLY A 221 -3.31 4.68 -19.97
C GLY A 221 -3.16 3.20 -20.21
N GLU A 222 -3.31 2.82 -21.48
CA GLU A 222 -3.24 1.42 -21.90
C GLU A 222 -2.20 1.23 -23.00
N ARG A 223 -2.40 1.84 -24.16
CA ARG A 223 -1.48 1.63 -25.28
C ARG A 223 -0.15 2.34 -25.06
N GLY A 224 -0.08 3.20 -24.05
CA GLY A 224 1.15 3.89 -23.74
C GLY A 224 0.88 5.11 -22.90
N VAL A 225 1.77 5.36 -21.95
CA VAL A 225 1.63 6.46 -21.00
C VAL A 225 2.88 7.32 -21.07
N GLY A 226 2.69 8.62 -20.84
CA GLY A 226 3.81 9.54 -20.75
C GLY A 226 3.60 10.56 -19.64
N GLY A 227 4.70 10.96 -18.98
CA GLY A 227 4.56 11.94 -17.92
C GLY A 227 4.15 13.30 -18.44
N LEU A 228 4.97 13.89 -19.30
CA LEU A 228 4.66 15.15 -19.95
C LEU A 228 4.31 14.97 -21.42
N LEU A 229 5.16 14.28 -22.17
CA LEU A 229 4.93 14.00 -23.57
C LEU A 229 5.08 12.51 -23.81
N ALA A 230 4.07 11.91 -24.45
CA ALA A 230 4.12 10.47 -24.71
C ALA A 230 5.27 10.11 -25.64
N LYS A 231 5.67 11.05 -26.50
CA LYS A 231 6.81 10.84 -27.38
C LYS A 231 7.45 12.19 -27.68
N ALA A 232 8.77 12.27 -27.50
CA ALA A 232 9.52 13.50 -27.75
C ALA A 232 10.54 13.23 -28.85
N ASP A 233 10.31 13.82 -30.02
CA ASP A 233 11.17 13.66 -31.18
C ASP A 233 11.87 14.99 -31.45
N GLN A 234 13.19 15.01 -31.29
CA GLN A 234 13.99 16.22 -31.50
C GLN A 234 13.48 17.37 -30.63
N SER A 235 13.10 17.05 -29.40
CA SER A 235 12.57 18.05 -28.47
C SER A 235 13.29 17.94 -27.14
N SER A 236 13.46 19.08 -26.48
CA SER A 236 14.19 19.17 -25.23
C SER A 236 13.27 19.69 -24.13
N ILE A 237 13.26 18.99 -22.99
CA ILE A 237 12.52 19.41 -21.81
C ILE A 237 13.52 19.70 -20.71
N ALA A 238 13.53 20.95 -20.23
CA ALA A 238 14.48 21.39 -19.23
C ALA A 238 13.76 21.99 -18.04
N GLU A 239 14.22 21.62 -16.84
CA GLU A 239 13.71 22.18 -15.59
C GLU A 239 12.21 21.95 -15.44
N SER A 240 11.78 20.71 -15.67
CA SER A 240 10.39 20.33 -15.53
C SER A 240 10.22 19.42 -14.33
N SER A 241 8.97 19.24 -13.91
CA SER A 241 8.66 18.44 -12.73
C SER A 241 7.39 17.64 -12.97
N PHE A 242 7.31 16.49 -12.32
CA PHE A 242 6.13 15.66 -12.32
C PHE A 242 5.96 15.05 -10.92
N LYS A 243 4.71 14.97 -10.45
CA LYS A 243 4.44 14.46 -9.12
C LYS A 243 3.04 13.87 -9.04
N GLY A 244 2.82 12.71 -9.66
CA GLY A 244 1.51 12.08 -9.64
C GLY A 244 1.61 10.59 -9.95
N ARG A 245 0.51 9.90 -9.70
CA ARG A 245 0.44 8.47 -9.96
C ARG A 245 0.36 8.20 -11.46
N ILE A 246 0.95 7.09 -11.88
CA ILE A 246 0.89 6.62 -13.26
C ILE A 246 0.57 5.14 -13.25
N VAL A 247 -0.56 4.77 -13.84
CA VAL A 247 -1.07 3.40 -13.78
C VAL A 247 -1.20 2.87 -15.19
N ASN A 248 -0.69 1.66 -15.41
CA ASN A 248 -0.82 0.95 -16.68
C ASN A 248 -0.96 -0.55 -16.37
N THR A 249 -1.83 -0.86 -15.42
CA THR A 249 -2.03 -2.23 -14.96
C THR A 249 -2.97 -3.02 -15.86
N TYR A 250 -3.34 -2.48 -17.02
CA TYR A 250 -4.21 -3.21 -17.93
C TYR A 250 -3.43 -4.31 -18.63
N GLU A 251 -4.17 -5.32 -19.09
CA GLU A 251 -3.57 -6.49 -19.72
C GLU A 251 -3.29 -6.28 -21.21
N THR A 252 -2.81 -5.11 -21.59
CA THR A 252 -2.45 -4.88 -22.98
C THR A 252 -1.19 -5.66 -23.34
N THR A 253 -1.10 -6.09 -24.59
CA THR A 253 0.04 -6.85 -25.10
C THR A 253 0.53 -6.15 -26.36
N ASP A 254 1.20 -5.02 -26.18
CA ASP A 254 1.75 -4.25 -27.29
C ASP A 254 3.01 -3.56 -26.81
N ALA A 255 3.69 -2.90 -27.74
CA ALA A 255 4.95 -2.21 -27.43
C ALA A 255 4.64 -0.79 -26.97
N TYR A 256 4.56 -0.59 -25.66
CA TYR A 256 4.37 0.73 -25.10
C TYR A 256 5.61 1.12 -24.30
N ASN A 257 5.89 2.42 -24.28
CA ASN A 257 7.06 2.98 -23.60
C ASN A 257 6.56 3.97 -22.54
N ILE A 258 6.14 3.42 -21.39
CA ILE A 258 5.58 4.24 -20.34
C ILE A 258 6.70 4.87 -19.53
N GLY A 259 6.59 6.17 -19.29
CA GLY A 259 7.62 6.91 -18.57
C GLY A 259 7.02 7.95 -17.66
N GLY A 260 7.69 8.18 -16.54
CA GLY A 260 7.18 9.12 -15.55
C GLY A 260 7.28 10.56 -16.00
N LEU A 261 8.20 10.85 -16.93
CA LEU A 261 8.35 12.20 -17.46
C LEU A 261 8.03 12.25 -18.95
N VAL A 262 8.71 11.45 -19.78
CA VAL A 262 8.46 11.39 -21.21
C VAL A 262 8.44 9.94 -21.63
N GLY A 263 7.60 9.60 -22.61
CA GLY A 263 7.46 8.22 -23.01
C GLY A 263 8.62 7.72 -23.84
N HIS A 264 9.00 8.48 -24.87
CA HIS A 264 9.99 8.04 -25.84
C HIS A 264 10.85 9.23 -26.24
N LEU A 265 12.16 9.11 -26.04
CA LEU A 265 13.13 10.12 -26.45
C LEU A 265 13.87 9.61 -27.67
N THR A 266 13.54 10.16 -28.83
CA THR A 266 14.06 9.67 -30.10
C THR A 266 14.93 10.69 -30.81
N GLY A 267 14.95 11.94 -30.34
CA GLY A 267 15.65 12.98 -31.07
C GLY A 267 17.14 13.01 -30.77
N LYS A 268 17.91 13.42 -31.78
CA LYS A 268 19.36 13.55 -31.60
C LYS A 268 19.70 14.63 -30.59
N ASN A 269 19.08 15.81 -30.72
CA ASN A 269 19.28 16.90 -29.78
C ASN A 269 18.30 16.84 -28.62
N ALA A 270 17.49 15.79 -28.52
CA ALA A 270 16.58 15.64 -27.40
C ALA A 270 17.36 15.56 -26.10
N SER A 271 16.88 16.24 -25.07
CA SER A 271 17.60 16.31 -23.80
C SER A 271 16.62 16.56 -22.67
N ILE A 272 16.93 15.98 -21.51
CA ILE A 272 16.20 16.22 -20.27
C ILE A 272 17.20 16.75 -19.26
N ALA A 273 17.05 18.02 -18.88
CA ALA A 273 18.01 18.70 -18.02
C ALA A 273 17.32 19.25 -16.79
N LYS A 274 17.87 18.94 -15.62
CA LYS A 274 17.41 19.49 -14.34
C LYS A 274 15.93 19.20 -14.11
N SER A 275 15.52 17.96 -14.39
CA SER A 275 14.13 17.55 -14.25
C SER A 275 13.97 16.57 -13.09
N LYS A 276 12.79 16.57 -12.50
CA LYS A 276 12.47 15.71 -11.38
C LYS A 276 11.09 15.10 -11.59
N ALA A 277 10.94 13.84 -11.20
CA ALA A 277 9.66 13.13 -11.34
C ALA A 277 9.44 12.25 -10.12
N THR A 278 8.51 12.66 -9.26
CA THR A 278 8.09 11.85 -8.11
C THR A 278 6.93 10.99 -8.56
N VAL A 279 7.23 9.86 -9.18
CA VAL A 279 6.25 9.03 -9.85
C VAL A 279 6.09 7.72 -9.07
N THR A 280 4.94 7.55 -8.42
CA THR A 280 4.55 6.28 -7.83
C THR A 280 3.88 5.45 -8.92
N ILE A 281 4.69 5.03 -9.89
CA ILE A 281 4.21 4.42 -11.12
C ILE A 281 4.03 2.92 -10.90
N SER A 282 2.88 2.40 -11.33
CA SER A 282 2.60 0.98 -11.30
C SER A 282 2.22 0.53 -12.71
N SER A 283 2.77 -0.59 -13.15
CA SER A 283 2.51 -1.07 -14.50
C SER A 283 2.79 -2.56 -14.58
N ASN A 284 2.15 -3.22 -15.55
CA ASN A 284 2.32 -4.64 -15.82
C ASN A 284 2.89 -4.77 -17.23
N THR A 285 4.14 -5.24 -17.31
CA THR A 285 4.82 -5.29 -18.61
C THR A 285 4.22 -6.36 -19.51
N ASN A 286 4.23 -7.61 -19.06
CA ASN A 286 3.65 -8.78 -19.74
C ASN A 286 4.39 -9.15 -21.03
N ARG A 287 5.43 -8.42 -21.42
CA ARG A 287 6.19 -8.74 -22.62
C ARG A 287 7.52 -8.00 -22.56
N SER A 288 8.55 -8.62 -23.15
CA SER A 288 9.91 -8.14 -22.98
C SER A 288 10.13 -6.78 -23.63
N ASP A 289 9.38 -6.48 -24.70
CA ASP A 289 9.60 -5.23 -25.42
C ASP A 289 9.11 -4.03 -24.61
N GLN A 290 8.24 -4.24 -23.64
CA GLN A 290 7.76 -3.15 -22.80
C GLN A 290 8.89 -2.57 -21.97
N THR A 291 8.78 -1.27 -21.67
CA THR A 291 9.78 -0.58 -20.87
C THR A 291 9.10 0.39 -19.92
N VAL A 292 9.49 0.33 -18.64
CA VAL A 292 9.02 1.25 -17.62
C VAL A 292 10.25 1.86 -16.97
N GLY A 293 10.50 3.14 -17.24
CA GLY A 293 11.76 3.73 -16.82
C GLY A 293 11.65 4.90 -15.88
N GLY A 294 10.44 5.23 -15.43
CA GLY A 294 10.30 6.44 -14.62
C GLY A 294 10.69 7.64 -15.44
N LEU A 295 11.86 8.19 -15.13
CA LEU A 295 12.44 9.22 -15.99
C LEU A 295 12.66 8.68 -17.39
N ALA A 296 12.03 9.32 -18.37
CA ALA A 296 12.17 8.98 -19.79
C ALA A 296 11.72 7.52 -19.97
N GLY A 297 12.57 6.64 -20.50
CA GLY A 297 12.15 5.29 -20.83
C GLY A 297 12.36 5.01 -22.30
N LEU A 298 13.19 4.02 -22.61
CA LEU A 298 13.62 3.72 -23.98
C LEU A 298 14.22 4.98 -24.62
N VAL A 299 15.34 5.43 -24.07
CA VAL A 299 16.03 6.59 -24.61
C VAL A 299 16.83 6.17 -25.84
N ASP A 300 16.65 6.90 -26.94
CA ASP A 300 17.25 6.52 -28.20
C ASP A 300 17.85 7.73 -28.90
N GLN A 301 18.82 7.46 -29.77
CA GLN A 301 19.45 8.46 -30.62
C GLN A 301 20.10 9.59 -29.80
N ASP A 302 21.07 9.21 -28.98
CA ASP A 302 21.98 10.14 -28.30
C ASP A 302 21.25 11.14 -27.40
N ALA A 303 20.00 10.88 -27.05
CA ALA A 303 19.33 11.74 -26.08
C ALA A 303 19.99 11.58 -24.72
N HIS A 304 20.43 12.70 -24.15
CA HIS A 304 21.25 12.68 -22.93
C HIS A 304 20.43 13.21 -21.76
N ILE A 305 20.32 12.41 -20.71
CA ILE A 305 19.64 12.79 -19.48
C ILE A 305 20.68 13.39 -18.53
N GLN A 306 20.54 14.68 -18.23
CA GLN A 306 21.47 15.39 -17.38
C GLN A 306 20.75 15.89 -16.13
N ASN A 307 21.28 15.52 -14.97
CA ASN A 307 20.85 16.09 -13.69
C ASN A 307 19.36 15.85 -13.43
N SER A 308 18.95 14.60 -13.52
CA SER A 308 17.58 14.22 -13.23
C SER A 308 17.48 13.54 -11.87
N TYR A 309 16.27 13.52 -11.31
CA TYR A 309 16.03 12.98 -9.99
C TYR A 309 14.72 12.22 -10.00
N ALA A 310 14.75 10.96 -9.59
CA ALA A 310 13.57 10.11 -9.51
C ALA A 310 13.42 9.60 -8.09
N GLU A 311 12.34 9.99 -7.43
CA GLU A 311 12.11 9.65 -6.04
C GLU A 311 10.80 8.91 -5.81
N GLY A 312 10.17 8.40 -6.87
CA GLY A 312 8.89 7.74 -6.76
C GLY A 312 9.01 6.29 -6.36
N ASP A 313 8.03 5.50 -6.79
CA ASP A 313 7.96 4.07 -6.52
C ASP A 313 7.48 3.34 -7.77
N ILE A 314 8.20 2.28 -8.15
CA ILE A 314 7.83 1.45 -9.30
C ILE A 314 7.41 0.10 -8.78
N ASN A 315 6.23 -0.36 -9.20
CA ASN A 315 5.64 -1.61 -8.72
C ASN A 315 5.25 -2.47 -9.91
N ASN A 316 6.26 -2.93 -10.65
CA ASN A 316 6.01 -3.85 -11.76
C ASN A 316 5.57 -5.20 -11.23
N VAL A 317 4.53 -5.77 -11.84
CA VAL A 317 4.02 -7.06 -11.41
C VAL A 317 5.03 -8.16 -11.72
N LYS A 318 5.35 -8.34 -12.99
CA LYS A 318 6.31 -9.35 -13.41
C LYS A 318 7.45 -8.68 -14.16
N HIS A 319 8.63 -9.28 -14.08
CA HIS A 319 9.83 -8.72 -14.69
C HIS A 319 10.02 -9.15 -16.14
N PHE A 320 8.94 -9.33 -16.89
CA PHE A 320 9.08 -9.68 -18.30
C PHE A 320 9.71 -8.54 -19.09
N GLY A 321 9.22 -7.31 -18.92
CA GLY A 321 9.75 -6.19 -19.65
C GLY A 321 10.98 -5.60 -18.99
N LYS A 322 11.61 -4.68 -19.72
CA LYS A 322 12.81 -4.00 -19.25
C LYS A 322 12.38 -2.78 -18.43
N VAL A 323 12.24 -2.98 -17.12
CA VAL A 323 11.79 -1.94 -16.20
C VAL A 323 12.98 -1.47 -15.39
N ALA A 324 13.10 -0.16 -15.21
CA ALA A 324 14.19 0.40 -14.43
C ALA A 324 13.73 1.70 -13.79
N GLY A 325 14.57 2.22 -12.88
CA GLY A 325 14.16 3.36 -12.09
C GLY A 325 14.22 4.68 -12.84
N VAL A 326 15.34 4.95 -13.50
CA VAL A 326 15.57 6.26 -14.09
C VAL A 326 15.79 6.21 -15.60
N ALA A 327 16.03 5.04 -16.18
CA ALA A 327 16.21 4.94 -17.62
C ALA A 327 15.85 3.54 -18.06
N GLY A 328 14.92 3.45 -19.01
CA GLY A 328 14.43 2.17 -19.45
C GLY A 328 15.37 1.45 -20.40
N TYR A 329 14.99 1.37 -21.67
CA TYR A 329 15.75 0.63 -22.68
C TYR A 329 16.68 1.61 -23.40
N LEU A 330 17.87 1.82 -22.85
CA LEU A 330 18.81 2.74 -23.47
C LEU A 330 19.26 2.27 -24.84
N TRP A 331 19.17 0.97 -25.11
CA TRP A 331 19.55 0.44 -26.41
C TRP A 331 18.53 0.83 -27.47
N ASP A 332 19.01 0.94 -28.71
CA ASP A 332 18.19 1.34 -29.84
C ASP A 332 17.95 0.16 -30.77
N ARG A 333 16.85 0.24 -31.53
CA ARG A 333 16.48 -0.85 -32.42
C ARG A 333 17.50 -1.04 -33.53
N THR A 334 18.16 0.03 -33.94
CA THR A 334 19.15 -0.05 -35.01
C THR A 334 20.47 -0.58 -34.46
N SER A 335 21.57 -0.20 -35.13
CA SER A 335 22.90 -0.65 -34.72
C SER A 335 23.20 -0.25 -33.29
N GLY A 336 23.80 -1.16 -32.55
CA GLY A 336 24.05 -0.94 -31.14
C GLY A 336 25.37 -0.26 -30.82
N GLU A 337 25.51 0.99 -31.23
CA GLU A 337 26.70 1.75 -30.88
C GLU A 337 26.58 2.27 -29.45
N GLU A 338 27.73 2.55 -28.83
CA GLU A 338 27.74 3.13 -27.50
C GLU A 338 27.19 4.55 -27.52
N LYS A 339 27.46 5.30 -28.59
CA LYS A 339 27.01 6.68 -28.68
C LYS A 339 25.56 6.76 -29.16
N HIS A 340 25.18 5.89 -30.10
CA HIS A 340 23.85 5.97 -30.68
C HIS A 340 22.77 5.51 -29.69
N ALA A 341 23.18 4.80 -28.64
CA ALA A 341 22.18 4.27 -27.70
C ALA A 341 21.56 5.39 -26.87
N GLY A 342 22.38 6.16 -26.18
CA GLY A 342 21.89 7.20 -25.28
C GLY A 342 22.95 7.50 -24.23
N GLU A 343 22.71 8.55 -23.47
CA GLU A 343 23.66 9.02 -22.48
C GLU A 343 22.96 9.45 -21.21
N LEU A 344 23.56 9.10 -20.07
CA LEU A 344 23.13 9.57 -18.77
C LEU A 344 24.28 10.30 -18.12
N THR A 345 23.97 11.30 -17.29
CA THR A 345 25.00 12.11 -16.64
C THR A 345 24.46 12.73 -15.37
N ASN A 346 25.16 12.48 -14.26
CA ASN A 346 24.88 13.13 -12.97
C ASN A 346 23.41 12.96 -12.57
N VAL A 347 22.92 11.74 -12.68
CA VAL A 347 21.52 11.42 -12.42
C VAL A 347 21.42 10.63 -11.14
N LEU A 348 20.32 10.81 -10.41
CA LEU A 348 20.06 10.12 -9.16
C LEU A 348 18.65 9.56 -9.18
N SER A 349 18.45 8.38 -8.58
CA SER A 349 17.16 7.71 -8.54
C SER A 349 17.05 6.92 -7.25
N ASP A 350 16.37 7.48 -6.26
CA ASP A 350 16.09 6.78 -5.01
C ASP A 350 14.65 6.26 -5.03
N VAL A 351 14.38 5.45 -6.05
CA VAL A 351 13.05 4.92 -6.32
C VAL A 351 12.99 3.47 -5.88
N ASN A 352 11.95 3.10 -5.15
CA ASN A 352 11.77 1.74 -4.64
C ASN A 352 11.21 0.86 -5.75
N VAL A 353 12.01 0.69 -6.80
CA VAL A 353 11.60 -0.10 -7.95
C VAL A 353 11.58 -1.58 -7.57
N THR A 354 10.55 -2.29 -8.01
CA THR A 354 10.44 -3.73 -7.83
C THR A 354 10.47 -4.42 -9.18
N ASN A 355 10.98 -5.66 -9.19
CA ASN A 355 11.09 -6.48 -10.39
C ASN A 355 11.94 -5.83 -11.48
N GLY A 356 12.82 -4.91 -11.11
CA GLY A 356 13.65 -4.25 -12.11
C GLY A 356 14.87 -3.60 -11.49
N ASN A 357 15.70 -3.04 -12.36
CA ASN A 357 16.92 -2.36 -11.95
C ASN A 357 16.60 -0.97 -11.41
N ALA A 358 17.62 -0.35 -10.79
CA ALA A 358 17.42 0.97 -10.21
C ALA A 358 17.77 2.08 -11.19
N ILE A 359 18.61 1.79 -12.17
CA ILE A 359 19.07 2.78 -13.14
C ILE A 359 18.68 2.41 -14.57
N THR A 360 19.26 1.35 -15.11
CA THR A 360 19.03 0.94 -16.48
C THR A 360 18.65 -0.54 -16.52
N GLY A 361 17.59 -0.86 -17.26
CA GLY A 361 17.15 -2.24 -17.33
C GLY A 361 18.11 -3.13 -18.11
N TYR A 362 18.46 -2.73 -19.32
CA TYR A 362 19.32 -3.52 -20.19
C TYR A 362 20.76 -3.04 -20.02
N HIS A 363 21.60 -3.89 -19.46
CA HIS A 363 23.01 -3.56 -19.20
C HIS A 363 23.89 -4.38 -20.12
N TYR A 364 24.81 -3.70 -20.81
CA TYR A 364 25.73 -4.33 -21.73
C TYR A 364 27.14 -3.82 -21.48
N THR A 365 28.10 -4.36 -22.24
CA THR A 365 29.51 -4.06 -21.99
C THR A 365 29.82 -2.59 -22.27
N GLY A 366 29.56 -2.12 -23.48
CA GLY A 366 29.88 -0.74 -23.83
C GLY A 366 28.91 0.26 -23.21
N MET A 367 28.85 0.28 -21.88
CA MET A 367 27.88 1.10 -21.17
C MET A 367 28.17 2.58 -21.37
N LYS A 368 27.12 3.34 -21.66
CA LYS A 368 27.20 4.78 -21.85
C LYS A 368 26.51 5.56 -20.72
N VAL A 369 26.18 4.89 -19.61
CA VAL A 369 25.46 5.56 -18.54
C VAL A 369 26.32 6.60 -17.84
N ALA A 370 27.64 6.52 -17.98
CA ALA A 370 28.59 7.48 -17.40
C ALA A 370 28.37 7.50 -15.89
N ASN A 371 27.96 8.62 -15.29
CA ASN A 371 27.80 8.72 -13.85
C ASN A 371 26.34 8.56 -13.47
N THR A 372 26.07 7.67 -12.51
CA THR A 372 24.73 7.43 -12.01
C THR A 372 24.80 7.31 -10.49
N PHE A 373 23.66 7.51 -9.84
CA PHE A 373 23.58 7.46 -8.38
C PHE A 373 22.26 6.83 -7.96
N SER A 374 22.31 6.08 -6.87
CA SER A 374 21.12 5.45 -6.29
C SER A 374 21.36 5.18 -4.81
N SER A 375 20.30 5.26 -4.02
CA SER A 375 20.39 5.11 -2.58
C SER A 375 20.04 3.69 -2.16
N LYS A 376 19.96 3.48 -0.84
CA LYS A 376 19.66 2.17 -0.27
C LYS A 376 18.15 2.03 -0.12
N ALA A 377 17.51 1.49 -1.16
CA ALA A 377 16.09 1.23 -1.16
C ALA A 377 15.83 -0.17 -1.71
N ASN A 378 14.56 -0.55 -1.74
CA ASN A 378 14.20 -1.88 -2.19
C ASN A 378 14.28 -1.97 -3.72
N ARG A 379 15.06 -2.94 -4.19
CA ARG A 379 15.17 -3.24 -5.61
C ARG A 379 14.99 -4.74 -5.84
N VAL A 380 13.94 -5.31 -5.23
CA VAL A 380 13.77 -6.76 -5.23
C VAL A 380 13.49 -7.25 -6.65
N PHE A 381 13.85 -8.51 -6.90
CA PHE A 381 13.67 -9.15 -8.20
C PHE A 381 13.10 -10.54 -7.96
N ASN A 382 11.89 -10.78 -8.48
CA ASN A 382 11.22 -12.07 -8.32
C ASN A 382 11.61 -12.96 -9.49
N VAL A 383 12.58 -13.85 -9.26
CA VAL A 383 13.10 -14.68 -10.34
C VAL A 383 12.12 -15.79 -10.70
N THR A 384 11.16 -16.06 -9.80
CA THR A 384 10.12 -17.09 -9.96
C THR A 384 10.61 -18.34 -10.71
N LEU A 385 11.78 -18.83 -10.32
CA LEU A 385 12.32 -20.07 -10.87
C LEU A 385 12.14 -21.17 -9.85
N GLU A 386 11.42 -22.24 -10.24
CA GLU A 386 11.02 -23.31 -9.33
C GLU A 386 10.33 -22.74 -8.11
N LYS A 387 10.89 -22.99 -6.92
CA LYS A 387 10.37 -22.34 -5.72
C LYS A 387 10.57 -20.83 -5.82
N ASP A 388 9.52 -20.08 -5.53
CA ASP A 388 9.58 -18.63 -5.69
C ASP A 388 10.69 -18.03 -4.83
N GLU A 389 11.59 -17.31 -5.49
CA GLU A 389 12.73 -16.70 -4.82
C GLU A 389 12.79 -15.22 -5.16
N VAL A 390 13.25 -14.43 -4.20
CA VAL A 390 13.39 -12.99 -4.34
C VAL A 390 14.82 -12.60 -3.99
N VAL A 391 15.45 -11.82 -4.86
CA VAL A 391 16.83 -11.40 -4.68
C VAL A 391 16.96 -9.95 -5.10
N SER A 392 18.02 -9.30 -4.62
CA SER A 392 18.31 -7.94 -5.05
C SER A 392 18.85 -7.95 -6.47
N LYS A 393 18.76 -6.80 -7.14
CA LYS A 393 19.14 -6.75 -8.56
C LYS A 393 20.63 -6.56 -8.73
N GLU A 394 21.21 -5.60 -8.00
CA GLU A 394 22.64 -5.27 -8.10
C GLU A 394 23.02 -4.92 -9.54
N SER A 395 22.66 -3.71 -9.96
CA SER A 395 22.99 -3.20 -11.28
C SER A 395 22.94 -1.67 -11.28
N PHE A 396 23.36 -1.05 -10.19
CA PHE A 396 23.28 0.39 -10.01
C PHE A 396 24.45 0.85 -9.15
N GLU A 397 24.70 2.16 -9.19
CA GLU A 397 25.66 2.75 -8.26
C GLU A 397 25.00 3.02 -6.92
N GLU A 398 25.69 2.62 -5.85
CA GLU A 398 25.13 2.65 -4.51
C GLU A 398 25.75 3.80 -3.72
N ARG A 399 24.91 4.54 -3.01
CA ARG A 399 25.33 5.64 -2.15
C ARG A 399 24.73 5.45 -0.76
N GLY A 400 25.12 6.32 0.16
CA GLY A 400 24.61 6.29 1.50
C GLY A 400 23.19 6.82 1.59
N THR A 401 22.84 7.27 2.78
CA THR A 401 21.52 7.86 3.04
C THR A 401 21.54 9.39 2.91
N MET A 402 22.68 9.96 2.57
CA MET A 402 22.82 11.42 2.46
C MET A 402 22.31 11.91 1.10
N LEU A 403 21.05 11.59 0.82
CA LEU A 403 20.45 12.00 -0.44
C LEU A 403 20.29 13.51 -0.51
N ASP A 404 19.97 14.15 0.60
CA ASP A 404 19.83 15.61 0.61
C ASP A 404 21.16 16.29 0.33
N ALA A 405 22.28 15.69 0.76
CA ALA A 405 23.58 16.23 0.43
C ALA A 405 23.85 16.10 -1.07
N SER A 406 23.44 14.99 -1.67
CA SER A 406 23.56 14.79 -3.11
C SER A 406 22.33 15.24 -3.87
N GLN A 407 21.45 16.01 -3.23
CA GLN A 407 20.27 16.56 -3.87
C GLN A 407 20.56 17.81 -4.68
N ILE A 408 21.83 18.15 -4.88
CA ILE A 408 22.19 19.34 -5.64
C ILE A 408 22.31 18.96 -7.12
N VAL A 409 21.92 17.72 -7.44
CA VAL A 409 21.87 17.31 -8.84
C VAL A 409 20.84 18.17 -9.59
N SER A 410 19.68 18.38 -9.00
CA SER A 410 18.64 19.25 -9.55
C SER A 410 18.31 20.28 -8.49
N LYS A 411 18.86 21.49 -8.64
CA LYS A 411 18.65 22.54 -7.65
C LYS A 411 17.20 23.00 -7.64
N LYS A 412 16.57 23.07 -8.81
CA LYS A 412 15.20 23.55 -8.90
C LYS A 412 14.25 22.57 -8.24
N ALA A 413 13.40 23.07 -7.34
CA ALA A 413 12.43 22.24 -6.65
C ALA A 413 11.04 22.43 -7.25
N GLU A 414 10.32 23.43 -6.77
CA GLU A 414 8.97 23.70 -7.25
C GLU A 414 8.66 25.17 -7.05
N ILE A 415 7.50 25.58 -7.57
CA ILE A 415 7.03 26.95 -7.44
C ILE A 415 5.65 26.96 -6.81
N ASN A 416 5.30 28.08 -6.18
CA ASN A 416 4.02 28.24 -5.50
C ASN A 416 2.99 28.72 -6.52
N PRO A 417 2.23 27.78 -7.08
CA PRO A 417 1.23 28.12 -8.07
C PRO A 417 0.04 28.81 -7.43
N LEU A 418 -0.57 29.73 -8.17
CA LEU A 418 -1.70 30.48 -7.66
C LEU A 418 -2.95 29.59 -7.58
N THR A 419 -3.77 29.86 -6.58
CA THR A 419 -4.99 29.09 -6.39
C THR A 419 -6.07 29.53 -7.39
N LEU A 420 -7.07 28.68 -7.57
CA LEU A 420 -8.16 28.96 -8.49
C LEU A 420 -9.13 29.98 -7.88
N PRO A 421 -10.24 30.19 -8.57
CA PRO A 421 -11.25 31.13 -8.10
C PRO A 421 -11.81 30.69 -6.75
N THR A 422 -11.83 31.60 -5.79
CA THR A 422 -12.28 31.26 -4.45
C THR A 422 -13.80 31.10 -4.40
N VAL A 423 -14.54 32.11 -4.83
CA VAL A 423 -16.01 32.10 -4.78
C VAL A 423 -16.50 31.80 -3.37
N GLU A 424 -16.15 32.67 -2.44
CA GLU A 424 -16.50 32.45 -1.03
C GLU A 424 -18.00 32.57 -0.82
N PRO A 425 -18.42 32.27 0.41
CA PRO A 425 -19.85 32.30 0.73
C PRO A 425 -20.39 33.73 0.71
N LEU A 426 -19.59 34.69 1.20
CA LEU A 426 -20.00 36.09 1.29
C LEU A 426 -21.30 36.23 2.08
N SER A 427 -21.27 35.81 3.34
CA SER A 427 -22.45 35.85 4.20
C SER A 427 -22.90 37.27 4.48
N PHE A 436 -29.95 38.15 9.04
CA PHE A 436 -29.06 39.14 8.45
C PHE A 436 -29.03 40.41 9.28
N SER A 437 -28.06 41.27 8.99
CA SER A 437 -27.89 42.49 9.77
C SER A 437 -28.97 43.52 9.43
N LYS A 438 -29.38 44.28 10.44
CA LYS A 438 -30.34 45.37 10.29
C LYS A 438 -31.66 44.89 9.68
N ILE A 439 -32.26 43.90 10.32
CA ILE A 439 -33.56 43.37 9.94
C ILE A 439 -34.58 43.93 10.94
N ALA A 440 -35.83 43.47 10.84
CA ALA A 440 -36.93 43.93 11.71
C ALA A 440 -36.49 43.74 13.16
N HIS A 441 -36.27 42.52 13.64
CA HIS A 441 -35.80 42.30 14.99
C HIS A 441 -34.43 41.62 14.94
N TYR A 442 -33.42 42.27 15.50
CA TYR A 442 -32.05 41.79 15.45
C TYR A 442 -31.39 41.94 16.81
N GLN A 443 -30.57 40.96 17.17
CA GLN A 443 -29.78 41.00 18.40
C GLN A 443 -28.35 40.61 18.07
N ALA A 444 -27.39 41.25 18.73
CA ALA A 444 -25.99 41.05 18.39
C ALA A 444 -25.47 39.71 18.93
N ASN A 445 -25.89 39.34 20.14
CA ASN A 445 -25.34 38.14 20.76
C ASN A 445 -25.82 36.87 20.08
N ARG A 446 -26.99 36.90 19.45
CA ARG A 446 -27.57 35.73 18.81
C ARG A 446 -27.21 35.62 17.34
N ALA A 447 -26.23 36.39 16.87
CA ALA A 447 -25.88 36.41 15.46
C ALA A 447 -25.62 35.00 14.92
N LEU A 448 -24.64 34.31 15.51
CA LEU A 448 -24.36 32.94 15.11
C LEU A 448 -25.60 32.06 15.20
N VAL A 449 -26.42 32.26 16.24
CA VAL A 449 -27.64 31.49 16.38
C VAL A 449 -28.51 31.61 15.14
N TYR A 450 -28.62 32.83 14.60
CA TYR A 450 -29.33 33.02 13.35
C TYR A 450 -28.79 32.10 12.26
N LYS A 451 -27.47 32.12 12.05
CA LYS A 451 -26.88 31.18 11.11
C LYS A 451 -27.19 29.74 11.51
N ASN A 452 -27.11 29.45 12.81
CA ASN A 452 -27.39 28.09 13.28
C ASN A 452 -28.82 27.67 12.97
N ILE A 453 -29.72 28.65 12.79
CA ILE A 453 -31.09 28.30 12.42
C ILE A 453 -31.33 28.41 10.93
N GLU A 454 -30.42 29.07 10.19
CA GLU A 454 -30.58 29.19 8.75
C GLU A 454 -30.52 27.82 8.09
N LYS A 455 -29.72 26.91 8.64
CA LYS A 455 -29.67 25.55 8.11
C LYS A 455 -30.98 24.81 8.37
N LEU A 456 -31.73 25.24 9.38
CA LEU A 456 -32.97 24.55 9.72
C LEU A 456 -34.12 25.01 8.85
N LEU A 457 -34.10 26.27 8.42
CA LEU A 457 -35.16 26.85 7.59
C LEU A 457 -34.58 27.41 6.30
N PRO A 458 -34.25 26.53 5.35
CA PRO A 458 -33.86 27.03 4.02
C PRO A 458 -35.08 27.48 3.24
N PHE A 459 -34.84 28.37 2.27
CA PHE A 459 -35.89 28.91 1.42
C PHE A 459 -36.94 29.65 2.23
N TYR A 460 -36.49 30.42 3.23
CA TYR A 460 -37.38 31.18 4.08
C TYR A 460 -36.87 32.60 4.23
N ASN A 461 -37.78 33.51 4.60
CA ASN A 461 -37.42 34.91 4.73
C ASN A 461 -36.46 35.11 5.90
N LYS A 462 -35.63 36.16 5.78
CA LYS A 462 -34.73 36.51 6.88
C LYS A 462 -35.52 36.93 8.11
N SER A 463 -36.68 37.55 7.90
CA SER A 463 -37.53 37.95 9.03
C SER A 463 -37.99 36.73 9.82
N THR A 464 -38.46 35.69 9.13
CA THR A 464 -38.83 34.46 9.81
C THR A 464 -37.62 33.83 10.49
N ILE A 465 -36.44 33.93 9.86
CA ILE A 465 -35.23 33.38 10.45
C ILE A 465 -34.94 34.03 11.78
N VAL A 466 -34.95 35.37 11.84
CA VAL A 466 -34.63 36.04 13.09
C VAL A 466 -35.75 35.86 14.11
N LYS A 467 -37.00 35.78 13.64
CA LYS A 467 -38.12 35.57 14.55
C LYS A 467 -38.02 34.21 15.24
N TYR A 468 -37.57 33.18 14.50
CA TYR A 468 -37.41 31.87 15.12
C TYR A 468 -36.10 31.77 15.90
N GLY A 469 -35.10 32.58 15.52
CA GLY A 469 -33.87 32.60 16.29
C GLY A 469 -34.04 33.24 17.65
N ASN A 470 -34.91 34.24 17.74
CA ASN A 470 -35.20 34.84 19.04
C ASN A 470 -35.85 33.84 20.00
N LEU A 471 -36.50 32.82 19.46
CA LEU A 471 -37.15 31.80 20.27
C LEU A 471 -36.18 30.79 20.86
N VAL A 472 -34.93 30.77 20.39
CA VAL A 472 -33.95 29.83 20.92
C VAL A 472 -33.55 30.22 22.33
N LYS A 473 -33.32 29.23 23.18
CA LYS A 473 -32.96 29.45 24.57
C LYS A 473 -31.49 29.13 24.78
N GLU A 474 -30.95 29.63 25.90
CA GLU A 474 -29.53 29.43 26.19
C GLU A 474 -29.25 28.01 26.67
N ASN A 475 -30.24 27.37 27.30
CA ASN A 475 -30.01 26.04 27.84
C ASN A 475 -29.82 25.01 26.73
N SER A 476 -30.42 25.24 25.57
CA SER A 476 -30.30 24.31 24.46
C SER A 476 -28.90 24.38 23.86
N LEU A 477 -28.60 23.39 23.01
CA LEU A 477 -27.28 23.25 22.40
C LEU A 477 -27.18 23.94 21.05
N LEU A 478 -28.07 24.89 20.76
CA LEU A 478 -28.03 25.62 19.49
C LEU A 478 -27.07 26.80 19.52
N TYR A 479 -26.26 26.94 20.58
CA TYR A 479 -25.31 28.03 20.68
C TYR A 479 -23.93 27.67 20.15
N GLN A 480 -23.75 26.48 19.59
CA GLN A 480 -22.52 26.09 18.92
C GLN A 480 -22.73 26.13 17.41
N LYS A 481 -21.62 26.22 16.67
CA LYS A 481 -21.71 26.21 15.22
C LYS A 481 -22.29 24.88 14.74
N GLU A 482 -23.26 24.96 13.84
CA GLU A 482 -24.04 23.80 13.42
C GLU A 482 -23.87 23.56 11.93
N LEU A 483 -23.63 22.31 11.56
CA LEU A 483 -23.64 21.91 10.16
C LEU A 483 -25.04 21.44 9.77
N LEU A 484 -25.18 21.01 8.52
CA LEU A 484 -26.50 20.60 8.04
C LEU A 484 -26.98 19.36 8.77
N SER A 485 -28.27 19.34 9.08
CA SER A 485 -28.86 18.25 9.83
C SER A 485 -29.32 17.14 8.91
N ALA A 486 -29.74 16.03 9.50
CA ALA A 486 -30.23 14.88 8.75
C ALA A 486 -31.51 14.36 9.39
N VAL A 487 -32.58 14.28 8.61
CA VAL A 487 -33.84 13.75 9.10
C VAL A 487 -33.81 12.23 8.97
N MET A 488 -34.23 11.53 10.03
CA MET A 488 -34.20 10.07 10.04
C MET A 488 -35.41 9.52 10.77
N MET A 489 -35.87 8.35 10.32
CA MET A 489 -37.01 7.66 10.92
C MET A 489 -36.50 6.37 11.54
N LYS A 490 -36.22 6.42 12.85
CA LYS A 490 -35.71 5.27 13.60
C LYS A 490 -34.41 4.73 13.00
N ASP A 491 -33.42 5.61 12.90
CA ASP A 491 -32.09 5.26 12.40
C ASP A 491 -32.16 4.70 10.98
N ASP A 492 -32.68 5.51 10.06
CA ASP A 492 -32.84 5.11 8.67
C ASP A 492 -32.30 6.14 7.68
N GLN A 493 -32.10 7.38 8.10
CA GLN A 493 -31.60 8.44 7.22
C GLN A 493 -32.51 8.62 6.00
N VAL A 494 -33.75 9.06 6.27
CA VAL A 494 -34.74 9.17 5.21
C VAL A 494 -34.35 10.29 4.26
N ILE A 495 -34.52 10.05 2.97
CA ILE A 495 -34.23 11.05 1.95
C ILE A 495 -35.43 11.38 1.08
N THR A 496 -36.17 10.41 0.58
CA THR A 496 -37.37 10.66 -0.22
C THR A 496 -38.43 11.30 0.67
N ASP A 497 -38.51 12.63 0.56
CA ASP A 497 -39.40 13.38 1.45
C ASP A 497 -40.87 13.17 1.11
N ILE A 498 -41.22 13.28 -0.18
CA ILE A 498 -42.63 13.26 -0.56
C ILE A 498 -43.30 11.94 -0.17
N VAL A 499 -42.50 10.89 0.00
CA VAL A 499 -43.06 9.60 0.41
C VAL A 499 -43.19 9.54 1.92
N SER A 500 -42.23 10.11 2.64
CA SER A 500 -42.20 10.03 4.10
C SER A 500 -42.54 11.34 4.78
N ASN A 501 -43.12 12.31 4.07
CA ASN A 501 -43.48 13.57 4.71
C ASN A 501 -44.79 13.44 5.49
N LYS A 502 -45.76 12.70 4.95
CA LYS A 502 -47.02 12.52 5.66
C LYS A 502 -46.82 11.72 6.94
N GLN A 503 -46.05 10.63 6.87
CA GLN A 503 -45.64 9.94 8.07
C GLN A 503 -44.71 10.84 8.87
N THR A 504 -45.03 11.02 10.16
CA THR A 504 -44.21 11.86 11.01
C THR A 504 -42.82 11.25 11.17
N ALA A 505 -41.84 11.86 10.51
CA ALA A 505 -40.46 11.44 10.69
C ALA A 505 -40.08 11.55 12.16
N ASN A 506 -39.45 10.50 12.68
CA ASN A 506 -39.29 10.40 14.13
C ASN A 506 -38.25 11.39 14.66
N LYS A 507 -37.06 11.43 14.06
CA LYS A 507 -35.97 12.18 14.64
C LYS A 507 -35.31 13.07 13.60
N LEU A 508 -34.69 14.14 14.08
CA LEU A 508 -33.79 14.98 13.31
C LEU A 508 -32.47 15.06 14.04
N LEU A 509 -31.40 14.61 13.38
CA LEU A 509 -30.06 14.60 13.97
C LEU A 509 -29.35 15.86 13.53
N LEU A 510 -29.13 16.77 14.48
CA LEU A 510 -28.31 17.95 14.25
C LEU A 510 -26.86 17.60 14.49
N HIS A 511 -26.00 17.90 13.52
CA HIS A 511 -24.57 17.63 13.59
C HIS A 511 -23.84 18.94 13.76
N TYR A 512 -23.36 19.21 14.98
CA TYR A 512 -22.70 20.46 15.29
C TYR A 512 -21.25 20.43 14.85
N ASN A 513 -20.63 21.61 14.84
CA ASN A 513 -19.22 21.71 14.48
C ASN A 513 -18.30 21.07 15.50
N ASP A 514 -18.79 20.77 16.70
CA ASP A 514 -18.03 20.04 17.70
C ASP A 514 -18.03 18.54 17.44
N HIS A 515 -18.44 18.11 16.25
CA HIS A 515 -18.58 16.69 15.93
C HIS A 515 -19.51 16.00 16.92
N SER A 516 -20.57 16.70 17.31
CA SER A 516 -21.57 16.18 18.25
C SER A 516 -22.90 16.03 17.53
N SER A 517 -23.61 14.95 17.86
CA SER A 517 -24.90 14.64 17.27
C SER A 517 -25.99 14.79 18.33
N GLU A 518 -27.01 15.57 18.03
CA GLU A 518 -28.10 15.85 18.95
C GLU A 518 -29.43 15.55 18.27
N LYS A 519 -30.24 14.71 18.89
CA LYS A 519 -31.48 14.24 18.29
C LYS A 519 -32.66 15.05 18.83
N PHE A 520 -33.46 15.60 17.91
CA PHE A 520 -34.70 16.28 18.26
C PHE A 520 -35.88 15.48 17.71
N ASP A 521 -37.00 15.54 18.42
CA ASP A 521 -38.22 14.92 17.93
C ASP A 521 -38.85 15.77 16.85
N LEU A 522 -39.43 15.12 15.85
CA LEU A 522 -40.12 15.79 14.75
C LEU A 522 -41.57 15.32 14.68
N LYS A 523 -42.45 16.22 14.23
CA LYS A 523 -43.83 15.89 13.95
C LYS A 523 -44.31 16.74 12.80
N TYR A 524 -45.10 16.14 11.91
CA TYR A 524 -45.64 16.84 10.75
C TYR A 524 -46.71 17.85 11.18
N GLN A 525 -46.24 18.87 11.91
CA GLN A 525 -47.17 19.81 12.53
C GLN A 525 -47.81 20.73 11.50
N THR A 526 -47.09 21.77 11.07
CA THR A 526 -47.59 22.69 10.07
C THR A 526 -47.42 22.06 8.69
N ASP A 527 -48.49 22.03 7.92
CA ASP A 527 -48.52 21.31 6.65
C ASP A 527 -48.73 22.29 5.50
N PHE A 528 -47.72 22.38 4.64
CA PHE A 528 -47.82 23.13 3.39
C PHE A 528 -47.57 22.18 2.23
N ALA A 529 -48.40 22.28 1.19
CA ALA A 529 -48.17 21.50 -0.01
C ALA A 529 -46.94 22.01 -0.76
N ASN A 530 -46.64 23.30 -0.61
CA ASN A 530 -45.48 23.89 -1.28
C ASN A 530 -44.19 23.40 -0.64
N LEU A 531 -44.10 23.50 0.68
CA LEU A 531 -42.87 23.18 1.41
C LEU A 531 -43.22 22.61 2.77
N ALA A 532 -42.80 21.38 3.02
CA ALA A 532 -43.14 20.70 4.26
C ALA A 532 -42.52 21.43 5.45
N GLU A 533 -43.21 21.37 6.59
CA GLU A 533 -42.77 22.02 7.81
C GLU A 533 -42.82 21.02 8.97
N TYR A 534 -41.97 21.23 9.97
CA TYR A 534 -41.91 20.37 11.14
C TYR A 534 -41.62 21.20 12.38
N ASN A 535 -41.96 20.64 13.53
CA ASN A 535 -41.69 21.27 14.82
C ASN A 535 -40.64 20.46 15.57
N LEU A 536 -39.88 21.14 16.43
CA LEU A 536 -38.74 20.54 17.12
C LEU A 536 -38.97 20.58 18.62
N GLY A 537 -39.54 19.51 19.16
CA GLY A 537 -39.72 19.36 20.59
C GLY A 537 -40.56 20.48 21.19
N ASN A 538 -40.28 20.76 22.46
CA ASN A 538 -40.98 21.82 23.18
C ASN A 538 -40.41 23.20 22.91
N THR A 539 -39.28 23.30 22.23
CA THR A 539 -38.69 24.60 21.94
C THR A 539 -39.52 25.38 20.94
N GLY A 540 -40.31 24.68 20.12
CA GLY A 540 -41.15 25.32 19.12
C GLY A 540 -40.43 25.72 17.86
N LEU A 541 -39.14 25.42 17.73
CA LEU A 541 -38.40 25.77 16.53
C LEU A 541 -38.96 25.00 15.33
N LEU A 542 -38.96 25.65 14.17
CA LEU A 542 -39.49 25.07 12.95
C LEU A 542 -38.36 24.46 12.14
N TYR A 543 -38.61 23.28 11.56
CA TYR A 543 -37.68 22.65 10.64
C TYR A 543 -38.42 22.30 9.35
N THR A 544 -37.76 22.53 8.22
CA THR A 544 -38.31 22.24 6.92
C THR A 544 -37.28 21.52 6.06
N PRO A 545 -37.66 20.50 5.32
CA PRO A 545 -36.70 19.83 4.43
C PRO A 545 -36.35 20.72 3.25
N ASN A 546 -35.16 20.48 2.69
CA ASN A 546 -34.65 21.28 1.58
C ASN A 546 -35.12 20.72 0.25
N GLN A 547 -36.44 20.62 0.10
CA GLN A 547 -37.04 20.13 -1.14
C GLN A 547 -38.48 20.60 -1.21
N PHE A 548 -38.94 20.93 -2.42
CA PHE A 548 -40.23 21.54 -2.64
C PHE A 548 -41.34 20.51 -2.87
N LEU A 549 -41.04 19.23 -2.75
CA LEU A 549 -42.05 18.17 -2.87
C LEU A 549 -42.77 18.22 -4.22
N TYR A 550 -41.98 18.30 -5.30
CA TYR A 550 -42.56 18.30 -6.64
C TYR A 550 -43.00 16.88 -7.01
N ASP A 551 -43.57 16.77 -8.22
CA ASP A 551 -44.09 15.50 -8.72
C ASP A 551 -42.93 14.67 -9.27
N ARG A 552 -42.38 13.81 -8.41
CA ARG A 552 -41.28 12.94 -8.84
C ARG A 552 -41.76 11.87 -9.80
N ASP A 553 -43.05 11.54 -9.77
CA ASP A 553 -43.57 10.44 -10.57
C ASP A 553 -43.47 10.74 -12.06
N SER A 554 -43.66 12.01 -12.43
CA SER A 554 -43.55 12.40 -13.84
C SER A 554 -42.14 12.16 -14.37
N ILE A 555 -41.13 12.38 -13.53
CA ILE A 555 -39.75 12.14 -13.94
C ILE A 555 -39.44 10.65 -13.92
N VAL A 556 -39.95 9.93 -12.92
CA VAL A 556 -39.66 8.51 -12.77
C VAL A 556 -40.24 7.72 -13.92
N LYS A 557 -41.54 7.90 -14.19
CA LYS A 557 -42.18 7.14 -15.26
C LYS A 557 -41.47 7.34 -16.59
N GLU A 558 -40.75 8.45 -16.74
CA GLU A 558 -40.04 8.71 -17.99
C GLU A 558 -38.66 8.09 -17.99
N VAL A 559 -37.90 8.27 -16.91
CA VAL A 559 -36.47 7.96 -16.95
C VAL A 559 -36.21 6.51 -16.54
N LEU A 560 -37.11 5.92 -15.74
CA LEU A 560 -36.88 4.56 -15.24
C LEU A 560 -36.87 3.50 -16.35
N PRO A 561 -37.79 3.49 -17.31
CA PRO A 561 -37.74 2.41 -18.32
C PRO A 561 -36.48 2.41 -19.17
N GLU A 562 -35.95 3.59 -19.51
CA GLU A 562 -34.73 3.64 -20.30
C GLU A 562 -33.54 3.17 -19.48
N LEU A 563 -33.46 3.57 -18.21
CA LEU A 563 -32.38 3.12 -17.34
C LEU A 563 -32.44 1.62 -17.10
N GLN A 564 -33.64 1.03 -17.23
CA GLN A 564 -33.79 -0.39 -16.93
C GLN A 564 -33.12 -1.27 -17.96
N LYS A 565 -33.14 -0.85 -19.22
CA LYS A 565 -32.59 -1.66 -20.33
C LYS A 565 -31.11 -1.37 -20.53
N LEU A 566 -30.31 -1.81 -19.57
CA LEU A 566 -28.86 -1.69 -19.64
C LEU A 566 -28.22 -3.01 -19.19
N ASP A 567 -27.08 -3.32 -19.80
CA ASP A 567 -26.34 -4.54 -19.49
C ASP A 567 -24.92 -4.20 -19.10
N TYR A 568 -24.36 -5.01 -18.19
CA TYR A 568 -23.01 -4.75 -17.72
C TYR A 568 -21.98 -4.99 -18.81
N GLN A 569 -22.21 -6.00 -19.65
CA GLN A 569 -21.29 -6.33 -20.75
C GLN A 569 -21.70 -5.65 -22.05
N SER A 570 -22.51 -4.61 -22.00
CA SER A 570 -22.95 -3.93 -23.21
C SER A 570 -21.86 -2.98 -23.73
N ASP A 571 -22.10 -2.45 -24.93
CA ASP A 571 -21.14 -1.54 -25.53
C ASP A 571 -21.27 -0.13 -24.97
N ALA A 572 -22.45 0.22 -24.46
CA ALA A 572 -22.66 1.55 -23.90
C ALA A 572 -21.80 1.77 -22.66
N ILE A 573 -21.79 0.79 -21.76
CA ILE A 573 -20.96 0.89 -20.55
C ILE A 573 -19.48 0.94 -20.93
N ARG A 574 -19.06 0.07 -21.84
CA ARG A 574 -17.65 0.03 -22.24
C ARG A 574 -17.24 1.33 -22.91
N LYS A 575 -18.17 1.99 -23.60
CA LYS A 575 -17.85 3.27 -24.22
C LYS A 575 -17.79 4.38 -23.18
N THR A 576 -18.71 4.36 -22.21
CA THR A 576 -18.69 5.36 -21.15
C THR A 576 -17.40 5.28 -20.34
N LEU A 577 -16.94 4.05 -20.04
CA LEU A 577 -15.64 3.89 -19.43
C LEU A 577 -14.56 4.02 -20.50
N GLY A 578 -13.32 4.22 -20.04
CA GLY A 578 -12.19 4.28 -20.94
C GLY A 578 -11.58 2.91 -21.18
N ILE A 579 -12.31 2.04 -21.87
CA ILE A 579 -11.94 0.63 -22.02
C ILE A 579 -11.91 0.28 -23.50
N SER A 580 -10.83 -0.35 -23.93
CA SER A 580 -10.74 -0.93 -25.26
C SER A 580 -11.38 -2.32 -25.27
N PRO A 581 -11.88 -2.75 -26.43
CA PRO A 581 -12.63 -4.03 -26.45
C PRO A 581 -11.81 -5.24 -26.00
N GLU A 582 -10.49 -5.10 -25.88
CA GLU A 582 -9.67 -6.25 -25.50
C GLU A 582 -9.76 -6.52 -24.00
N VAL A 583 -9.52 -5.51 -23.17
CA VAL A 583 -9.46 -5.72 -21.72
C VAL A 583 -10.86 -5.99 -21.18
N LYS A 584 -10.92 -6.73 -20.08
CA LYS A 584 -12.18 -7.14 -19.47
C LYS A 584 -12.55 -6.21 -18.32
N LEU A 585 -13.81 -6.31 -17.90
CA LEU A 585 -14.34 -5.55 -16.77
C LEU A 585 -14.27 -6.34 -15.47
N THR A 586 -13.43 -7.38 -15.41
CA THR A 586 -13.36 -8.20 -14.20
C THR A 586 -12.69 -7.44 -13.05
N GLU A 587 -11.89 -6.43 -13.37
CA GLU A 587 -11.17 -5.70 -12.32
C GLU A 587 -12.09 -4.74 -11.58
N LEU A 588 -13.25 -4.43 -12.17
CA LEU A 588 -14.20 -3.55 -11.50
C LEU A 588 -14.87 -4.25 -10.32
N TYR A 589 -15.24 -5.53 -10.50
CA TYR A 589 -15.88 -6.32 -9.45
C TYR A 589 -17.21 -5.71 -9.01
N LEU A 590 -17.97 -5.15 -9.95
CA LEU A 590 -19.24 -4.51 -9.64
C LEU A 590 -20.43 -5.17 -10.31
N GLU A 591 -20.24 -6.34 -10.92
CA GLU A 591 -21.33 -6.97 -11.69
C GLU A 591 -22.51 -7.31 -10.79
N ASP A 592 -22.25 -7.99 -9.67
CA ASP A 592 -23.33 -8.34 -8.75
C ASP A 592 -24.05 -7.09 -8.26
N GLN A 593 -23.31 -6.09 -7.82
CA GLN A 593 -23.95 -4.86 -7.35
C GLN A 593 -24.58 -4.10 -8.50
N PHE A 594 -24.05 -4.25 -9.71
CA PHE A 594 -24.70 -3.67 -10.88
C PHE A 594 -26.10 -4.23 -11.04
N SER A 595 -26.23 -5.56 -11.04
CA SER A 595 -27.55 -6.18 -11.15
C SER A 595 -28.44 -5.75 -9.99
N LYS A 596 -27.89 -5.75 -8.78
CA LYS A 596 -28.68 -5.41 -7.59
C LYS A 596 -29.23 -4.00 -7.69
N THR A 597 -28.39 -3.02 -8.03
CA THR A 597 -28.87 -1.66 -8.23
C THR A 597 -29.81 -1.57 -9.42
N LYS A 598 -29.70 -2.52 -10.36
CA LYS A 598 -30.61 -2.54 -11.50
C LYS A 598 -32.02 -2.95 -11.07
N GLN A 599 -32.14 -3.93 -10.18
CA GLN A 599 -33.49 -4.31 -9.74
C GLN A 599 -34.17 -3.17 -8.99
N ASN A 600 -33.61 -2.76 -7.85
CA ASN A 600 -34.22 -1.75 -7.00
C ASN A 600 -33.83 -0.34 -7.42
N LEU A 601 -33.93 -0.03 -8.71
CA LEU A 601 -33.53 1.29 -9.19
C LEU A 601 -34.53 2.35 -8.75
N GLY A 602 -35.78 1.95 -8.48
CA GLY A 602 -36.81 2.93 -8.16
C GLY A 602 -36.51 3.71 -6.90
N ASP A 603 -36.17 3.02 -5.81
CA ASP A 603 -35.94 3.71 -4.54
C ASP A 603 -34.75 4.64 -4.62
N SER A 604 -33.63 4.15 -5.15
CA SER A 604 -32.42 4.97 -5.25
C SER A 604 -32.65 6.17 -6.16
N LEU A 605 -33.36 5.98 -7.27
CA LEU A 605 -33.60 7.08 -8.18
C LEU A 605 -34.55 8.11 -7.57
N LYS A 606 -35.53 7.66 -6.78
CA LYS A 606 -36.41 8.60 -6.09
C LYS A 606 -35.63 9.40 -5.05
N LYS A 607 -34.75 8.73 -4.29
CA LYS A 607 -33.92 9.46 -3.33
C LYS A 607 -33.03 10.48 -4.04
N LEU A 608 -32.48 10.10 -5.20
CA LEU A 608 -31.62 11.01 -5.95
C LEU A 608 -32.40 12.23 -6.42
N LEU A 609 -33.58 12.02 -7.01
CA LEU A 609 -34.40 13.14 -7.46
C LEU A 609 -34.85 13.99 -6.28
N SER A 610 -34.98 13.38 -5.10
CA SER A 610 -35.39 14.14 -3.92
C SER A 610 -34.27 15.02 -3.41
N ALA A 611 -33.04 14.50 -3.38
CA ALA A 611 -31.91 15.25 -2.85
C ALA A 611 -31.19 16.11 -3.89
N ASP A 612 -31.60 16.04 -5.15
CA ASP A 612 -30.87 16.76 -6.20
C ASP A 612 -31.03 18.27 -6.05
N ALA A 613 -32.17 18.81 -6.47
CA ALA A 613 -32.35 20.26 -6.46
C ALA A 613 -33.81 20.58 -6.17
N GLY A 614 -34.03 21.79 -5.68
CA GLY A 614 -35.37 22.23 -5.33
C GLY A 614 -36.14 22.78 -6.53
N LEU A 615 -37.14 22.03 -6.99
CA LEU A 615 -37.94 22.43 -8.12
C LEU A 615 -39.19 23.16 -7.63
N ALA A 616 -39.21 24.48 -7.81
CA ALA A 616 -40.37 25.29 -7.48
C ALA A 616 -41.24 25.56 -8.70
N ALA A 617 -41.27 24.64 -9.67
CA ALA A 617 -41.93 24.84 -10.95
C ALA A 617 -42.99 23.77 -11.17
N ASP A 618 -44.20 24.21 -11.50
CA ASP A 618 -45.23 23.30 -11.99
C ASP A 618 -45.15 23.09 -13.50
N ASN A 619 -44.47 23.97 -14.22
CA ASN A 619 -44.25 23.77 -15.64
C ASN A 619 -43.26 22.65 -15.87
N SER A 620 -43.48 21.88 -16.93
CA SER A 620 -42.71 20.68 -17.19
C SER A 620 -41.33 20.96 -17.75
N VAL A 621 -40.90 22.23 -17.79
CA VAL A 621 -39.58 22.54 -18.36
C VAL A 621 -38.47 22.08 -17.41
N THR A 622 -38.63 22.33 -16.11
CA THR A 622 -37.59 21.93 -15.16
C THR A 622 -37.56 20.42 -14.98
N ARG A 623 -38.73 19.77 -14.92
CA ARG A 623 -38.76 18.32 -14.86
C ARG A 623 -38.21 17.71 -16.14
N GLY A 624 -38.43 18.36 -17.28
CA GLY A 624 -37.82 17.90 -18.51
C GLY A 624 -36.31 18.06 -18.50
N TYR A 625 -35.82 19.12 -17.87
CA TYR A 625 -34.38 19.28 -17.72
C TYR A 625 -33.78 18.19 -16.86
N LEU A 626 -34.44 17.86 -15.74
CA LEU A 626 -33.99 16.74 -14.92
C LEU A 626 -34.02 15.44 -15.70
N VAL A 627 -35.08 15.22 -16.47
CA VAL A 627 -35.19 14.00 -17.27
C VAL A 627 -34.06 13.92 -18.28
N ASP A 628 -33.74 15.03 -18.93
CA ASP A 628 -32.66 15.04 -19.91
C ASP A 628 -31.31 14.82 -19.26
N LYS A 629 -31.10 15.41 -18.08
CA LYS A 629 -29.83 15.23 -17.39
C LYS A 629 -29.65 13.79 -16.93
N ILE A 630 -30.75 13.13 -16.57
CA ILE A 630 -30.66 11.75 -16.11
C ILE A 630 -30.55 10.79 -17.30
N LYS A 631 -31.09 11.17 -18.45
CA LYS A 631 -31.08 10.28 -19.60
C LYS A 631 -29.79 10.38 -20.40
N ASN A 632 -29.27 11.60 -20.57
CA ASN A 632 -28.08 11.78 -21.40
C ASN A 632 -26.87 11.07 -20.80
N ASN A 633 -26.80 11.01 -19.47
CA ASN A 633 -25.71 10.33 -18.77
C ASN A 633 -26.21 9.10 -18.02
N LYS A 634 -27.03 8.28 -18.68
CA LYS A 634 -27.62 7.12 -18.03
C LYS A 634 -26.54 6.12 -17.62
N GLU A 635 -25.59 5.83 -18.51
CA GLU A 635 -24.54 4.87 -18.19
C GLU A 635 -23.65 5.38 -17.07
N ALA A 636 -23.24 6.64 -17.12
CA ALA A 636 -22.41 7.20 -16.07
C ALA A 636 -23.16 7.24 -14.74
N LEU A 637 -24.43 7.65 -14.77
CA LEU A 637 -25.23 7.66 -13.56
C LEU A 637 -25.33 6.27 -12.95
N LEU A 638 -25.56 5.25 -13.78
CA LEU A 638 -25.73 3.90 -13.26
C LEU A 638 -24.40 3.35 -12.73
N LEU A 639 -23.30 3.67 -13.39
CA LEU A 639 -22.00 3.23 -12.89
C LEU A 639 -21.66 3.89 -11.56
N GLY A 640 -21.94 5.19 -11.43
CA GLY A 640 -21.72 5.85 -10.15
C GLY A 640 -22.61 5.29 -9.05
N LEU A 641 -23.87 5.01 -9.39
CA LEU A 641 -24.80 4.47 -8.41
C LEU A 641 -24.38 3.07 -7.97
N THR A 642 -23.80 2.29 -8.90
CA THR A 642 -23.31 0.97 -8.54
C THR A 642 -22.06 1.06 -7.68
N TYR A 643 -21.12 1.92 -8.06
CA TYR A 643 -19.86 2.02 -7.32
C TYR A 643 -20.09 2.55 -5.91
N LEU A 644 -20.92 3.58 -5.76
CA LEU A 644 -21.13 4.16 -4.44
C LEU A 644 -21.88 3.21 -3.53
N GLU A 645 -22.82 2.44 -4.08
CA GLU A 645 -23.57 1.51 -3.24
C GLU A 645 -22.76 0.26 -2.92
N ARG A 646 -21.82 -0.11 -3.79
CA ARG A 646 -21.06 -1.32 -3.57
C ARG A 646 -20.08 -1.17 -2.43
N TRP A 647 -19.27 -0.12 -2.44
CA TRP A 647 -18.18 0.03 -1.49
C TRP A 647 -18.52 0.94 -0.31
N TYR A 648 -19.75 1.45 -0.23
CA TYR A 648 -20.15 2.33 0.86
C TYR A 648 -21.52 1.88 1.37
N ASN A 649 -21.54 0.79 2.13
CA ASN A 649 -22.75 0.28 2.76
C ASN A 649 -22.37 -0.42 4.07
N PHE A 650 -21.71 0.34 4.95
CA PHE A 650 -21.31 -0.14 6.26
C PHE A 650 -22.04 0.65 7.32
N ASN A 651 -22.52 -0.04 8.36
CA ASN A 651 -23.42 0.54 9.34
C ASN A 651 -22.63 1.07 10.53
N TYR A 652 -22.99 2.27 10.98
CA TYR A 652 -22.53 2.78 12.27
C TYR A 652 -23.61 2.50 13.30
N GLY A 653 -23.51 1.36 13.97
CA GLY A 653 -24.59 0.96 14.87
C GLY A 653 -25.79 0.51 14.05
N GLN A 654 -26.83 1.34 14.05
CA GLN A 654 -28.03 1.08 13.26
C GLN A 654 -28.23 2.09 12.14
N VAL A 655 -27.21 2.85 11.78
CA VAL A 655 -27.29 3.87 10.75
C VAL A 655 -26.38 3.47 9.59
N ASN A 656 -26.97 3.29 8.41
CA ASN A 656 -26.22 2.90 7.23
C ASN A 656 -25.83 4.15 6.44
N VAL A 657 -24.53 4.33 6.21
CA VAL A 657 -24.03 5.52 5.52
C VAL A 657 -24.15 5.40 4.00
N LYS A 658 -24.77 4.35 3.48
CA LYS A 658 -25.03 4.29 2.05
C LYS A 658 -25.95 5.42 1.62
N ASP A 659 -26.81 5.89 2.52
CA ASP A 659 -27.69 7.01 2.21
C ASP A 659 -27.05 8.34 2.59
N LEU A 660 -26.10 8.33 3.53
CA LEU A 660 -25.47 9.55 4.00
C LEU A 660 -24.22 9.93 3.23
N VAL A 661 -23.67 9.03 2.42
CA VAL A 661 -22.51 9.32 1.59
C VAL A 661 -22.90 9.55 0.15
N MET A 662 -23.66 8.61 -0.43
CA MET A 662 -24.13 8.78 -1.80
C MET A 662 -25.02 10.01 -1.92
N TYR A 663 -25.96 10.18 -1.00
CA TYR A 663 -26.81 11.34 -0.91
C TYR A 663 -26.48 12.12 0.36
N HIS A 664 -27.21 13.21 0.58
CA HIS A 664 -26.94 14.12 1.70
C HIS A 664 -25.48 14.55 1.74
N PRO A 665 -24.98 15.24 0.71
CA PRO A 665 -23.58 15.65 0.69
C PRO A 665 -23.26 16.82 1.60
N ASP A 666 -24.26 17.42 2.22
CA ASP A 666 -24.07 18.59 3.08
C ASP A 666 -23.86 18.22 4.54
N PHE A 667 -23.76 16.93 4.87
CA PHE A 667 -23.63 16.51 6.26
C PHE A 667 -22.36 17.08 6.89
N PHE A 668 -21.31 17.24 6.09
CA PHE A 668 -20.08 17.86 6.55
C PHE A 668 -20.02 19.35 6.24
N GLY A 669 -21.07 19.91 5.66
CA GLY A 669 -21.06 21.26 5.14
C GLY A 669 -21.01 21.24 3.62
N LYS A 670 -20.84 22.43 3.05
CA LYS A 670 -20.75 22.60 1.60
C LYS A 670 -21.99 22.03 0.91
N GLY A 671 -23.10 22.75 1.04
CA GLY A 671 -24.34 22.35 0.38
C GLY A 671 -24.45 22.78 -1.06
N ASN A 672 -23.40 23.40 -1.61
CA ASN A 672 -23.46 23.87 -2.99
C ASN A 672 -23.47 22.72 -3.99
N THR A 673 -22.82 21.61 -3.64
CA THR A 673 -22.76 20.47 -4.55
C THR A 673 -24.12 19.78 -4.65
N SER A 674 -24.32 19.07 -5.76
CA SER A 674 -25.54 18.32 -6.00
C SER A 674 -25.22 16.83 -6.01
N PRO A 675 -26.05 15.99 -5.39
CA PRO A 675 -25.75 14.55 -5.38
C PRO A 675 -25.84 13.91 -6.76
N LEU A 676 -26.56 14.54 -7.68
CA LEU A 676 -26.61 14.01 -9.04
C LEU A 676 -25.34 14.35 -9.80
N ASP A 677 -24.78 15.54 -9.56
CA ASP A 677 -23.57 15.95 -10.27
C ASP A 677 -22.38 15.08 -9.90
N THR A 678 -22.24 14.75 -8.61
CA THR A 678 -21.11 13.90 -8.21
C THR A 678 -21.25 12.49 -8.76
N LEU A 679 -22.48 12.00 -8.90
CA LEU A 679 -22.68 10.68 -9.50
C LEU A 679 -22.27 10.67 -10.96
N ILE A 680 -22.64 11.71 -11.72
CA ILE A 680 -22.24 11.79 -13.12
C ILE A 680 -20.73 11.94 -13.23
N GLU A 681 -20.12 12.71 -12.32
CA GLU A 681 -18.67 12.88 -12.35
C GLU A 681 -17.96 11.57 -12.04
N LEU A 682 -18.52 10.76 -11.14
CA LEU A 682 -17.89 9.50 -10.79
C LEU A 682 -18.08 8.46 -11.89
N GLY A 683 -19.23 8.50 -12.57
CA GLY A 683 -19.48 7.50 -13.60
C GLY A 683 -18.56 7.66 -14.81
N LYS A 684 -18.44 8.89 -15.32
CA LYS A 684 -17.61 9.17 -16.48
C LYS A 684 -16.16 9.46 -16.13
N SER A 685 -15.74 9.22 -14.89
CA SER A 685 -14.39 9.58 -14.48
C SER A 685 -13.36 8.69 -15.16
N GLY A 686 -13.76 7.50 -15.59
CA GLY A 686 -12.88 6.60 -16.29
C GLY A 686 -12.86 5.22 -15.67
N PHE A 687 -12.07 4.34 -16.28
CA PHE A 687 -11.98 2.96 -15.81
C PHE A 687 -11.10 2.88 -14.56
N ASN A 688 -10.04 3.69 -14.49
CA ASN A 688 -9.11 3.60 -13.37
C ASN A 688 -9.72 4.21 -12.11
N ASN A 689 -10.51 5.27 -12.27
CA ASN A 689 -11.13 5.91 -11.11
C ASN A 689 -12.18 5.00 -10.48
N LEU A 690 -12.99 4.34 -11.31
CA LEU A 690 -13.98 3.40 -10.81
C LEU A 690 -13.39 2.06 -10.40
N LEU A 691 -12.08 1.87 -10.62
CA LEU A 691 -11.45 0.59 -10.30
C LEU A 691 -11.53 0.31 -8.81
N ALA A 692 -11.69 -0.96 -8.46
CA ALA A 692 -11.86 -1.34 -7.06
C ALA A 692 -10.57 -1.15 -6.28
N LYS A 693 -9.42 -1.27 -6.95
CA LYS A 693 -8.14 -1.12 -6.26
C LYS A 693 -7.90 0.30 -5.77
N ASN A 694 -8.52 1.30 -6.41
CA ASN A 694 -8.29 2.70 -6.09
C ASN A 694 -9.44 3.32 -5.32
N ASN A 695 -10.06 2.56 -4.41
CA ASN A 695 -11.21 3.08 -3.67
C ASN A 695 -10.78 4.20 -2.71
N VAL A 696 -9.56 4.13 -2.20
CA VAL A 696 -9.09 5.17 -1.30
C VAL A 696 -8.72 6.43 -2.08
N ASP A 697 -8.25 6.27 -3.31
CA ASP A 697 -7.88 7.42 -4.12
C ASP A 697 -9.08 8.00 -4.85
N THR A 698 -10.08 7.17 -5.13
CA THR A 698 -11.28 7.65 -5.82
C THR A 698 -12.05 8.65 -4.95
N TYR A 699 -12.06 8.41 -3.64
CA TYR A 699 -12.76 9.34 -2.74
C TYR A 699 -12.14 10.72 -2.79
N GLY A 700 -10.81 10.80 -2.71
CA GLY A 700 -10.15 12.09 -2.72
C GLY A 700 -10.36 12.86 -4.02
N ILE A 701 -10.56 12.13 -5.12
CA ILE A 701 -10.70 12.79 -6.42
C ILE A 701 -12.15 13.23 -6.65
N SER A 702 -13.09 12.29 -6.52
CA SER A 702 -14.48 12.54 -6.88
C SER A 702 -15.33 12.97 -5.69
N LEU A 703 -15.40 12.15 -4.64
CA LEU A 703 -16.30 12.45 -3.53
C LEU A 703 -15.77 13.60 -2.67
N ALA A 704 -14.49 13.56 -2.32
CA ALA A 704 -13.92 14.61 -1.50
C ALA A 704 -13.84 15.92 -2.29
N SER A 705 -13.53 17.00 -1.58
CA SER A 705 -13.53 18.36 -2.13
C SER A 705 -14.91 18.77 -2.61
N GLN A 706 -15.90 17.90 -2.41
CA GLN A 706 -17.29 18.18 -2.72
C GLN A 706 -18.23 17.93 -1.56
N HIS A 707 -17.96 16.92 -0.73
CA HIS A 707 -18.72 16.69 0.48
C HIS A 707 -18.19 17.48 1.67
N GLY A 708 -17.08 18.20 1.50
CA GLY A 708 -16.50 18.97 2.56
C GLY A 708 -15.49 18.24 3.42
N ALA A 709 -15.00 17.10 2.96
CA ALA A 709 -14.04 16.29 3.71
C ALA A 709 -12.73 16.21 2.95
N THR A 710 -11.64 15.94 3.70
CA THR A 710 -10.31 15.94 3.08
C THR A 710 -9.95 14.57 2.51
N ASP A 711 -10.29 13.50 3.22
CA ASP A 711 -9.90 12.17 2.80
C ASP A 711 -10.93 11.15 3.28
N LEU A 712 -10.76 9.91 2.82
CA LEU A 712 -11.70 8.85 3.17
C LEU A 712 -11.60 8.49 4.65
N PHE A 713 -10.37 8.40 5.16
CA PHE A 713 -10.18 8.02 6.56
C PHE A 713 -10.68 9.11 7.50
N SER A 714 -10.45 10.37 7.15
CA SER A 714 -11.00 11.46 7.93
C SER A 714 -12.52 11.44 7.88
N THR A 715 -13.10 11.05 6.74
CA THR A 715 -14.54 10.92 6.65
C THR A 715 -15.06 9.83 7.57
N LEU A 716 -14.39 8.68 7.59
CA LEU A 716 -14.80 7.60 8.48
C LEU A 716 -14.68 8.00 9.94
N GLU A 717 -13.61 8.70 10.29
CA GLU A 717 -13.46 9.18 11.66
C GLU A 717 -14.53 10.20 12.01
N HIS A 718 -14.89 11.06 11.06
CA HIS A 718 -15.95 12.03 11.30
C HIS A 718 -17.29 11.34 11.54
N TYR A 719 -17.59 10.33 10.73
CA TYR A 719 -18.85 9.61 10.91
C TYR A 719 -18.85 8.83 12.22
N ARG A 720 -17.68 8.33 12.64
CA ARG A 720 -17.60 7.65 13.92
C ARG A 720 -17.73 8.64 15.08
N LYS A 721 -17.33 9.89 14.87
CA LYS A 721 -17.52 10.90 15.90
C LYS A 721 -18.97 11.34 16.00
N VAL A 722 -19.66 11.41 14.85
CA VAL A 722 -21.07 11.80 14.88
C VAL A 722 -21.94 10.64 15.35
N PHE A 723 -21.92 9.54 14.63
CA PHE A 723 -22.65 8.33 15.00
C PHE A 723 -21.76 7.44 15.84
N LEU A 724 -22.36 6.85 16.87
CA LEU A 724 -21.66 5.95 17.78
C LEU A 724 -20.49 6.67 18.46
N PRO A 725 -20.76 7.58 19.40
CA PRO A 725 -19.67 8.30 20.06
C PRO A 725 -19.01 7.46 21.13
N ASN A 726 -18.05 8.07 21.81
CA ASN A 726 -17.27 7.56 22.96
C ASN A 726 -16.73 6.15 22.78
N THR A 727 -16.66 5.64 21.56
CA THR A 727 -16.09 4.34 21.28
C THR A 727 -14.91 4.48 20.32
N SER A 728 -13.88 3.67 20.53
CA SER A 728 -12.70 3.73 19.69
C SER A 728 -13.05 3.32 18.26
N ASN A 729 -12.40 3.97 17.30
CA ASN A 729 -12.66 3.68 15.89
C ASN A 729 -12.27 2.25 15.56
N ASN A 730 -11.21 1.73 16.18
CA ASN A 730 -10.84 0.33 15.96
C ASN A 730 -11.91 -0.61 16.49
N ASP A 731 -12.56 -0.25 17.60
CA ASP A 731 -13.64 -1.09 18.11
C ASP A 731 -14.82 -1.13 17.16
N TRP A 732 -15.20 0.04 16.61
CA TRP A 732 -16.26 0.05 15.61
C TRP A 732 -15.86 -0.76 14.38
N PHE A 733 -14.59 -0.68 13.99
CA PHE A 733 -14.11 -1.46 12.86
C PHE A 733 -14.27 -2.95 13.14
N LYS A 734 -13.87 -3.40 14.33
CA LYS A 734 -13.97 -4.82 14.66
C LYS A 734 -15.43 -5.25 14.76
N SER A 735 -16.32 -4.35 15.17
CA SER A 735 -17.72 -4.70 15.32
C SER A 735 -18.42 -4.80 13.97
N GLU A 736 -18.13 -3.85 13.06
CA GLU A 736 -18.87 -3.78 11.81
C GLU A 736 -18.40 -4.82 10.81
N THR A 737 -17.08 -4.95 10.63
CA THR A 737 -16.56 -5.85 9.60
C THR A 737 -16.94 -7.30 9.90
N LYS A 738 -17.06 -8.09 8.83
CA LYS A 738 -17.39 -9.50 8.94
C LYS A 738 -16.18 -10.40 8.77
N ALA A 739 -14.97 -9.84 8.72
CA ALA A 739 -13.78 -10.67 8.78
C ALA A 739 -13.47 -11.06 10.22
N TYR A 740 -12.99 -12.28 10.40
CA TYR A 740 -12.64 -12.75 11.74
C TYR A 740 -11.31 -12.12 12.13
N ILE A 741 -11.35 -11.11 12.99
CA ILE A 741 -10.18 -10.36 13.40
C ILE A 741 -9.68 -10.92 14.72
N VAL A 742 -8.43 -11.37 14.75
CA VAL A 742 -7.80 -11.91 15.95
C VAL A 742 -6.56 -11.08 16.25
N GLU A 743 -6.55 -10.45 17.43
CA GLU A 743 -5.45 -9.61 17.87
C GLU A 743 -4.87 -10.19 19.16
N GLU A 744 -3.54 -10.26 19.24
CA GLU A 744 -2.85 -10.81 20.40
C GLU A 744 -1.80 -9.82 20.87
N LYS A 745 -2.03 -9.22 22.04
CA LYS A 745 -1.09 -8.31 22.66
C LYS A 745 -0.05 -9.10 23.43
N SER A 746 1.21 -8.68 23.33
CA SER A 746 2.31 -9.43 23.93
C SER A 746 2.17 -9.47 25.46
N THR A 747 2.82 -10.47 26.06
CA THR A 747 2.66 -10.70 27.49
C THR A 747 3.39 -9.66 28.32
N ILE A 748 4.46 -9.07 27.76
CA ILE A 748 5.20 -8.04 28.49
C ILE A 748 4.28 -6.87 28.79
N GLU A 749 4.33 -6.38 30.03
CA GLU A 749 3.40 -5.34 30.46
C GLU A 749 3.66 -4.03 29.74
N GLU A 750 4.92 -3.70 29.50
CA GLU A 750 5.25 -2.44 28.84
C GLU A 750 4.66 -2.37 27.44
N VAL A 751 4.94 -3.39 26.62
CA VAL A 751 4.42 -3.38 25.26
C VAL A 751 2.92 -3.60 25.25
N LYS A 752 2.39 -4.30 26.26
CA LYS A 752 0.94 -4.46 26.36
C LYS A 752 0.26 -3.12 26.61
N THR A 753 0.88 -2.25 27.40
CA THR A 753 0.34 -0.93 27.61
C THR A 753 0.55 -0.03 26.39
N LYS A 754 1.69 -0.20 25.71
CA LYS A 754 1.98 0.62 24.54
C LYS A 754 1.04 0.30 23.38
N GLN A 755 0.63 -0.96 23.25
CA GLN A 755 -0.22 -1.34 22.12
C GLN A 755 -1.66 -0.88 22.33
N GLY A 756 -2.09 -0.77 23.59
CA GLY A 756 -3.47 -0.42 23.87
C GLY A 756 -3.86 0.94 23.32
N LEU A 757 -2.92 1.88 23.31
CA LEU A 757 -3.19 3.21 22.81
C LEU A 757 -3.45 3.19 21.30
N ALA A 758 -4.09 4.25 20.81
CA ALA A 758 -4.36 4.39 19.39
C ALA A 758 -3.24 5.09 18.64
N GLY A 759 -2.08 5.30 19.29
CA GLY A 759 -0.97 5.97 18.68
C GLY A 759 -0.39 5.25 17.48
N THR A 760 0.05 6.00 16.48
CA THR A 760 0.70 5.40 15.32
C THR A 760 2.01 4.73 15.73
N LYS A 761 2.44 3.76 14.92
CA LYS A 761 3.67 2.98 15.11
C LYS A 761 3.61 2.19 16.41
N TYR A 762 2.44 2.07 17.03
CA TYR A 762 2.31 1.33 18.28
C TYR A 762 0.99 0.62 18.46
N SER A 763 -0.10 1.07 17.85
CA SER A 763 -1.40 0.45 18.07
C SER A 763 -1.46 -0.91 17.39
N ILE A 764 -2.11 -1.87 18.08
CA ILE A 764 -2.35 -3.19 17.50
C ILE A 764 -3.67 -3.25 16.75
N GLY A 765 -4.51 -2.22 16.85
CA GLY A 765 -5.78 -2.26 16.17
C GLY A 765 -5.63 -2.36 14.67
N VAL A 766 -6.52 -3.13 14.05
CA VAL A 766 -6.43 -3.34 12.60
C VAL A 766 -6.69 -2.03 11.86
N TYR A 767 -7.63 -1.23 12.35
CA TYR A 767 -7.94 0.04 11.68
C TYR A 767 -6.80 1.04 11.84
N ASP A 768 -6.12 1.02 12.98
CA ASP A 768 -5.02 1.95 13.19
C ASP A 768 -3.81 1.58 12.33
N ARG A 769 -3.70 0.30 11.94
CA ARG A 769 -2.58 -0.11 11.10
C ARG A 769 -2.91 0.06 9.63
N ILE A 770 -4.12 -0.32 9.21
CA ILE A 770 -4.49 -0.25 7.81
C ILE A 770 -4.57 1.20 7.34
N THR A 771 -5.20 2.05 8.14
CA THR A 771 -5.41 3.44 7.76
C THR A 771 -4.19 4.33 7.98
N SER A 772 -3.10 3.79 8.50
CA SER A 772 -1.91 4.59 8.73
C SER A 772 -1.17 4.82 7.41
N ALA A 773 -0.35 5.86 7.39
CA ALA A 773 0.48 6.13 6.24
C ALA A 773 1.58 5.08 6.13
N THR A 774 2.36 5.18 5.04
CA THR A 774 3.43 4.23 4.72
C THR A 774 2.95 2.80 4.64
N TRP A 775 1.65 2.58 4.53
CA TRP A 775 1.06 1.26 4.36
C TRP A 775 0.73 1.07 2.88
N LYS A 776 1.25 -0.01 2.30
CA LYS A 776 1.14 -0.20 0.85
C LYS A 776 -0.32 -0.35 0.43
N TYR A 777 -1.06 -1.24 1.08
CA TYR A 777 -2.43 -1.55 0.71
C TYR A 777 -3.38 -0.98 1.75
N ARG A 778 -3.42 0.34 1.85
CA ARG A 778 -4.37 1.03 2.71
C ARG A 778 -5.77 1.07 2.11
N ASN A 779 -5.92 0.62 0.87
CA ASN A 779 -7.23 0.47 0.25
C ASN A 779 -7.92 -0.83 0.66
N MET A 780 -7.35 -1.57 1.61
CA MET A 780 -7.95 -2.82 2.05
C MET A 780 -9.05 -2.57 3.08
N VAL A 781 -9.28 -1.31 3.44
CA VAL A 781 -10.28 -1.01 4.47
C VAL A 781 -11.69 -1.08 3.90
N LEU A 782 -11.92 -0.44 2.75
CA LEU A 782 -13.27 -0.35 2.19
C LEU A 782 -13.83 -1.70 1.77
N PRO A 783 -13.07 -2.57 1.11
CA PRO A 783 -13.60 -3.93 0.88
C PRO A 783 -13.83 -4.69 2.17
N LEU A 784 -12.93 -4.56 3.14
CA LEU A 784 -13.06 -5.32 4.38
C LEU A 784 -14.27 -4.87 5.18
N LEU A 785 -14.69 -3.61 5.00
CA LEU A 785 -15.93 -3.15 5.63
C LEU A 785 -17.14 -3.83 5.02
N THR A 786 -17.04 -4.28 3.77
CA THR A 786 -18.19 -4.78 3.03
C THR A 786 -18.17 -6.30 2.84
N LEU A 787 -17.46 -7.03 3.68
CA LEU A 787 -17.48 -8.48 3.59
C LEU A 787 -18.88 -9.00 3.93
N PRO A 788 -19.50 -9.81 3.07
CA PRO A 788 -20.82 -10.34 3.41
C PRO A 788 -20.79 -11.39 4.50
N GLU A 789 -19.86 -12.35 4.43
CA GLU A 789 -19.80 -13.43 5.39
C GLU A 789 -18.40 -13.58 5.96
N ARG A 790 -18.23 -14.42 6.98
CA ARG A 790 -16.92 -14.67 7.59
C ARG A 790 -16.04 -15.41 6.57
N SER A 791 -15.61 -14.67 5.56
CA SER A 791 -14.87 -15.23 4.44
C SER A 791 -13.37 -15.03 4.56
N VAL A 792 -12.90 -14.05 5.34
CA VAL A 792 -11.49 -13.79 5.50
C VAL A 792 -11.18 -13.57 6.97
N PHE A 793 -9.97 -13.95 7.36
CA PHE A 793 -9.49 -13.77 8.73
C PHE A 793 -8.27 -12.87 8.73
N VAL A 794 -8.20 -11.98 9.72
CA VAL A 794 -7.12 -11.01 9.86
C VAL A 794 -6.43 -11.27 11.18
N ILE A 795 -5.22 -11.82 11.11
CA ILE A 795 -4.38 -12.08 12.27
C ILE A 795 -3.48 -10.86 12.47
N SER A 796 -3.89 -9.96 13.36
CA SER A 796 -3.16 -8.72 13.59
C SER A 796 -2.48 -8.79 14.94
N THR A 797 -1.19 -9.11 14.94
CA THR A 797 -0.39 -9.14 16.15
C THR A 797 0.65 -8.04 16.07
N MET A 798 1.46 -7.94 17.12
CA MET A 798 2.59 -7.03 17.11
C MET A 798 3.47 -7.33 15.90
N SER A 799 3.82 -6.30 15.14
CA SER A 799 4.71 -6.36 13.99
C SER A 799 4.24 -7.32 12.90
N SER A 800 2.93 -7.42 12.65
CA SER A 800 2.42 -8.28 11.59
C SER A 800 0.97 -7.93 11.33
N LEU A 801 0.44 -8.44 10.20
CA LEU A 801 -0.93 -8.20 9.78
C LEU A 801 -1.28 -9.19 8.67
N GLY A 802 -1.63 -10.41 9.07
CA GLY A 802 -1.86 -11.47 8.09
C GLY A 802 -3.30 -11.50 7.63
N PHE A 803 -3.50 -11.53 6.32
CA PHE A 803 -4.82 -11.69 5.72
C PHE A 803 -4.89 -13.07 5.07
N GLY A 804 -5.94 -13.83 5.42
CA GLY A 804 -6.12 -15.14 4.85
C GLY A 804 -7.58 -15.40 4.52
N ALA A 805 -7.79 -16.39 3.66
CA ALA A 805 -9.13 -16.76 3.22
C ALA A 805 -9.52 -18.10 3.84
N TYR A 806 -10.82 -18.25 4.10
CA TYR A 806 -11.31 -19.51 4.65
C TYR A 806 -11.22 -20.63 3.63
N ASP A 807 -11.36 -20.30 2.34
CA ASP A 807 -11.35 -21.34 1.30
C ASP A 807 -9.97 -21.96 1.15
N ARG A 808 -8.94 -21.35 1.76
CA ARG A 808 -7.60 -21.92 1.67
C ARG A 808 -7.51 -23.24 2.43
N TYR A 809 -8.28 -23.38 3.50
CA TYR A 809 -8.21 -24.57 4.33
C TYR A 809 -9.34 -25.56 4.05
N ARG A 810 -10.28 -25.21 3.19
CA ARG A 810 -11.36 -26.12 2.85
C ARG A 810 -10.84 -27.28 1.99
N SER A 811 -11.18 -28.49 2.39
CA SER A 811 -10.73 -29.68 1.67
C SER A 811 -11.77 -30.79 1.90
N SER A 812 -11.34 -32.04 1.73
CA SER A 812 -12.25 -33.16 1.92
C SER A 812 -12.55 -33.38 3.40
N ASP A 813 -11.56 -33.17 4.26
CA ASP A 813 -11.75 -33.42 5.69
C ASP A 813 -12.57 -32.31 6.34
N HIS A 814 -12.39 -31.07 5.89
CA HIS A 814 -13.10 -29.92 6.43
C HIS A 814 -14.23 -29.54 5.49
N LYS A 815 -15.47 -29.73 5.95
CA LYS A 815 -16.63 -29.38 5.13
C LYS A 815 -16.73 -27.87 4.97
N ALA A 816 -17.53 -27.45 4.00
CA ALA A 816 -17.61 -26.03 3.65
C ALA A 816 -18.16 -25.19 4.81
N GLY A 817 -19.05 -25.76 5.60
CA GLY A 817 -19.68 -25.02 6.68
C GLY A 817 -19.48 -25.70 8.01
N LYS A 818 -19.71 -24.95 9.09
CA LYS A 818 -19.66 -25.36 10.48
C LYS A 818 -18.27 -25.84 10.90
N ALA A 819 -17.66 -26.78 10.18
CA ALA A 819 -16.35 -27.31 10.54
C ALA A 819 -15.22 -26.43 10.07
N LEU A 820 -15.29 -25.95 8.82
CA LEU A 820 -14.22 -25.08 8.31
C LEU A 820 -14.11 -23.80 9.12
N ASN A 821 -15.25 -23.19 9.46
CA ASN A 821 -15.22 -21.95 10.23
C ASN A 821 -14.57 -22.15 11.59
N ASP A 822 -14.98 -23.20 12.32
CA ASP A 822 -14.42 -23.45 13.64
C ASP A 822 -12.93 -23.78 13.56
N PHE A 823 -12.56 -24.64 12.61
CA PHE A 823 -11.15 -25.00 12.46
C PHE A 823 -10.30 -23.79 12.14
N VAL A 824 -10.75 -22.97 11.18
CA VAL A 824 -9.98 -21.79 10.78
C VAL A 824 -9.88 -20.81 11.94
N GLU A 825 -10.97 -20.61 12.68
CA GLU A 825 -10.96 -19.69 13.81
C GLU A 825 -9.97 -20.15 14.88
N GLU A 826 -10.04 -21.42 15.28
CA GLU A 826 -9.16 -21.90 16.34
C GLU A 826 -7.70 -21.90 15.89
N ASN A 827 -7.44 -22.32 14.64
CA ASN A 827 -6.07 -22.35 14.16
C ASN A 827 -5.50 -20.95 14.00
N ALA A 828 -6.35 -19.99 13.63
CA ALA A 828 -5.88 -18.61 13.54
C ALA A 828 -5.58 -18.04 14.91
N ARG A 829 -6.40 -18.37 15.91
CA ARG A 829 -6.10 -17.96 17.27
C ARG A 829 -4.76 -18.53 17.73
N GLU A 830 -4.53 -19.82 17.46
CA GLU A 830 -3.26 -20.44 17.87
C GLU A 830 -2.08 -19.83 17.13
N THR A 831 -2.25 -19.51 15.85
CA THR A 831 -1.16 -18.93 15.07
C THR A 831 -0.85 -17.52 15.55
N ALA A 832 -1.88 -16.74 15.87
CA ALA A 832 -1.65 -15.43 16.47
C ALA A 832 -0.90 -15.55 17.79
N LYS A 833 -1.29 -16.52 18.62
CA LYS A 833 -0.58 -16.73 19.87
C LYS A 833 0.88 -17.08 19.65
N ARG A 834 1.15 -17.93 18.65
CA ARG A 834 2.53 -18.33 18.38
C ARG A 834 3.37 -17.16 17.87
N GLN A 835 2.82 -16.36 16.94
CA GLN A 835 3.55 -15.19 16.46
C GLN A 835 3.80 -14.20 17.59
N ARG A 836 2.80 -14.02 18.46
CA ARG A 836 2.98 -13.12 19.59
C ARG A 836 4.07 -13.62 20.53
N ASP A 837 4.13 -14.93 20.76
CA ASP A 837 5.19 -15.49 21.60
C ASP A 837 6.56 -15.29 20.95
N HIS A 838 6.65 -15.48 19.64
CA HIS A 838 7.92 -15.28 18.94
C HIS A 838 8.40 -13.85 19.08
N TYR A 839 7.50 -12.89 18.86
CA TYR A 839 7.91 -11.49 18.96
C TYR A 839 8.14 -11.08 20.40
N ASP A 840 7.47 -11.73 21.35
CA ASP A 840 7.79 -11.51 22.76
C ASP A 840 9.22 -11.94 23.05
N TYR A 841 9.62 -13.12 22.55
CA TYR A 841 10.99 -13.57 22.71
C TYR A 841 11.97 -12.60 22.08
N TRP A 842 11.70 -12.16 20.85
CA TRP A 842 12.64 -11.28 20.15
C TRP A 842 12.68 -9.90 20.78
N TYR A 843 11.60 -9.49 21.45
CA TYR A 843 11.61 -8.22 22.17
C TYR A 843 12.40 -8.34 23.46
N ARG A 844 12.30 -9.48 24.13
CA ARG A 844 13.07 -9.69 25.36
C ARG A 844 14.55 -9.80 25.07
N ILE A 845 14.93 -10.40 23.94
CA ILE A 845 16.34 -10.60 23.64
C ILE A 845 17.01 -9.27 23.28
N LEU A 846 16.45 -8.55 22.31
CA LEU A 846 17.03 -7.31 21.83
C LEU A 846 16.92 -6.25 22.93
N ASP A 847 18.07 -5.79 23.43
CA ASP A 847 18.10 -4.78 24.49
C ASP A 847 18.91 -3.56 24.09
N GLU A 848 19.28 -3.43 22.82
CA GLU A 848 20.04 -2.29 22.33
C GLU A 848 19.15 -1.14 21.90
N GLN A 849 17.92 -1.06 22.41
CA GLN A 849 16.91 -0.06 22.09
C GLN A 849 16.50 -0.12 20.62
N SER A 850 16.88 -1.17 19.90
CA SER A 850 16.28 -1.46 18.60
C SER A 850 14.95 -2.18 18.73
N ARG A 851 14.58 -2.58 19.96
CA ARG A 851 13.28 -3.20 20.18
C ARG A 851 12.14 -2.23 19.91
N GLU A 852 12.40 -0.93 20.03
CA GLU A 852 11.37 0.07 19.73
C GLU A 852 11.03 0.10 18.24
N LYS A 853 11.86 -0.51 17.40
CA LYS A 853 11.59 -0.62 15.97
C LYS A 853 10.91 -1.93 15.61
N LEU A 854 10.53 -2.74 16.60
CA LEU A 854 9.82 -3.99 16.36
C LEU A 854 8.32 -3.79 16.20
N TYR A 855 7.87 -2.61 15.79
CA TYR A 855 6.45 -2.35 15.64
C TYR A 855 6.04 -2.09 14.18
N ARG A 856 6.95 -2.28 13.24
CA ARG A 856 6.61 -2.08 11.84
C ARG A 856 5.59 -3.12 11.39
N THR A 857 4.73 -2.75 10.45
CA THR A 857 3.64 -3.59 10.00
C THR A 857 3.90 -4.05 8.57
N ILE A 858 3.85 -5.36 8.36
CA ILE A 858 4.06 -5.97 7.05
C ILE A 858 3.03 -7.09 6.89
N LEU A 859 2.30 -7.05 5.77
CA LEU A 859 1.18 -7.96 5.59
C LEU A 859 1.68 -9.39 5.35
N LEU A 860 0.75 -10.34 5.48
CA LEU A 860 1.06 -11.77 5.38
C LEU A 860 -0.02 -12.45 4.55
N TYR A 861 -0.04 -12.16 3.24
CA TYR A 861 -1.03 -12.79 2.37
C TYR A 861 -0.80 -14.29 2.29
N ASP A 862 -1.84 -15.00 1.84
CA ASP A 862 -1.76 -16.44 1.70
C ASP A 862 -1.47 -16.83 0.25
N ALA A 863 -2.07 -17.93 -0.20
CA ALA A 863 -1.64 -18.54 -1.46
C ALA A 863 -2.57 -18.16 -2.61
N TYR A 864 -3.81 -17.80 -2.31
CA TYR A 864 -4.92 -17.63 -3.25
C TYR A 864 -5.37 -18.98 -3.80
N LYS A 865 -4.66 -20.07 -3.50
CA LYS A 865 -4.99 -21.39 -4.01
C LYS A 865 -6.11 -22.01 -3.18
N PHE A 866 -7.32 -21.52 -3.45
CA PHE A 866 -8.50 -22.00 -2.73
C PHE A 866 -8.80 -23.45 -3.13
N GLY A 867 -9.25 -24.22 -2.15
CA GLY A 867 -9.56 -25.62 -2.38
C GLY A 867 -11.02 -25.96 -2.18
N ASP A 868 -11.63 -26.57 -3.19
CA ASP A 868 -13.02 -26.98 -3.09
C ASP A 868 -13.17 -28.18 -2.15
N ASP A 869 -14.42 -28.46 -1.78
CA ASP A 869 -14.67 -29.57 -0.86
C ASP A 869 -14.31 -30.91 -1.49
N THR A 870 -14.29 -30.98 -2.82
CA THR A 870 -13.96 -32.23 -3.49
C THR A 870 -12.46 -32.52 -3.39
N THR A 871 -11.65 -31.49 -3.22
CA THR A 871 -10.20 -31.67 -3.17
C THR A 871 -9.79 -32.46 -1.93
N SER A 872 -8.92 -33.44 -2.13
CA SER A 872 -8.47 -34.29 -1.02
C SER A 872 -7.57 -33.51 -0.07
N GLY A 873 -6.58 -32.79 -0.60
CA GLY A 873 -5.71 -31.97 0.20
C GLY A 873 -5.82 -30.52 -0.22
N LYS A 874 -4.92 -29.71 0.33
CA LYS A 874 -4.85 -28.30 -0.04
C LYS A 874 -4.59 -28.18 -1.54
N ALA A 875 -5.57 -27.64 -2.27
CA ALA A 875 -5.51 -27.63 -3.71
C ALA A 875 -4.46 -26.62 -4.20
N THR A 876 -3.88 -26.92 -5.35
CA THR A 876 -2.90 -26.06 -5.98
C THR A 876 -3.48 -25.22 -7.11
N ALA A 877 -4.80 -25.26 -7.30
CA ALA A 877 -5.43 -24.42 -8.31
C ALA A 877 -5.22 -22.95 -7.96
N GLU A 878 -4.50 -22.24 -8.83
CA GLU A 878 -4.08 -20.88 -8.51
C GLU A 878 -5.27 -19.95 -8.30
N ALA A 879 -6.30 -20.08 -9.13
CA ALA A 879 -7.46 -19.18 -9.11
C ALA A 879 -7.01 -17.73 -9.18
N LYS A 880 -6.63 -17.31 -10.39
CA LYS A 880 -6.06 -15.98 -10.58
C LYS A 880 -7.02 -14.89 -10.11
N PHE A 881 -8.08 -14.66 -10.86
CA PHE A 881 -9.09 -13.68 -10.45
C PHE A 881 -10.44 -14.14 -10.99
N ASP A 882 -11.44 -13.26 -10.84
CA ASP A 882 -12.83 -13.51 -11.24
C ASP A 882 -13.30 -14.90 -10.83
N SER A 883 -12.80 -15.42 -9.71
CA SER A 883 -13.20 -16.74 -9.26
C SER A 883 -14.58 -16.71 -8.62
N SER A 884 -15.22 -17.88 -8.57
CA SER A 884 -16.52 -17.99 -7.92
C SER A 884 -16.41 -18.00 -6.40
N ASN A 885 -15.20 -18.01 -5.85
CA ASN A 885 -15.04 -18.00 -4.41
C ASN A 885 -15.41 -16.63 -3.85
N PRO A 886 -16.21 -16.58 -2.79
CA PRO A 886 -16.59 -15.26 -2.24
C PRO A 886 -15.41 -14.49 -1.66
N ALA A 887 -14.39 -15.19 -1.19
CA ALA A 887 -13.21 -14.51 -0.64
C ALA A 887 -12.45 -13.77 -1.73
N MET A 888 -12.41 -14.33 -2.94
CA MET A 888 -11.72 -13.67 -4.04
C MET A 888 -12.58 -12.60 -4.68
N LYS A 889 -13.90 -12.73 -4.58
CA LYS A 889 -14.78 -11.76 -5.20
C LYS A 889 -14.96 -10.52 -4.32
N ASN A 890 -15.08 -10.71 -3.01
CA ASN A 890 -15.29 -9.61 -2.07
C ASN A 890 -14.01 -9.13 -1.41
N PHE A 891 -12.89 -9.79 -1.66
CA PHE A 891 -11.61 -9.39 -1.10
C PHE A 891 -10.52 -9.94 -2.02
N PHE A 892 -9.27 -9.59 -1.71
CA PHE A 892 -8.12 -10.01 -2.51
C PHE A 892 -8.21 -9.53 -3.94
N GLY A 893 -9.34 -9.80 -4.61
CA GLY A 893 -9.61 -9.25 -5.91
C GLY A 893 -9.70 -7.73 -5.88
N PRO A 894 -10.64 -7.19 -5.10
CA PRO A 894 -10.69 -5.72 -4.94
C PRO A 894 -9.38 -5.13 -4.44
N VAL A 895 -8.74 -5.74 -3.46
CA VAL A 895 -7.41 -5.32 -3.00
C VAL A 895 -6.42 -6.03 -3.91
N GLY A 896 -6.41 -5.62 -5.18
CA GLY A 896 -5.66 -6.32 -6.19
C GLY A 896 -4.17 -6.29 -5.91
N ASN A 897 -3.63 -7.39 -5.40
CA ASN A 897 -2.19 -7.55 -5.22
C ASN A 897 -1.75 -8.77 -6.04
N LYS A 898 -1.43 -8.51 -7.32
CA LYS A 898 -1.00 -9.59 -8.20
C LYS A 898 0.30 -10.20 -7.69
N VAL A 899 0.24 -11.47 -7.29
CA VAL A 899 1.39 -12.16 -6.75
C VAL A 899 1.84 -13.22 -7.74
N VAL A 900 2.99 -13.83 -7.45
CA VAL A 900 3.52 -14.87 -8.33
C VAL A 900 2.76 -16.18 -8.13
N HIS A 901 2.45 -16.50 -6.87
CA HIS A 901 1.70 -17.71 -6.48
C HIS A 901 2.17 -18.94 -7.24
N ASN A 902 3.31 -19.48 -6.84
CA ASN A 902 3.79 -20.73 -7.38
C ASN A 902 3.25 -21.90 -6.55
N GLN A 903 3.61 -23.11 -6.95
CA GLN A 903 3.08 -24.30 -6.28
C GLN A 903 3.70 -24.49 -4.90
N HIS A 904 5.03 -24.36 -4.79
CA HIS A 904 5.73 -24.64 -3.55
C HIS A 904 6.64 -23.47 -3.19
N GLY A 905 6.85 -23.30 -1.90
CA GLY A 905 7.80 -22.34 -1.38
C GLY A 905 7.12 -21.04 -0.96
N ALA A 906 7.75 -20.36 0.01
CA ALA A 906 7.31 -19.07 0.49
C ALA A 906 8.44 -18.06 0.34
N TYR A 907 8.10 -16.85 -0.08
CA TYR A 907 9.07 -15.80 -0.34
C TYR A 907 8.65 -14.51 0.33
N ALA A 908 9.62 -13.73 0.80
CA ALA A 908 9.38 -12.46 1.47
C ALA A 908 9.87 -11.33 0.56
N THR A 909 8.93 -10.58 0.00
CA THR A 909 9.27 -9.54 -0.98
C THR A 909 10.03 -8.36 -0.36
N GLY A 910 10.31 -8.39 0.93
CA GLY A 910 10.97 -7.29 1.60
C GLY A 910 10.03 -6.34 2.31
N ASP A 911 8.82 -6.14 1.78
CA ASP A 911 7.79 -5.37 2.46
C ASP A 911 6.64 -6.24 2.92
N GLY A 912 6.64 -7.54 2.61
CA GLY A 912 5.59 -8.44 3.04
C GLY A 912 6.06 -9.87 2.88
N VAL A 913 5.24 -10.79 3.38
CA VAL A 913 5.53 -12.22 3.34
C VAL A 913 4.35 -12.92 2.69
N TYR A 914 4.64 -13.82 1.75
CA TYR A 914 3.62 -14.54 1.02
C TYR A 914 3.80 -16.05 1.20
N TYR A 915 2.71 -16.74 1.49
CA TYR A 915 2.72 -18.18 1.71
C TYR A 915 2.08 -18.85 0.50
N MET A 916 2.91 -19.34 -0.41
CA MET A 916 2.36 -20.00 -1.59
C MET A 916 2.06 -21.47 -1.33
N SER A 917 2.87 -22.14 -0.51
CA SER A 917 2.65 -23.54 -0.19
C SER A 917 2.32 -23.77 1.28
N TYR A 918 3.17 -23.31 2.19
CA TYR A 918 2.92 -23.52 3.61
C TYR A 918 1.70 -22.73 4.05
N ARG A 919 0.73 -23.43 4.63
CA ARG A 919 -0.45 -22.77 5.15
C ARG A 919 -0.11 -22.00 6.42
N MET A 920 -0.60 -20.77 6.52
CA MET A 920 -0.23 -19.89 7.62
C MET A 920 -0.72 -20.43 8.95
N LEU A 921 -1.89 -21.08 8.96
CA LEU A 921 -2.49 -21.49 10.21
C LEU A 921 -1.85 -22.77 10.74
N ASP A 922 -1.35 -23.62 9.85
CA ASP A 922 -0.76 -24.89 10.28
C ASP A 922 0.47 -24.63 11.14
N LYS A 923 0.82 -25.64 11.96
CA LYS A 923 1.98 -25.50 12.83
C LYS A 923 3.27 -25.37 12.02
N ASP A 924 3.29 -25.91 10.81
CA ASP A 924 4.42 -25.70 9.92
C ASP A 924 4.42 -24.29 9.35
N GLY A 925 3.33 -23.55 9.58
CA GLY A 925 3.27 -22.18 9.11
C GLY A 925 4.17 -21.25 9.90
N ALA A 926 4.38 -21.54 11.19
CA ALA A 926 5.20 -20.66 12.02
C ALA A 926 6.69 -20.88 11.76
N ILE A 927 7.08 -22.12 11.46
CA ILE A 927 8.49 -22.41 11.20
C ILE A 927 8.93 -21.71 9.92
N THR A 928 8.02 -21.56 8.96
CA THR A 928 8.33 -20.76 7.78
C THR A 928 8.10 -19.28 8.05
N TYR A 929 7.22 -18.96 9.00
CA TYR A 929 6.97 -17.57 9.37
C TYR A 929 8.22 -16.92 9.89
N THR A 930 8.91 -17.58 10.81
CA THR A 930 10.12 -16.99 11.39
C THR A 930 11.22 -16.87 10.35
N HIS A 931 11.30 -17.81 9.41
CA HIS A 931 12.31 -17.73 8.36
C HIS A 931 12.03 -16.57 7.42
N GLU A 932 10.78 -16.41 7.00
CA GLU A 932 10.43 -15.29 6.13
C GLU A 932 10.61 -13.96 6.85
N MET A 933 10.34 -13.93 8.16
CA MET A 933 10.51 -12.70 8.91
C MET A 933 11.99 -12.35 9.06
N THR A 934 12.84 -13.36 9.24
CA THR A 934 14.27 -13.12 9.22
C THR A 934 14.72 -12.60 7.86
N HIS A 935 14.16 -13.13 6.77
CA HIS A 935 14.46 -12.59 5.45
C HIS A 935 14.00 -11.14 5.33
N ASP A 936 12.89 -10.80 5.97
CA ASP A 936 12.26 -9.51 5.70
C ASP A 936 12.96 -8.36 6.42
N SER A 937 13.17 -8.49 7.73
CA SER A 937 13.63 -7.37 8.55
C SER A 937 14.91 -7.72 9.32
N ASP A 938 15.89 -8.30 8.63
CA ASP A 938 17.16 -8.60 9.30
C ASP A 938 18.09 -7.39 9.27
N GLN A 939 17.86 -6.46 8.36
CA GLN A 939 18.79 -5.35 8.18
C GLN A 939 18.80 -4.42 9.38
N ASP A 940 17.63 -4.04 9.89
CA ASP A 940 17.53 -3.00 10.90
C ASP A 940 16.84 -3.45 12.19
N ILE A 941 16.40 -4.70 12.29
CA ILE A 941 15.67 -5.13 13.47
C ILE A 941 16.45 -6.19 14.24
N TYR A 942 16.59 -7.38 13.65
CA TYR A 942 17.22 -8.49 14.35
C TYR A 942 18.69 -8.19 14.64
N LEU A 943 19.39 -7.60 13.68
CA LEU A 943 20.73 -7.12 13.95
C LEU A 943 20.68 -5.85 14.79
N GLY A 944 21.85 -5.42 15.25
CA GLY A 944 21.91 -4.25 16.12
C GLY A 944 21.39 -2.98 15.46
N GLY A 945 21.40 -2.95 14.13
CA GLY A 945 20.96 -1.77 13.39
C GLY A 945 21.70 -1.65 12.08
N TYR A 946 22.91 -2.20 12.04
CA TYR A 946 23.70 -2.21 10.82
C TYR A 946 23.22 -3.31 9.89
N GLY A 947 23.47 -3.12 8.59
CA GLY A 947 23.00 -4.05 7.60
C GLY A 947 23.69 -5.40 7.68
N ARG A 948 23.28 -6.29 6.78
CA ARG A 948 23.90 -7.60 6.68
C ARG A 948 25.38 -7.46 6.32
N ARG A 949 26.16 -8.49 6.66
CA ARG A 949 27.54 -8.52 6.24
C ARG A 949 27.61 -8.59 4.72
N ASN A 950 28.66 -7.97 4.16
CA ASN A 950 28.74 -7.79 2.71
C ASN A 950 28.71 -9.12 1.97
N GLY A 951 29.44 -10.11 2.47
CA GLY A 951 29.50 -11.39 1.78
C GLY A 951 28.29 -12.26 2.05
N LEU A 952 27.82 -12.27 3.29
CA LEU A 952 26.69 -13.12 3.65
C LEU A 952 25.40 -12.61 3.00
N GLY A 953 24.64 -13.52 2.42
CA GLY A 953 23.41 -13.16 1.74
C GLY A 953 22.20 -13.30 2.64
N PRO A 954 21.01 -13.21 2.04
CA PRO A 954 19.79 -13.26 2.87
C PRO A 954 19.51 -14.65 3.42
N GLU A 955 19.86 -15.71 2.68
CA GLU A 955 19.57 -17.06 3.15
C GLU A 955 20.52 -17.51 4.25
N PHE A 956 21.58 -16.75 4.52
CA PHE A 956 22.53 -17.16 5.55
C PHE A 956 21.96 -16.92 6.95
N PHE A 957 21.30 -15.78 7.15
CA PHE A 957 20.81 -15.40 8.47
C PHE A 957 19.53 -16.13 8.87
N ALA A 958 18.91 -16.87 7.96
CA ALA A 958 17.59 -17.43 8.21
C ALA A 958 17.58 -18.94 8.38
N LYS A 959 18.10 -19.69 7.40
CA LYS A 959 17.90 -21.14 7.42
C LYS A 959 18.63 -21.81 8.59
N GLY A 960 19.85 -21.38 8.87
CA GLY A 960 20.62 -22.02 9.92
C GLY A 960 20.87 -21.18 11.14
N LEU A 961 20.56 -19.88 11.06
CA LEU A 961 20.84 -18.95 12.15
C LEU A 961 19.54 -18.66 12.88
N LEU A 962 18.91 -17.52 12.64
CA LEU A 962 17.77 -17.06 13.46
C LEU A 962 16.47 -17.67 12.94
N GLN A 963 16.21 -18.90 13.39
CA GLN A 963 15.00 -19.61 12.99
C GLN A 963 14.67 -20.67 14.03
N ALA A 964 13.38 -20.93 14.19
CA ALA A 964 12.94 -22.07 14.97
C ALA A 964 13.23 -23.36 14.21
N PRO A 965 13.50 -24.46 14.92
CA PRO A 965 13.79 -25.72 14.23
C PRO A 965 12.60 -26.18 13.39
N ASP A 966 12.91 -26.90 12.31
CA ASP A 966 11.84 -27.39 11.43
C ASP A 966 10.98 -28.43 12.15
N GLN A 967 11.59 -29.28 12.96
CA GLN A 967 10.90 -30.30 13.72
C GLN A 967 11.49 -30.35 15.12
N PRO A 968 10.74 -30.83 16.10
CA PRO A 968 11.33 -30.97 17.45
C PRO A 968 12.47 -31.97 17.48
N SER A 969 12.31 -33.15 16.88
CA SER A 969 13.35 -34.16 16.89
C SER A 969 14.54 -33.79 16.01
N ASP A 970 14.52 -32.64 15.35
CA ASP A 970 15.62 -32.24 14.48
C ASP A 970 16.89 -32.01 15.30
N ALA A 971 17.98 -32.63 14.87
CA ALA A 971 19.27 -32.49 15.55
C ALA A 971 20.06 -31.36 14.90
N THR A 972 19.55 -30.15 15.07
CA THR A 972 20.19 -28.94 14.57
C THR A 972 20.27 -27.92 15.68
N ILE A 973 21.31 -27.07 15.62
CA ILE A 973 21.52 -26.04 16.63
C ILE A 973 20.65 -24.85 16.24
N THR A 974 19.43 -24.79 16.79
CA THR A 974 18.54 -23.66 16.55
C THR A 974 17.87 -23.29 17.87
N ILE A 975 17.16 -22.17 17.84
CA ILE A 975 16.47 -21.64 19.01
C ILE A 975 14.97 -21.78 18.80
N ASN A 976 14.31 -22.50 19.71
CA ASN A 976 12.87 -22.74 19.61
C ASN A 976 12.11 -21.53 20.14
N SER A 977 11.97 -20.54 19.27
CA SER A 977 11.40 -19.25 19.69
C SER A 977 9.88 -19.27 19.61
N ILE A 978 9.31 -20.08 18.72
CA ILE A 978 7.88 -20.03 18.47
C ILE A 978 7.15 -21.18 19.12
N LEU A 979 7.31 -22.38 18.56
CA LEU A 979 6.45 -23.50 18.89
C LEU A 979 6.51 -23.84 20.38
N LYS A 980 5.33 -24.02 20.97
CA LYS A 980 5.20 -24.43 22.37
C LYS A 980 4.58 -25.81 22.40
N HIS A 981 5.36 -26.80 22.84
CA HIS A 981 4.94 -28.19 22.87
C HIS A 981 5.04 -28.71 24.29
N SER A 982 3.90 -29.12 24.86
CA SER A 982 3.88 -29.62 26.22
C SER A 982 4.43 -31.04 26.28
N LYS A 983 4.79 -31.46 27.50
CA LYS A 983 5.31 -32.81 27.70
C LYS A 983 4.25 -33.88 27.53
N SER A 984 2.97 -33.51 27.51
CA SER A 984 1.91 -34.51 27.44
C SER A 984 1.88 -35.19 26.07
N ASP A 985 2.27 -34.47 25.03
CA ASP A 985 2.25 -35.05 23.69
C ASP A 985 3.29 -36.15 23.56
N SER A 986 3.14 -36.95 22.48
CA SER A 986 4.08 -38.03 22.22
C SER A 986 5.42 -37.52 21.70
N THR A 987 5.54 -36.23 21.43
CA THR A 987 6.81 -35.67 20.95
C THR A 987 7.88 -35.64 22.02
N GLU A 988 7.58 -36.06 23.25
CA GLU A 988 8.59 -36.09 24.29
C GLU A 988 9.77 -36.99 23.91
N GLY A 989 9.50 -38.06 23.17
CA GLY A 989 10.57 -38.89 22.65
C GLY A 989 11.45 -38.09 21.71
N SER A 990 12.74 -38.03 22.02
CA SER A 990 13.70 -37.21 21.27
C SER A 990 13.25 -35.75 21.24
N ARG A 991 13.29 -35.11 22.41
CA ARG A 991 12.97 -33.69 22.48
C ARG A 991 14.01 -32.86 21.76
N LEU A 992 15.21 -32.74 22.33
CA LEU A 992 16.36 -32.13 21.66
C LEU A 992 16.09 -30.66 21.32
N GLN A 993 15.18 -30.04 22.05
CA GLN A 993 14.82 -28.65 21.80
C GLN A 993 14.30 -28.03 23.10
N VAL A 994 14.04 -26.72 23.04
CA VAL A 994 13.51 -26.01 24.19
C VAL A 994 12.05 -26.40 24.40
N LEU A 995 11.70 -26.69 25.65
CA LEU A 995 10.32 -27.07 25.95
C LEU A 995 9.37 -25.91 25.74
N ASP A 996 9.62 -24.77 26.40
CA ASP A 996 8.68 -23.66 26.43
C ASP A 996 9.42 -22.36 26.12
N PRO A 997 9.15 -21.71 24.99
CA PRO A 997 9.69 -20.37 24.76
C PRO A 997 9.01 -19.35 25.65
N THR A 998 9.60 -18.15 25.69
CA THR A 998 9.28 -16.97 26.48
C THR A 998 9.35 -17.24 27.98
N GLU A 999 9.53 -18.49 28.40
CA GLU A 999 9.80 -18.84 29.79
C GLU A 999 11.28 -19.10 30.03
N ARG A 1000 11.92 -19.87 29.16
CA ARG A 1000 13.36 -20.09 29.27
C ARG A 1000 14.14 -18.82 28.92
N PHE A 1001 13.65 -18.05 27.95
CA PHE A 1001 14.32 -16.84 27.49
C PHE A 1001 13.56 -15.63 28.05
N GLN A 1002 14.08 -15.07 29.15
CA GLN A 1002 13.53 -13.85 29.73
C GLN A 1002 14.45 -12.65 29.53
N ASN A 1003 15.65 -12.85 28.99
CA ASN A 1003 16.58 -11.76 28.72
C ASN A 1003 17.67 -12.29 27.80
N ALA A 1004 18.49 -11.37 27.29
CA ALA A 1004 19.61 -11.77 26.45
C ALA A 1004 20.58 -12.64 27.21
N ALA A 1005 20.75 -12.38 28.51
CA ALA A 1005 21.62 -13.22 29.33
C ALA A 1005 21.09 -14.65 29.39
N ASP A 1006 19.77 -14.81 29.38
CA ASP A 1006 19.20 -16.16 29.39
C ASP A 1006 19.52 -16.91 28.11
N LEU A 1007 19.43 -16.24 26.96
CA LEU A 1007 19.80 -16.86 25.70
C LEU A 1007 21.28 -17.22 25.69
N GLN A 1008 22.13 -16.31 26.17
CA GLN A 1008 23.56 -16.59 26.21
C GLN A 1008 23.85 -17.79 27.11
N ASN A 1009 23.17 -17.87 28.26
CA ASN A 1009 23.40 -19.00 29.16
C ASN A 1009 22.91 -20.30 28.56
N TYR A 1010 21.77 -20.28 27.89
CA TYR A 1010 21.27 -21.48 27.23
C TYR A 1010 22.24 -21.97 26.16
N VAL A 1011 22.71 -21.07 25.30
CA VAL A 1011 23.64 -21.46 24.26
C VAL A 1011 24.96 -21.91 24.87
N HIS A 1012 25.38 -21.28 25.97
CA HIS A 1012 26.63 -21.64 26.62
C HIS A 1012 26.57 -23.06 27.17
N ASN A 1013 25.46 -23.41 27.84
CA ASN A 1013 25.34 -24.76 28.38
C ASN A 1013 25.19 -25.79 27.26
N MET A 1014 24.39 -25.47 26.24
CA MET A 1014 24.24 -26.38 25.11
C MET A 1014 25.58 -26.67 24.46
N PHE A 1015 26.38 -25.63 24.22
CA PHE A 1015 27.68 -25.84 23.57
C PHE A 1015 28.69 -26.43 24.55
N ASP A 1016 28.49 -26.28 25.85
CA ASP A 1016 29.31 -27.01 26.79
C ASP A 1016 29.11 -28.51 26.64
N LEU A 1017 27.85 -28.95 26.61
CA LEU A 1017 27.57 -30.36 26.39
C LEU A 1017 28.07 -30.81 25.01
N ILE A 1018 27.86 -29.97 24.00
CA ILE A 1018 28.28 -30.33 22.64
C ILE A 1018 29.80 -30.47 22.58
N TYR A 1019 30.53 -29.57 23.24
CA TYR A 1019 31.99 -29.64 23.23
C TYR A 1019 32.48 -30.86 24.00
N MET A 1020 31.82 -31.20 25.11
CA MET A 1020 32.19 -32.42 25.82
C MET A 1020 32.03 -33.64 24.92
N MET A 1021 30.89 -33.77 24.26
CA MET A 1021 30.66 -34.92 23.39
C MET A 1021 31.64 -34.93 22.21
N GLU A 1022 31.90 -33.75 21.63
CA GLU A 1022 32.81 -33.68 20.49
C GLU A 1022 34.24 -34.01 20.90
N TYR A 1023 34.64 -33.59 22.10
CA TYR A 1023 35.98 -33.92 22.58
C TYR A 1023 36.10 -35.42 22.84
N LEU A 1024 35.04 -36.03 23.39
CA LEU A 1024 35.07 -37.48 23.56
C LEU A 1024 35.18 -38.19 22.22
N GLU A 1025 34.39 -37.76 21.23
CA GLU A 1025 34.46 -38.39 19.92
C GLU A 1025 35.84 -38.19 19.28
N GLY A 1026 36.43 -37.00 19.46
CA GLY A 1026 37.73 -36.75 18.89
C GLY A 1026 38.81 -37.61 19.52
N GLN A 1027 38.78 -37.73 20.86
CA GLN A 1027 39.71 -38.63 21.53
C GLN A 1027 39.49 -40.07 21.08
N SER A 1028 38.25 -40.41 20.73
CA SER A 1028 38.00 -41.73 20.15
C SER A 1028 38.61 -41.85 18.76
N ILE A 1029 38.68 -40.73 18.02
CA ILE A 1029 39.16 -40.78 16.65
C ILE A 1029 40.67 -41.01 16.61
N VAL A 1030 41.43 -40.20 17.34
CA VAL A 1030 42.88 -40.25 17.24
C VAL A 1030 43.43 -41.50 17.93
N ASN A 1031 42.79 -41.94 19.00
CA ASN A 1031 43.33 -43.04 19.78
C ASN A 1031 42.90 -44.39 19.22
N LYS A 1032 41.60 -44.57 18.98
CA LYS A 1032 41.09 -45.88 18.58
C LYS A 1032 40.43 -45.85 17.21
N LEU A 1033 41.22 -45.74 16.15
CA LEU A 1033 40.72 -45.78 14.79
C LEU A 1033 41.87 -45.99 13.82
N SER A 1034 41.65 -46.87 12.85
CA SER A 1034 42.69 -47.16 11.86
C SER A 1034 42.74 -46.08 10.78
N VAL A 1035 43.76 -46.17 9.93
CA VAL A 1035 43.99 -45.13 8.93
C VAL A 1035 42.91 -45.18 7.85
N TYR A 1036 42.63 -46.37 7.32
CA TYR A 1036 41.62 -46.51 6.29
C TYR A 1036 40.24 -46.11 6.80
N GLN A 1037 39.95 -46.41 8.06
CA GLN A 1037 38.69 -45.96 8.65
C GLN A 1037 38.71 -44.47 8.92
N LYS A 1038 39.87 -43.93 9.30
CA LYS A 1038 39.99 -42.50 9.54
C LYS A 1038 39.74 -41.70 8.27
N MET A 1039 40.13 -42.25 7.12
CA MET A 1039 39.93 -41.55 5.86
C MET A 1039 38.44 -41.35 5.57
N ALA A 1040 37.64 -42.39 5.78
CA ALA A 1040 36.21 -42.28 5.47
C ALA A 1040 35.46 -41.58 6.59
N ALA A 1041 35.97 -41.64 7.82
CA ALA A 1041 35.23 -41.07 8.95
C ALA A 1041 35.28 -39.55 8.95
N LEU A 1042 36.30 -38.97 8.34
CA LEU A 1042 36.52 -37.53 8.40
C LEU A 1042 36.60 -36.93 7.01
N ARG A 1043 36.48 -35.60 6.95
CA ARG A 1043 36.65 -34.84 5.73
C ARG A 1043 37.38 -33.55 6.06
N LYS A 1044 37.95 -32.92 5.03
CA LYS A 1044 38.69 -31.67 5.18
C LYS A 1044 37.87 -30.54 4.56
N ILE A 1045 37.69 -29.46 5.32
CA ILE A 1045 36.93 -28.30 4.86
C ILE A 1045 37.90 -27.16 4.59
N GLU A 1046 37.72 -26.50 3.45
CA GLU A 1046 38.53 -25.37 3.05
C GLU A 1046 37.65 -24.26 2.49
N ASN A 1047 38.27 -23.13 2.21
CA ASN A 1047 37.57 -21.98 1.64
C ASN A 1047 38.14 -21.67 0.27
N LYS A 1048 37.28 -21.69 -0.75
CA LYS A 1048 37.65 -21.39 -2.12
C LYS A 1048 36.98 -20.09 -2.54
N TYR A 1049 37.74 -19.19 -3.14
CA TYR A 1049 37.24 -17.89 -3.57
C TYR A 1049 36.85 -17.97 -5.04
N VAL A 1050 35.59 -17.65 -5.34
CA VAL A 1050 35.06 -17.74 -6.68
C VAL A 1050 34.47 -16.39 -7.06
N LYS A 1051 34.44 -16.12 -8.37
CA LYS A 1051 33.90 -14.86 -8.86
C LYS A 1051 32.38 -14.84 -8.74
N ASP A 1052 31.84 -13.75 -8.21
CA ASP A 1052 30.41 -13.58 -8.07
C ASP A 1052 29.91 -12.47 -8.98
N PRO A 1053 28.68 -12.60 -9.51
CA PRO A 1053 28.22 -11.60 -10.49
C PRO A 1053 27.91 -10.24 -9.89
N ALA A 1054 27.40 -10.19 -8.66
CA ALA A 1054 26.94 -8.93 -8.10
C ALA A 1054 28.08 -7.95 -7.85
N ASP A 1055 29.16 -8.41 -7.21
CA ASP A 1055 30.29 -7.57 -6.87
C ASP A 1055 31.52 -8.02 -7.65
N GLY A 1056 32.38 -7.07 -8.00
CA GLY A 1056 33.57 -7.41 -8.76
C GLY A 1056 34.59 -8.18 -7.96
N ASN A 1057 34.71 -7.87 -6.67
CA ASN A 1057 35.74 -8.47 -5.84
C ASN A 1057 35.44 -9.95 -5.57
N GLU A 1058 36.50 -10.76 -5.51
CA GLU A 1058 36.39 -12.17 -5.19
C GLU A 1058 36.85 -12.47 -3.77
N VAL A 1059 36.71 -11.51 -2.85
CA VAL A 1059 37.17 -11.71 -1.48
C VAL A 1059 36.26 -12.68 -0.74
N TYR A 1060 35.05 -12.91 -1.24
CA TYR A 1060 34.12 -13.80 -0.57
C TYR A 1060 34.56 -15.25 -0.72
N ALA A 1061 34.42 -16.02 0.35
CA ALA A 1061 34.86 -17.40 0.39
C ALA A 1061 33.67 -18.34 0.46
N THR A 1062 33.77 -19.45 -0.26
CA THR A 1062 32.76 -20.51 -0.23
C THR A 1062 33.38 -21.76 0.38
N ASN A 1063 32.63 -22.43 1.24
CA ASN A 1063 33.14 -23.62 1.91
C ASN A 1063 33.11 -24.81 0.95
N VAL A 1064 34.14 -25.65 1.04
CA VAL A 1064 34.25 -26.85 0.24
C VAL A 1064 34.72 -27.99 1.13
N VAL A 1065 33.98 -29.09 1.11
CA VAL A 1065 34.30 -30.29 1.88
C VAL A 1065 34.86 -31.32 0.91
N LYS A 1066 36.01 -31.88 1.23
CA LYS A 1066 36.69 -32.82 0.35
C LYS A 1066 37.22 -34.01 1.13
N GLU A 1067 37.43 -35.12 0.43
CA GLU A 1067 38.02 -36.30 1.03
C GLU A 1067 39.50 -36.08 1.30
N LEU A 1068 39.90 -36.18 2.57
CA LEU A 1068 41.28 -35.92 2.93
C LEU A 1068 42.19 -37.06 2.47
N THR A 1069 43.41 -36.72 2.10
CA THR A 1069 44.35 -37.70 1.60
C THR A 1069 44.85 -38.60 2.73
N GLU A 1070 45.36 -39.77 2.36
CA GLU A 1070 45.90 -40.69 3.36
C GLU A 1070 47.13 -40.11 4.04
N ALA A 1071 47.90 -39.29 3.31
CA ALA A 1071 49.06 -38.65 3.91
C ALA A 1071 48.65 -37.71 5.03
N GLU A 1072 47.58 -36.93 4.82
CA GLU A 1072 47.07 -36.06 5.87
C GLU A 1072 46.35 -36.88 6.94
N ALA A 1073 45.75 -37.99 6.55
CA ALA A 1073 45.05 -38.84 7.51
C ALA A 1073 46.01 -39.44 8.52
N ARG A 1074 47.20 -39.84 8.06
CA ARG A 1074 48.19 -40.44 8.97
C ARG A 1074 48.71 -39.41 9.95
N ASN A 1075 48.76 -38.13 9.56
CA ASN A 1075 49.27 -37.11 10.46
C ASN A 1075 48.29 -36.80 11.59
N LEU A 1076 47.01 -37.14 11.40
CA LEU A 1076 45.98 -36.86 12.40
C LEU A 1076 46.13 -37.84 13.56
N ASN A 1077 47.06 -37.51 14.46
CA ASN A 1077 47.33 -38.32 15.64
C ASN A 1077 47.14 -37.57 16.94
N SER A 1078 46.88 -36.27 16.89
CA SER A 1078 46.68 -35.45 18.08
C SER A 1078 45.37 -34.69 17.95
N PHE A 1079 44.69 -34.48 19.08
CA PHE A 1079 43.42 -33.75 19.05
C PHE A 1079 43.62 -32.31 18.60
N GLU A 1080 44.79 -31.74 18.91
CA GLU A 1080 45.10 -30.40 18.43
C GLU A 1080 45.27 -30.39 16.91
N SER A 1081 45.79 -31.48 16.36
CA SER A 1081 45.95 -31.57 14.91
C SER A 1081 44.59 -31.60 14.21
N LEU A 1082 43.57 -32.16 14.87
CA LEU A 1082 42.23 -32.14 14.30
C LEU A 1082 41.74 -30.72 14.10
N ILE A 1083 42.01 -29.85 15.07
CA ILE A 1083 41.60 -28.45 14.95
C ILE A 1083 42.49 -27.72 13.95
N ASP A 1084 43.77 -28.06 13.92
CA ASP A 1084 44.70 -27.36 13.04
C ASP A 1084 44.49 -27.75 11.58
N HIS A 1085 44.36 -29.05 11.31
CA HIS A 1085 44.23 -29.53 9.93
C HIS A 1085 42.87 -29.22 9.32
N ASN A 1086 41.95 -28.63 10.08
CA ASN A 1086 40.61 -28.30 9.61
C ASN A 1086 39.89 -29.55 9.08
N ILE A 1087 39.40 -30.35 10.01
CA ILE A 1087 38.69 -31.58 9.70
C ILE A 1087 37.32 -31.55 10.36
N LEU A 1088 36.39 -32.30 9.79
CA LEU A 1088 35.03 -32.41 10.30
C LEU A 1088 34.52 -33.83 10.08
N SER A 1089 33.47 -34.18 10.80
CA SER A 1089 32.90 -35.53 10.68
C SER A 1089 32.09 -35.66 9.41
N ALA A 1090 32.25 -36.80 8.74
CA ALA A 1090 31.54 -37.09 7.51
C ALA A 1090 30.22 -37.81 7.74
N ARG A 1091 29.76 -37.90 8.99
CA ARG A 1091 28.54 -38.64 9.28
C ARG A 1091 27.31 -37.92 8.77
N GLU A 1092 27.29 -36.59 8.84
CA GLU A 1092 26.13 -35.81 8.45
C GLU A 1092 26.43 -34.73 7.42
N TYR A 1093 27.70 -34.49 7.10
CA TYR A 1093 28.08 -33.47 6.13
C TYR A 1093 28.52 -34.14 4.84
N GLN A 1094 27.90 -33.73 3.74
CA GLN A 1094 28.15 -34.36 2.45
C GLN A 1094 29.57 -34.08 1.97
N SER A 1095 30.05 -34.93 1.06
CA SER A 1095 31.38 -34.82 0.50
C SER A 1095 31.46 -33.84 -0.67
N GLY A 1096 30.34 -33.27 -1.07
CA GLY A 1096 30.38 -32.29 -2.16
C GLY A 1096 30.62 -30.89 -1.66
N ASP A 1097 31.08 -30.04 -2.57
CA ASP A 1097 31.35 -28.65 -2.24
C ASP A 1097 30.05 -27.91 -1.94
N TYR A 1098 30.10 -27.00 -0.98
CA TYR A 1098 28.95 -26.20 -0.63
C TYR A 1098 28.93 -24.91 -1.43
N GLU A 1099 27.77 -24.27 -1.47
CA GLU A 1099 27.58 -23.05 -2.23
C GLU A 1099 27.17 -21.91 -1.30
N ARG A 1100 27.47 -20.69 -1.73
CA ARG A 1100 27.06 -19.52 -0.97
C ARG A 1100 25.56 -19.29 -1.08
N ASN A 1101 24.97 -18.78 0.00
CA ASN A 1101 23.54 -18.53 0.08
C ASN A 1101 22.73 -19.81 -0.15
N GLY A 1102 23.06 -20.83 0.63
CA GLY A 1102 22.39 -22.11 0.52
C GLY A 1102 21.72 -22.52 1.81
N TYR A 1103 20.74 -23.43 1.72
CA TYR A 1103 20.00 -23.90 2.89
C TYR A 1103 20.83 -24.97 3.61
N TYR A 1104 21.93 -24.52 4.21
CA TYR A 1104 22.85 -25.39 4.93
C TYR A 1104 22.79 -25.05 6.42
N THR A 1105 22.45 -26.04 7.24
CA THR A 1105 22.46 -25.89 8.68
C THR A 1105 23.43 -26.89 9.29
N ILE A 1106 24.13 -26.45 10.34
CA ILE A 1106 25.10 -27.29 11.01
C ILE A 1106 24.37 -28.26 11.93
N LYS A 1107 24.74 -29.54 11.87
CA LYS A 1107 24.07 -30.53 12.69
C LYS A 1107 24.48 -30.40 14.15
N LEU A 1108 23.58 -30.79 15.05
CA LEU A 1108 23.83 -30.65 16.48
C LEU A 1108 24.91 -31.63 16.94
N PHE A 1109 24.85 -32.88 16.47
CA PHE A 1109 25.72 -33.93 16.95
C PHE A 1109 26.88 -34.24 16.01
N ALA A 1110 26.92 -33.62 14.83
CA ALA A 1110 28.03 -33.82 13.90
C ALA A 1110 29.14 -32.84 14.25
N PRO A 1111 30.26 -33.29 14.78
CA PRO A 1111 31.30 -32.35 15.24
C PRO A 1111 31.96 -31.63 14.07
N ILE A 1112 32.33 -30.38 14.32
CA ILE A 1112 33.15 -29.60 13.40
C ILE A 1112 34.37 -29.10 14.14
N TYR A 1113 35.40 -29.95 14.24
CA TYR A 1113 36.62 -29.54 14.95
C TYR A 1113 37.33 -28.40 14.23
N SER A 1114 36.97 -28.15 12.97
CA SER A 1114 37.65 -27.12 12.20
C SER A 1114 37.29 -25.73 12.72
N ALA A 1115 38.29 -24.87 12.79
CA ALA A 1115 38.12 -23.44 13.05
C ALA A 1115 38.62 -22.72 11.80
N LEU A 1116 37.95 -22.97 10.68
CA LEU A 1116 38.41 -22.48 9.38
C LEU A 1116 38.31 -20.96 9.36
N SER A 1117 39.36 -20.32 9.86
CA SER A 1117 39.44 -18.87 9.84
C SER A 1117 39.70 -18.40 8.42
N SER A 1118 38.73 -17.65 7.87
CA SER A 1118 38.88 -17.07 6.54
C SER A 1118 39.45 -15.67 6.70
N GLU A 1119 40.76 -15.54 6.49
CA GLU A 1119 41.42 -14.25 6.68
C GLU A 1119 40.92 -13.18 5.74
N LYS A 1120 40.12 -13.56 4.73
CA LYS A 1120 39.55 -12.60 3.80
C LYS A 1120 38.26 -12.03 4.39
N GLY A 1121 37.31 -11.67 3.52
CA GLY A 1121 36.15 -10.93 3.96
C GLY A 1121 35.11 -11.79 4.67
N THR A 1122 34.71 -12.89 4.04
CA THR A 1122 33.58 -13.66 4.53
C THR A 1122 33.97 -15.11 4.74
N PRO A 1123 33.58 -15.71 5.87
CA PRO A 1123 33.95 -17.12 6.10
C PRO A 1123 33.27 -18.09 5.15
N GLY A 1124 31.97 -17.94 4.94
CA GLY A 1124 31.23 -18.84 4.06
C GLY A 1124 29.82 -19.10 4.53
N ASP A 1125 29.41 -20.37 4.57
CA ASP A 1125 28.09 -20.74 5.05
C ASP A 1125 28.14 -21.83 6.10
N LEU A 1126 28.69 -23.00 5.77
CA LEU A 1126 28.77 -24.08 6.75
C LEU A 1126 29.68 -23.71 7.91
N MET A 1127 30.81 -23.07 7.61
CA MET A 1127 31.73 -22.66 8.67
C MET A 1127 31.25 -21.37 9.33
N GLY A 1128 30.54 -20.52 8.58
CA GLY A 1128 30.09 -19.27 9.14
C GLY A 1128 29.10 -19.45 10.28
N ARG A 1129 28.08 -20.29 10.07
CA ARG A 1129 27.07 -20.49 11.10
C ARG A 1129 27.68 -21.16 12.33
N ARG A 1130 28.59 -22.11 12.13
CA ARG A 1130 29.21 -22.80 13.26
C ARG A 1130 30.02 -21.84 14.10
N ILE A 1131 30.85 -21.02 13.46
CA ILE A 1131 31.67 -20.06 14.19
C ILE A 1131 30.80 -19.00 14.85
N ALA A 1132 29.69 -18.63 14.20
CA ALA A 1132 28.78 -17.67 14.79
C ALA A 1132 28.15 -18.21 16.07
N TYR A 1133 27.73 -19.49 16.04
CA TYR A 1133 27.17 -20.10 17.24
C TYR A 1133 28.24 -20.27 18.32
N GLU A 1134 29.47 -20.60 17.94
CA GLU A 1134 30.54 -20.70 18.92
C GLU A 1134 30.81 -19.34 19.57
N LEU A 1135 30.74 -18.27 18.78
CA LEU A 1135 30.95 -16.94 19.32
C LEU A 1135 29.79 -16.52 20.23
N LEU A 1136 28.57 -16.92 19.86
CA LEU A 1136 27.43 -16.69 20.73
C LEU A 1136 27.57 -17.46 22.04
N ALA A 1137 28.19 -18.63 21.99
CA ALA A 1137 28.49 -19.37 23.22
C ALA A 1137 29.56 -18.65 24.03
N ALA A 1138 30.50 -18.00 23.35
CA ALA A 1138 31.56 -17.29 24.04
C ALA A 1138 31.05 -15.96 24.61
N LYS A 1139 30.45 -15.12 23.77
CA LYS A 1139 29.94 -13.83 24.20
C LYS A 1139 28.49 -13.70 23.80
N GLY A 1140 27.79 -12.74 24.41
CA GLY A 1140 26.37 -12.59 24.19
C GLY A 1140 25.99 -12.30 22.76
N PHE A 1141 24.67 -12.29 22.52
CA PHE A 1141 24.16 -12.04 21.18
C PHE A 1141 24.60 -10.67 20.66
N LYS A 1142 24.35 -9.61 21.44
CA LYS A 1142 24.74 -8.27 21.02
C LYS A 1142 26.25 -8.10 21.02
N ASP A 1143 26.94 -8.80 21.92
CA ASP A 1143 28.37 -8.60 22.06
C ASP A 1143 29.17 -9.47 21.10
N GLY A 1144 28.68 -10.67 20.81
CA GLY A 1144 29.44 -11.61 20.01
C GLY A 1144 28.86 -11.91 18.64
N MET A 1145 27.66 -12.49 18.60
CA MET A 1145 27.09 -12.94 17.33
C MET A 1145 26.82 -11.78 16.39
N VAL A 1146 26.36 -10.65 16.92
CA VAL A 1146 26.02 -9.52 16.05
C VAL A 1146 27.24 -8.92 15.38
N PRO A 1147 28.35 -8.60 16.08
CA PRO A 1147 29.52 -8.07 15.36
C PRO A 1147 30.10 -9.01 14.33
N TYR A 1148 29.79 -10.31 14.42
CA TYR A 1148 30.37 -11.27 13.49
C TYR A 1148 29.66 -11.26 12.14
N ILE A 1149 28.35 -10.97 12.13
CA ILE A 1149 27.54 -11.12 10.93
C ILE A 1149 26.85 -9.82 10.53
N SER A 1150 26.93 -8.78 11.36
CA SER A 1150 26.27 -7.52 11.07
C SER A 1150 27.24 -6.40 10.71
N ASN A 1151 28.48 -6.75 10.36
CA ASN A 1151 29.54 -5.83 9.92
C ASN A 1151 29.50 -4.48 10.65
N GLN A 1152 29.26 -4.51 11.96
CA GLN A 1152 29.29 -3.27 12.74
C GLN A 1152 30.72 -2.75 12.90
N TYR A 1153 31.71 -3.60 12.69
CA TYR A 1153 33.11 -3.20 12.69
C TYR A 1153 33.62 -2.82 11.31
N GLU A 1154 32.72 -2.45 10.39
CA GLU A 1154 33.14 -2.12 9.03
C GLU A 1154 33.97 -0.85 9.00
N GLU A 1155 33.48 0.21 9.63
CA GLU A 1155 34.20 1.49 9.59
C GLU A 1155 35.62 1.36 10.12
N ASP A 1156 35.81 0.57 11.18
CA ASP A 1156 37.16 0.35 11.69
C ASP A 1156 38.06 -0.22 10.62
N ALA A 1157 37.56 -1.20 9.85
CA ALA A 1157 38.32 -1.71 8.72
C ALA A 1157 38.68 -0.60 7.75
N LYS A 1158 37.73 0.29 7.47
CA LYS A 1158 38.02 1.41 6.58
C LYS A 1158 39.11 2.30 7.17
N GLN A 1159 39.18 2.38 8.51
CA GLN A 1159 40.24 3.16 9.13
C GLN A 1159 41.55 2.38 9.16
N GLN A 1160 41.49 1.05 9.08
CA GLN A 1160 42.70 0.25 9.11
C GLN A 1160 43.37 0.21 7.74
N GLY A 1161 42.61 -0.15 6.71
CA GLY A 1161 43.16 -0.24 5.37
C GLY A 1161 42.45 -1.28 4.52
N GLN A 1162 41.67 -2.15 5.16
CA GLN A 1162 40.91 -3.18 4.46
C GLN A 1162 39.74 -2.51 3.73
N THR A 1163 39.75 -2.57 2.40
CA THR A 1163 38.76 -1.89 1.59
C THR A 1163 38.28 -2.81 0.48
N ILE A 1164 37.10 -2.50 -0.05
CA ILE A 1164 36.49 -3.27 -1.12
C ILE A 1164 35.60 -2.35 -1.95
N ASN A 1165 35.60 -2.59 -3.26
CA ASN A 1165 34.76 -1.83 -4.19
C ASN A 1165 33.38 -2.49 -4.24
N LEU A 1166 32.44 -1.94 -3.49
CA LEU A 1166 31.07 -2.44 -3.45
C LEU A 1166 30.19 -1.52 -4.27
N TYR A 1167 29.61 -2.06 -5.35
CA TYR A 1167 28.71 -1.33 -6.24
C TYR A 1167 29.33 -0.02 -6.71
N GLY A 1168 30.64 -0.04 -6.92
CA GLY A 1168 31.35 1.12 -7.43
C GLY A 1168 31.77 2.14 -6.38
N LYS A 1169 31.62 1.83 -5.09
CA LYS A 1169 32.02 2.75 -4.03
C LYS A 1169 32.99 2.06 -3.09
N GLU A 1170 33.97 2.82 -2.60
CA GLU A 1170 34.89 2.31 -1.60
C GLU A 1170 34.18 2.07 -0.27
N ARG A 1171 34.25 0.85 0.24
CA ARG A 1171 33.61 0.51 1.50
C ARG A 1171 34.53 -0.37 2.32
N GLY A 1172 34.27 -0.40 3.63
CA GLY A 1172 35.08 -1.20 4.52
C GLY A 1172 34.81 -2.68 4.34
N LEU A 1173 35.85 -3.48 4.60
CA LEU A 1173 35.78 -4.93 4.50
C LEU A 1173 36.08 -5.54 5.85
N VAL A 1174 35.06 -6.10 6.50
CA VAL A 1174 35.19 -6.68 7.82
C VAL A 1174 35.75 -8.10 7.66
N THR A 1175 37.03 -8.26 7.96
CA THR A 1175 37.66 -9.56 7.87
C THR A 1175 37.54 -10.29 9.21
N ASP A 1176 37.72 -11.62 9.16
CA ASP A 1176 37.65 -12.41 10.39
C ASP A 1176 38.76 -12.04 11.35
N GLU A 1177 39.92 -11.62 10.84
CA GLU A 1177 41.00 -11.18 11.71
C GLU A 1177 40.60 -9.96 12.52
N LEU A 1178 39.91 -9.01 11.88
CA LEU A 1178 39.46 -7.82 12.60
C LEU A 1178 38.43 -8.18 13.66
N VAL A 1179 37.47 -9.04 13.31
CA VAL A 1179 36.47 -9.48 14.28
C VAL A 1179 37.14 -10.15 15.47
N LEU A 1180 38.15 -10.98 15.21
CA LEU A 1180 38.83 -11.68 16.29
C LEU A 1180 39.63 -10.70 17.16
N LYS A 1181 40.26 -9.72 16.54
CA LYS A 1181 41.09 -8.76 17.27
C LYS A 1181 40.27 -7.71 18.00
N LYS A 1182 38.99 -7.53 17.66
CA LYS A 1182 38.15 -6.57 18.34
C LYS A 1182 37.25 -7.20 19.39
N VAL A 1183 36.68 -8.38 19.09
CA VAL A 1183 35.83 -9.05 20.07
C VAL A 1183 36.67 -9.59 21.23
N PHE A 1184 37.76 -10.29 20.90
CA PHE A 1184 38.70 -10.81 21.90
C PHE A 1184 40.08 -10.26 21.57
N ASP A 1185 40.37 -9.05 22.06
CA ASP A 1185 41.61 -8.38 21.70
C ASP A 1185 42.82 -9.06 22.34
N GLY A 1186 42.74 -9.33 23.65
CA GLY A 1186 43.89 -9.85 24.37
C GLY A 1186 43.86 -11.35 24.59
N LYS A 1187 42.67 -11.95 24.49
CA LYS A 1187 42.55 -13.37 24.79
C LYS A 1187 43.17 -14.23 23.70
N TYR A 1188 42.88 -13.93 22.44
CA TYR A 1188 43.23 -14.81 21.33
C TYR A 1188 43.90 -14.05 20.21
N LYS A 1189 44.71 -14.76 19.43
CA LYS A 1189 45.33 -14.21 18.23
C LYS A 1189 44.92 -14.95 16.96
N THR A 1190 44.45 -16.19 17.07
CA THR A 1190 44.01 -16.97 15.92
C THR A 1190 42.78 -17.77 16.31
N TRP A 1191 41.90 -17.99 15.33
CA TRP A 1191 40.65 -18.71 15.61
C TRP A 1191 40.94 -20.12 16.12
N ALA A 1192 42.03 -20.72 15.67
CA ALA A 1192 42.43 -22.02 16.21
C ALA A 1192 42.69 -21.95 17.70
N GLU A 1193 43.34 -20.88 18.15
CA GLU A 1193 43.57 -20.69 19.58
C GLU A 1193 42.24 -20.56 20.33
N PHE A 1194 41.28 -19.85 19.73
CA PHE A 1194 39.97 -19.69 20.37
C PHE A 1194 39.26 -21.04 20.51
N LYS A 1195 39.23 -21.82 19.44
CA LYS A 1195 38.61 -23.15 19.49
C LYS A 1195 39.31 -24.03 20.52
N THR A 1196 40.65 -24.01 20.54
CA THR A 1196 41.39 -24.86 21.46
C THR A 1196 41.14 -24.44 22.91
N ALA A 1197 41.03 -23.13 23.16
CA ALA A 1197 40.79 -22.67 24.52
C ALA A 1197 39.37 -23.00 24.96
N MET A 1198 38.40 -22.93 24.04
CA MET A 1198 37.05 -23.37 24.39
C MET A 1198 37.04 -24.86 24.75
N TYR A 1199 37.71 -25.68 23.94
CA TYR A 1199 37.80 -27.11 24.27
C TYR A 1199 38.50 -27.33 25.59
N GLN A 1200 39.55 -26.57 25.88
CA GLN A 1200 40.29 -26.77 27.13
C GLN A 1200 39.46 -26.34 28.34
N GLU A 1201 38.72 -25.24 28.21
CA GLU A 1201 37.82 -24.84 29.28
C GLU A 1201 36.77 -25.91 29.54
N ARG A 1202 36.17 -26.43 28.47
CA ARG A 1202 35.18 -27.50 28.63
C ARG A 1202 35.80 -28.74 29.26
N VAL A 1203 37.06 -29.03 28.93
CA VAL A 1203 37.72 -30.20 29.51
C VAL A 1203 37.95 -30.00 31.00
N ASP A 1204 38.48 -28.84 31.38
CA ASP A 1204 38.68 -28.55 32.79
C ASP A 1204 37.35 -28.55 33.55
N GLN A 1205 36.27 -28.20 32.86
CA GLN A 1205 34.95 -28.25 33.49
C GLN A 1205 34.51 -29.69 33.72
N PHE A 1206 34.47 -30.52 32.67
CA PHE A 1206 33.88 -31.84 32.83
C PHE A 1206 34.81 -32.80 33.57
N GLY A 1207 36.08 -32.42 33.72
CA GLY A 1207 36.99 -33.23 34.51
C GLY A 1207 36.65 -33.17 35.99
N ASN A 1208 35.92 -32.14 36.41
CA ASN A 1208 35.64 -31.96 37.83
C ASN A 1208 34.19 -32.23 38.17
N LEU A 1209 33.27 -31.46 37.58
CA LEU A 1209 31.85 -31.52 37.96
C LEU A 1209 31.04 -32.00 36.76
N LYS A 1210 30.50 -33.21 36.86
CA LYS A 1210 29.57 -33.74 35.87
C LYS A 1210 28.51 -34.55 36.58
N GLN A 1211 27.25 -34.32 36.21
CA GLN A 1211 26.13 -34.97 36.89
C GLN A 1211 26.13 -36.46 36.62
N VAL A 1212 26.03 -37.25 37.69
CA VAL A 1212 25.97 -38.71 37.57
C VAL A 1212 24.59 -39.20 37.14
N THR A 1213 23.60 -38.31 37.07
CA THR A 1213 22.24 -38.68 36.71
C THR A 1213 22.06 -38.55 35.19
N PHE A 1214 22.71 -39.46 34.48
CA PHE A 1214 22.59 -39.57 33.03
C PHE A 1214 21.98 -40.93 32.71
N LYS A 1215 20.84 -40.93 32.01
CA LYS A 1215 20.11 -42.14 31.70
C LYS A 1215 19.93 -42.25 30.19
N ASP A 1216 20.72 -43.11 29.56
CA ASP A 1216 20.68 -43.30 28.12
C ASP A 1216 20.46 -44.77 27.79
N PRO A 1217 19.37 -45.12 27.08
CA PRO A 1217 19.10 -46.53 26.79
C PRO A 1217 20.00 -47.11 25.70
N THR A 1218 20.12 -46.39 24.57
CA THR A 1218 20.90 -46.80 23.38
C THR A 1218 20.79 -48.31 23.12
N LYS A 1219 19.57 -48.81 23.09
CA LYS A 1219 19.31 -50.22 22.84
C LYS A 1219 18.13 -50.33 21.90
N PRO A 1220 17.92 -51.51 21.29
CA PRO A 1220 16.80 -51.66 20.34
C PRO A 1220 15.43 -51.65 20.99
N TRP A 1221 14.43 -52.12 20.26
CA TRP A 1221 13.04 -52.03 20.72
C TRP A 1221 12.81 -52.55 22.14
N PRO A 1222 13.43 -53.64 22.59
CA PRO A 1222 13.32 -53.98 24.02
C PRO A 1222 13.81 -52.84 24.90
N SER A 1223 12.94 -52.38 25.79
CA SER A 1223 13.23 -51.18 26.58
C SER A 1223 14.42 -51.40 27.50
N TYR A 1224 15.35 -50.45 27.47
CA TYR A 1224 16.50 -50.44 28.37
C TYR A 1224 16.32 -49.32 29.37
N GLY A 1225 16.43 -49.64 30.66
CA GLY A 1225 16.05 -48.68 31.69
C GLY A 1225 17.09 -47.61 31.90
N THR A 1226 18.30 -48.01 32.30
CA THR A 1226 19.26 -47.04 32.82
C THR A 1226 20.67 -47.58 32.66
N LYS A 1227 21.57 -46.71 32.16
CA LYS A 1227 23.00 -46.99 32.14
C LYS A 1227 23.78 -46.23 33.20
N THR A 1228 23.15 -45.25 33.86
CA THR A 1228 23.73 -44.45 34.94
C THR A 1228 25.23 -44.18 34.75
N ILE A 1229 25.53 -43.28 33.81
CA ILE A 1229 26.89 -42.81 33.65
C ILE A 1229 27.24 -41.87 34.80
N ASN A 1230 28.19 -42.30 35.63
CA ASN A 1230 28.58 -41.53 36.81
C ASN A 1230 29.77 -40.63 36.58
N ASN A 1231 30.70 -41.00 35.72
CA ASN A 1231 31.87 -40.20 35.42
C ASN A 1231 32.09 -40.16 33.90
N VAL A 1232 32.93 -39.21 33.47
CA VAL A 1232 33.15 -39.02 32.05
C VAL A 1232 33.96 -40.17 31.46
N ASP A 1233 34.61 -40.97 32.31
CA ASP A 1233 35.43 -42.06 31.80
C ASP A 1233 34.57 -43.16 31.17
N GLU A 1234 33.47 -43.53 31.84
CA GLU A 1234 32.57 -44.53 31.27
C GLU A 1234 31.91 -44.02 30.00
N LEU A 1235 31.58 -42.73 29.96
CA LEU A 1235 31.00 -42.15 28.75
C LEU A 1235 32.01 -42.17 27.62
N GLN A 1236 33.28 -41.89 27.91
CA GLN A 1236 34.30 -41.96 26.87
C GLN A 1236 34.50 -43.38 26.39
N ALA A 1237 34.42 -44.36 27.29
CA ALA A 1237 34.53 -45.75 26.88
C ALA A 1237 33.36 -46.15 25.97
N LEU A 1238 32.15 -45.73 26.32
CA LEU A 1238 31.00 -45.99 25.46
C LEU A 1238 31.14 -45.31 24.11
N MET A 1239 31.71 -44.10 24.09
CA MET A 1239 31.92 -43.40 22.83
C MET A 1239 32.94 -44.13 21.97
N ASP A 1240 34.02 -44.62 22.58
CA ASP A 1240 35.00 -45.42 21.83
C ASP A 1240 34.36 -46.67 21.24
N GLN A 1241 33.55 -47.37 22.05
CA GLN A 1241 32.90 -48.58 21.56
C GLN A 1241 31.93 -48.26 20.43
N ALA A 1242 31.21 -47.14 20.53
CA ALA A 1242 30.24 -46.77 19.51
C ALA A 1242 30.94 -46.39 18.20
N VAL A 1243 32.05 -45.65 18.31
CA VAL A 1243 32.81 -45.28 17.12
C VAL A 1243 33.38 -46.52 16.46
N LEU A 1244 33.90 -47.45 17.25
CA LEU A 1244 34.42 -48.69 16.68
C LEU A 1244 33.32 -49.50 16.01
N LYS A 1245 32.15 -49.57 16.62
CA LYS A 1245 31.03 -50.30 16.02
C LYS A 1245 30.60 -49.65 14.71
N ASP A 1246 30.56 -48.31 14.67
CA ASP A 1246 30.21 -47.62 13.43
C ASP A 1246 31.24 -47.86 12.35
N ALA A 1247 32.52 -47.92 12.74
CA ALA A 1247 33.57 -48.17 11.76
C ALA A 1247 33.50 -49.60 11.21
N GLU A 1248 33.19 -50.56 12.08
CA GLU A 1248 33.09 -51.95 11.64
C GLU A 1248 31.79 -52.20 10.89
N GLY A 1249 31.92 -52.70 9.66
CA GLY A 1249 30.78 -52.98 8.81
C GLY A 1249 29.90 -51.77 8.57
N PRO A 1250 30.43 -50.77 7.86
CA PRO A 1250 29.63 -49.56 7.58
C PRO A 1250 28.74 -49.77 6.36
N ARG A 1251 27.47 -49.38 6.49
CA ARG A 1251 26.54 -49.53 5.39
C ARG A 1251 26.84 -48.53 4.27
N TRP A 1252 26.66 -47.23 4.56
CA TRP A 1252 26.94 -46.17 3.61
C TRP A 1252 26.13 -46.34 2.32
N SER A 1253 24.89 -46.79 2.47
CA SER A 1253 23.97 -46.94 1.35
C SER A 1253 22.63 -46.32 1.72
N ASN A 1254 21.87 -45.94 0.70
CA ASN A 1254 20.59 -45.28 0.85
C ASN A 1254 20.68 -43.98 1.66
N TYR A 1255 21.88 -43.42 1.76
CA TYR A 1255 22.13 -42.20 2.53
C TYR A 1255 21.65 -42.35 3.97
N ASP A 1256 21.31 -41.22 4.60
CA ASP A 1256 20.80 -41.18 5.96
C ASP A 1256 21.69 -41.96 6.95
N PRO A 1257 22.93 -41.53 7.16
CA PRO A 1257 23.81 -42.19 8.14
C PRO A 1257 23.74 -41.52 9.51
N GLU A 1258 22.53 -41.25 9.97
CA GLU A 1258 22.33 -40.53 11.23
C GLU A 1258 21.39 -41.28 12.17
N ILE A 1259 20.57 -42.17 11.61
CA ILE A 1259 19.73 -43.03 12.45
C ILE A 1259 20.40 -44.39 12.66
N ASP A 1260 20.91 -44.98 11.58
CA ASP A 1260 21.55 -46.29 11.70
C ASP A 1260 22.86 -46.21 12.46
N SER A 1261 23.55 -45.08 12.39
CA SER A 1261 24.82 -44.93 13.09
C SER A 1261 24.60 -44.96 14.59
N ALA A 1262 25.37 -45.81 15.27
CA ALA A 1262 25.21 -45.94 16.72
C ALA A 1262 25.80 -44.75 17.46
N VAL A 1263 26.75 -44.05 16.84
CA VAL A 1263 27.35 -42.88 17.48
C VAL A 1263 26.33 -41.78 17.65
N HIS A 1264 25.50 -41.55 16.62
CA HIS A 1264 24.46 -40.54 16.73
C HIS A 1264 23.41 -40.92 17.77
N LYS A 1265 23.14 -42.22 17.90
CA LYS A 1265 22.18 -42.69 18.90
C LYS A 1265 22.65 -42.34 20.32
N LEU A 1266 23.92 -42.59 20.61
CA LEU A 1266 24.44 -42.31 21.96
C LEU A 1266 24.41 -40.83 22.25
N LYS A 1267 24.80 -40.00 21.29
CA LYS A 1267 24.78 -38.55 21.50
C LYS A 1267 23.36 -38.05 21.72
N ARG A 1268 22.41 -38.53 20.90
CA ARG A 1268 21.02 -38.10 21.06
C ARG A 1268 20.48 -38.55 22.41
N ALA A 1269 20.81 -39.77 22.84
CA ALA A 1269 20.32 -40.27 24.11
C ALA A 1269 20.87 -39.44 25.27
N ILE A 1270 22.17 -39.18 25.26
CA ILE A 1270 22.79 -38.39 26.33
C ILE A 1270 22.23 -36.97 26.33
N PHE A 1271 22.05 -36.38 25.15
CA PHE A 1271 21.53 -35.02 25.06
C PHE A 1271 20.12 -34.94 25.63
N LYS A 1272 19.24 -35.88 25.23
CA LYS A 1272 17.87 -35.88 25.75
C LYS A 1272 17.85 -36.16 27.25
N ALA A 1273 18.73 -37.04 27.72
CA ALA A 1273 18.78 -37.35 29.14
C ALA A 1273 19.16 -36.13 29.96
N TYR A 1274 20.20 -35.41 29.52
CA TYR A 1274 20.60 -34.21 30.26
C TYR A 1274 19.55 -33.12 30.14
N LEU A 1275 18.89 -33.00 28.99
CA LEU A 1275 17.86 -31.99 28.83
C LEU A 1275 16.67 -32.26 29.76
N ASP A 1276 16.34 -33.54 29.94
CA ASP A 1276 15.22 -33.88 30.81
C ASP A 1276 15.62 -33.93 32.28
N GLN A 1277 16.93 -33.99 32.56
CA GLN A 1277 17.38 -33.95 33.95
C GLN A 1277 16.96 -32.64 34.62
N THR A 1278 17.49 -31.53 34.15
CA THR A 1278 17.05 -30.23 34.61
C THR A 1278 15.74 -29.83 33.91
N ASN A 1279 15.14 -28.74 34.37
CA ASN A 1279 13.98 -28.19 33.68
C ASN A 1279 14.34 -27.83 32.24
N ASP A 1280 15.46 -27.15 32.05
CA ASP A 1280 16.03 -26.89 30.74
C ASP A 1280 17.52 -26.72 30.91
N PHE A 1281 18.18 -26.34 29.81
CA PHE A 1281 19.62 -26.13 29.84
C PHE A 1281 19.96 -24.96 30.74
N ARG A 1282 20.41 -25.26 31.95
CA ARG A 1282 20.77 -24.23 32.92
C ARG A 1282 22.24 -24.33 33.28
N SER A 1283 22.71 -25.53 33.59
CA SER A 1283 24.11 -25.76 33.91
C SER A 1283 24.40 -27.26 33.84
N SER A 1284 25.46 -27.62 33.14
CA SER A 1284 25.83 -29.02 32.95
C SER A 1284 27.00 -29.45 33.82
N ILE A 1285 27.32 -28.70 34.86
CA ILE A 1285 28.42 -29.05 35.74
C ILE A 1285 27.93 -29.25 37.17
#